data_6KAM
#
_entry.id   6KAM
#
_cell.length_a   78.571
_cell.length_b   119.240
_cell.length_c   254.646
_cell.angle_alpha   90.000
_cell.angle_beta   90.000
_cell.angle_gamma   90.000
#
_symmetry.space_group_name_H-M   'P 21 21 21'
#
loop_
_entity.id
_entity.type
_entity.pdbx_description
1 polymer 'Fukutin-related protein'
2 branched 2-acetamido-2-deoxy-beta-D-galactopyranose-(1-3)-2-acetamido-2-deoxy-beta-D-glucopyranose-(1-4)-alpha-D-mannopyranose
3 non-polymer 'ZINC ION'
4 non-polymer 2-acetamido-2-deoxy-beta-D-glucopyranose
5 non-polymer "CYTIDINE-5'-DIPHOSPHATE"
6 non-polymer D-ribitol
7 non-polymer 'BARIUM ION'
8 non-polymer 'PHOSPHATE ION'
9 water water
#
_entity_poly.entity_id   1
_entity_poly.type   'polypeptide(L)'
_entity_poly.pdbx_seq_one_letter_code
;GGRPAGPRVTVLVREFEAFDNAVPELVDSFLQQDPAQPVVVAADTLPYPPLALPRIPNVRLALLQPALDRPAAASRPETY
VATEFVALVPDGARAEAPGLLERMVEALRAGSARLVAAPVATANPARCLALNVSLREWTARYGAAPAAPRCDALDGDAVV
LLRARDLFNLSAPLARPVGTSLFLQTALRGWAVQLLDLTFAAARQPPLATAHARWKAEREGRARRAALLRALGIRLVSWE
GGRLEWFGCNKETTRCFGTVVGDTPAYLYEERWTPPCCLRALRETARYVVGVLEAAGVRYWLEGGSLLGAARHGDIIPWD
YDVDLGIYLEDVGNCEQLRGAEAGSVVDERGFVWEKAVEGDFFRVQYSESNHLHVDLWPFYPRNGVMTKDTWLDHRQDVE
FPEHFLQPLVPLPFAGFVAQAPNNYRRFLELKFGPGVIENPQYPNPALLSLTGSG
;
_entity_poly.pdbx_strand_id   A,B,C,D
#
# COMPACT_ATOMS: atom_id res chain seq x y z
N GLY A 6 26.38 18.98 27.83
CA GLY A 6 26.24 18.96 26.38
C GLY A 6 24.85 19.39 25.96
N PRO A 7 24.75 20.10 24.85
CA PRO A 7 23.46 20.67 24.46
C PRO A 7 22.55 19.63 23.84
N ARG A 8 21.26 19.77 24.11
CA ARG A 8 20.25 18.83 23.64
C ARG A 8 19.29 19.45 22.63
N VAL A 9 19.49 20.72 22.27
CA VAL A 9 18.64 21.42 21.31
C VAL A 9 19.52 21.99 20.22
N THR A 10 19.10 21.85 18.96
CA THR A 10 19.72 22.51 17.82
C THR A 10 18.79 23.60 17.32
N VAL A 11 19.26 24.85 17.36
CA VAL A 11 18.49 25.96 16.81
C VAL A 11 18.51 25.88 15.30
N LEU A 12 17.34 25.97 14.68
CA LEU A 12 17.20 25.90 13.23
C LEU A 12 16.45 27.13 12.74
N VAL A 13 17.05 27.84 11.79
CA VAL A 13 16.50 29.08 11.24
C VAL A 13 16.21 28.84 9.76
N ARG A 14 14.93 28.90 9.40
CA ARG A 14 14.47 28.70 8.03
C ARG A 14 13.73 29.91 7.47
N GLU A 15 13.05 30.69 8.32
CA GLU A 15 12.24 31.80 7.84
C GLU A 15 13.03 33.09 7.97
N PHE A 16 13.53 33.58 6.84
CA PHE A 16 14.23 34.85 6.74
C PHE A 16 14.33 35.20 5.27
N GLU A 17 14.54 36.47 4.98
CA GLU A 17 14.77 36.92 3.60
C GLU A 17 16.25 37.24 3.39
N ALA A 18 16.80 36.81 2.26
CA ALA A 18 18.20 37.13 1.95
C ALA A 18 18.42 38.65 1.86
N PHE A 19 17.46 39.39 1.29
CA PHE A 19 17.72 40.81 1.04
C PHE A 19 17.66 41.67 2.29
N ASP A 20 17.14 41.14 3.40
CA ASP A 20 16.96 41.91 4.63
C ASP A 20 16.64 40.95 5.76
N ASN A 21 17.57 40.78 6.69
CA ASN A 21 17.37 39.84 7.79
C ASN A 21 18.21 40.28 8.98
N ALA A 22 17.91 39.68 10.13
CA ALA A 22 18.70 39.84 11.33
C ALA A 22 19.25 38.48 11.77
N VAL A 23 19.42 37.57 10.82
CA VAL A 23 19.94 36.23 11.15
C VAL A 23 21.30 36.30 11.81
N PRO A 24 22.24 37.16 11.40
CA PRO A 24 23.48 37.28 12.18
C PRO A 24 23.25 37.66 13.63
N GLU A 25 22.31 38.56 13.93
CA GLU A 25 22.04 38.90 15.33
C GLU A 25 21.45 37.71 16.07
N LEU A 26 20.50 37.01 15.44
CA LEU A 26 19.89 35.84 16.06
C LEU A 26 20.95 34.83 16.47
N VAL A 27 21.82 34.46 15.52
CA VAL A 27 22.83 33.44 15.79
C VAL A 27 23.75 33.90 16.91
N ASP A 28 24.20 35.16 16.85
CA ASP A 28 25.13 35.66 17.85
C ASP A 28 24.51 35.74 19.24
N SER A 29 23.19 35.94 19.31
CA SER A 29 22.54 35.98 20.62
C SER A 29 22.51 34.61 21.27
N PHE A 30 22.31 33.56 20.47
CA PHE A 30 22.29 32.21 21.03
C PHE A 30 23.68 31.75 21.42
N LEU A 31 24.69 32.14 20.65
CA LEU A 31 26.08 31.79 20.99
C LEU A 31 26.56 32.49 22.25
N GLN A 32 25.97 33.65 22.59
CA GLN A 32 26.37 34.37 23.80
C GLN A 32 25.91 33.66 25.08
N GLN A 33 24.86 32.85 25.00
CA GLN A 33 24.41 32.09 26.16
C GLN A 33 25.13 30.76 26.31
N ASP A 34 25.61 30.19 25.22
CA ASP A 34 26.39 28.95 25.21
C ASP A 34 27.20 28.90 23.92
N PRO A 35 28.50 29.18 23.99
CA PRO A 35 29.30 29.28 22.74
C PRO A 35 29.35 28.00 21.93
N ALA A 36 29.01 26.85 22.51
CA ALA A 36 29.02 25.58 21.81
C ALA A 36 27.65 25.21 21.25
N GLN A 37 26.67 26.10 21.37
CA GLN A 37 25.30 25.84 20.96
C GLN A 37 25.24 25.45 19.49
N PRO A 38 24.68 24.29 19.15
CA PRO A 38 24.51 23.95 17.73
C PRO A 38 23.42 24.80 17.10
N VAL A 39 23.76 25.40 15.95
CA VAL A 39 22.87 26.31 15.25
C VAL A 39 22.94 26.01 13.75
N VAL A 40 21.78 25.85 13.12
CA VAL A 40 21.69 25.58 11.69
C VAL A 40 20.84 26.67 11.04
N VAL A 41 21.36 27.27 9.97
CA VAL A 41 20.59 28.13 9.08
C VAL A 41 20.33 27.35 7.80
N ALA A 42 19.07 27.24 7.40
CA ALA A 42 18.70 26.45 6.23
C ALA A 42 18.19 27.36 5.11
N ALA A 43 18.58 27.05 3.88
CA ALA A 43 18.17 27.85 2.73
C ALA A 43 18.14 26.97 1.49
N ASP A 44 17.35 27.41 0.50
CA ASP A 44 17.27 26.66 -0.74
C ASP A 44 18.43 26.99 -1.68
N THR A 45 18.95 28.21 -1.62
CA THR A 45 20.19 28.60 -2.27
C THR A 45 21.04 29.33 -1.24
N LEU A 46 22.33 29.50 -1.54
CA LEU A 46 23.20 30.21 -0.60
C LEU A 46 22.76 31.68 -0.54
N PRO A 47 22.48 32.22 0.65
CA PRO A 47 21.93 33.60 0.73
C PRO A 47 22.95 34.63 0.28
N TYR A 48 22.49 35.58 -0.54
CA TYR A 48 23.28 36.73 -0.97
C TYR A 48 22.45 37.99 -0.75
N PRO A 49 22.97 39.02 -0.07
CA PRO A 49 24.30 39.24 0.53
C PRO A 49 24.75 38.15 1.50
N PRO A 50 26.06 38.02 1.72
CA PRO A 50 26.56 36.98 2.62
C PRO A 50 26.00 37.15 4.03
N LEU A 51 25.66 36.01 4.66
CA LEU A 51 25.28 36.02 6.06
C LEU A 51 26.50 36.26 6.94
N ALA A 52 27.65 35.70 6.57
CA ALA A 52 28.90 35.84 7.31
C ALA A 52 28.70 35.49 8.79
N LEU A 53 28.24 34.25 9.01
CA LEU A 53 28.09 33.69 10.34
C LEU A 53 29.45 33.29 10.89
N PRO A 54 29.56 33.06 12.19
CA PRO A 54 30.83 32.58 12.75
C PRO A 54 31.27 31.28 12.09
N ARG A 55 32.55 31.21 11.70
CA ARG A 55 33.09 30.02 11.06
C ARG A 55 33.60 29.06 12.13
N ILE A 56 32.65 28.48 12.86
CA ILE A 56 32.94 27.48 13.88
C ILE A 56 32.14 26.24 13.54
N PRO A 57 32.51 25.08 14.10
CA PRO A 57 31.84 23.84 13.69
C PRO A 57 30.40 23.72 14.16
N ASN A 58 30.02 24.32 15.29
CA ASN A 58 28.65 24.18 15.76
C ASN A 58 27.67 25.08 15.02
N VAL A 59 28.14 25.90 14.09
CA VAL A 59 27.30 26.77 13.27
C VAL A 59 27.44 26.31 11.84
N ARG A 60 26.39 25.68 11.30
CA ARG A 60 26.42 25.17 9.95
C ARG A 60 25.26 25.74 9.13
N LEU A 61 25.48 25.81 7.83
CA LEU A 61 24.51 26.35 6.90
C LEU A 61 24.10 25.22 5.96
N ALA A 62 22.81 24.89 5.95
CA ALA A 62 22.31 23.76 5.18
C ALA A 62 21.69 24.26 3.88
N LEU A 63 22.26 23.82 2.76
CA LEU A 63 21.74 24.12 1.43
C LEU A 63 20.86 22.97 0.98
N LEU A 64 19.56 23.21 0.93
CA LEU A 64 18.58 22.14 0.74
C LEU A 64 18.13 22.02 -0.70
N GLN A 65 19.06 22.02 -1.65
CA GLN A 65 18.70 21.74 -3.03
C GLN A 65 19.79 20.92 -3.67
N PRO A 66 19.47 20.18 -4.72
CA PRO A 66 20.48 19.29 -5.33
C PRO A 66 21.64 20.06 -5.94
N ALA A 67 22.82 19.42 -5.86
CA ALA A 67 24.04 19.95 -6.43
C ALA A 67 24.77 18.82 -7.12
N LEU A 68 25.47 19.15 -8.20
CA LEU A 68 26.17 18.12 -8.96
C LEU A 68 27.33 17.51 -8.19
N ASP A 69 27.82 18.19 -7.15
CA ASP A 69 29.06 17.81 -6.47
C ASP A 69 28.84 17.47 -4.99
N ARG A 70 27.61 17.18 -4.59
CA ARG A 70 27.32 16.88 -3.19
C ARG A 70 26.66 15.53 -3.06
N PRO A 71 26.79 14.88 -1.91
CA PRO A 71 26.08 13.61 -1.68
C PRO A 71 24.64 13.88 -1.29
N ALA A 72 23.80 12.85 -1.48
CA ALA A 72 22.39 12.96 -1.12
C ALA A 72 22.17 13.56 0.27
N ALA A 73 23.05 13.24 1.23
CA ALA A 73 22.88 13.69 2.60
C ALA A 73 22.95 15.20 2.74
N ALA A 74 23.56 15.90 1.77
CA ALA A 74 23.81 17.33 1.93
C ALA A 74 22.53 18.14 1.89
N SER A 75 21.55 17.70 1.09
CA SER A 75 20.26 18.39 0.98
C SER A 75 19.21 17.80 1.91
N ARG A 76 19.60 16.94 2.85
CA ARG A 76 18.65 16.42 3.85
C ARG A 76 18.89 17.10 5.19
N PRO A 77 17.91 17.81 5.74
CA PRO A 77 18.17 18.62 6.95
C PRO A 77 18.58 17.82 8.17
N GLU A 78 18.14 16.56 8.32
CA GLU A 78 18.52 15.78 9.49
C GLU A 78 20.03 15.57 9.59
N THR A 79 20.73 15.56 8.45
CA THR A 79 22.18 15.44 8.44
C THR A 79 22.86 16.48 9.33
N TYR A 80 22.25 17.65 9.50
CA TYR A 80 22.87 18.77 10.20
C TYR A 80 22.48 18.86 11.67
N VAL A 81 21.65 17.96 12.17
CA VAL A 81 21.16 17.98 13.54
C VAL A 81 21.63 16.73 14.25
N ALA A 82 22.39 16.91 15.34
CA ALA A 82 22.89 15.80 16.14
C ALA A 82 22.16 15.64 17.46
N THR A 83 21.29 16.57 17.81
CA THR A 83 20.60 16.56 19.09
C THR A 83 19.24 15.89 18.98
N GLU A 84 18.65 15.58 20.14
CA GLU A 84 17.33 14.98 20.17
C GLU A 84 16.25 15.98 19.75
N PHE A 85 16.40 17.22 20.16
CA PHE A 85 15.40 18.25 19.92
C PHE A 85 15.93 19.32 18.97
N VAL A 86 15.00 20.08 18.39
CA VAL A 86 15.32 21.16 17.47
C VAL A 86 14.35 22.31 17.71
N ALA A 87 14.88 23.54 17.68
CA ALA A 87 14.09 24.75 17.88
C ALA A 87 14.02 25.51 16.57
N LEU A 88 12.82 25.60 16.00
CA LEU A 88 12.57 26.47 14.86
C LEU A 88 12.48 27.91 15.36
N VAL A 89 13.47 28.72 15.03
CA VAL A 89 13.52 30.12 15.42
C VAL A 89 13.24 30.97 14.19
N PRO A 90 12.26 31.86 14.23
CA PRO A 90 12.05 32.77 13.10
C PRO A 90 12.97 33.96 13.20
N ASP A 91 13.30 34.54 12.04
CA ASP A 91 14.09 35.75 12.02
C ASP A 91 13.38 36.87 12.77
N GLY A 92 14.17 37.74 13.40
CA GLY A 92 13.61 38.74 14.28
C GLY A 92 13.54 38.34 15.73
N ALA A 93 13.80 37.08 16.04
CA ALA A 93 13.90 36.62 17.41
C ALA A 93 15.33 36.75 17.93
N ARG A 94 15.46 36.81 19.24
CA ARG A 94 16.78 36.88 19.85
C ARG A 94 16.73 36.20 21.21
N ALA A 95 17.88 35.68 21.62
CA ALA A 95 18.03 35.04 22.92
C ALA A 95 18.69 36.02 23.88
N GLU A 96 17.90 36.62 24.76
CA GLU A 96 18.41 37.49 25.80
C GLU A 96 18.39 36.83 27.17
N ALA A 97 17.35 36.07 27.50
CA ALA A 97 17.38 35.39 28.79
C ALA A 97 18.07 34.04 28.64
N PRO A 98 18.87 33.62 29.60
CA PRO A 98 19.60 32.35 29.46
C PRO A 98 18.76 31.17 29.90
N GLY A 99 18.89 30.07 29.16
CA GLY A 99 18.33 28.79 29.55
C GLY A 99 16.88 28.55 29.17
N LEU A 100 16.26 29.44 28.37
CA LEU A 100 14.88 29.21 27.96
C LEU A 100 14.75 28.01 27.04
N LEU A 101 15.80 27.72 26.27
CA LEU A 101 15.73 26.62 25.32
C LEU A 101 15.46 25.28 26.00
N GLU A 102 15.85 25.14 27.27
CA GLU A 102 15.61 23.89 27.96
C GLU A 102 14.53 23.97 29.04
N ARG A 103 13.97 25.16 29.31
CA ARG A 103 12.64 25.18 29.93
C ARG A 103 11.59 24.70 28.94
N MET A 104 11.86 24.84 27.64
CA MET A 104 10.95 24.35 26.62
C MET A 104 11.06 22.85 26.44
N VAL A 105 12.25 22.28 26.64
CA VAL A 105 12.36 20.82 26.58
C VAL A 105 11.80 20.20 27.84
N GLU A 106 12.01 20.84 29.00
CA GLU A 106 11.45 20.32 30.24
C GLU A 106 9.92 20.33 30.20
N ALA A 107 9.35 21.37 29.61
CA ALA A 107 7.90 21.42 29.41
C ALA A 107 7.44 20.42 28.37
N LEU A 108 8.24 20.20 27.33
CA LEU A 108 7.88 19.24 26.30
C LEU A 108 7.90 17.81 26.84
N ARG A 109 8.93 17.46 27.61
CA ARG A 109 9.01 16.14 28.21
C ARG A 109 7.90 15.93 29.22
N ALA A 110 7.64 16.93 30.08
CA ALA A 110 6.63 16.81 31.12
C ALA A 110 5.20 16.82 30.58
N GLY A 111 4.98 17.41 29.40
CA GLY A 111 3.64 17.62 28.89
C GLY A 111 3.12 16.48 28.03
N SER A 112 1.95 16.73 27.43
CA SER A 112 1.24 15.74 26.63
C SER A 112 1.18 16.09 25.14
N ALA A 113 1.84 17.16 24.70
CA ALA A 113 1.83 17.56 23.30
C ALA A 113 3.19 17.32 22.66
N ARG A 114 3.19 17.06 21.35
CA ARG A 114 4.45 16.81 20.63
C ARG A 114 5.26 18.08 20.41
N LEU A 115 4.61 19.23 20.23
CA LEU A 115 5.28 20.50 20.00
C LEU A 115 5.04 21.44 21.17
N VAL A 116 6.07 22.20 21.55
CA VAL A 116 5.90 23.32 22.47
C VAL A 116 6.41 24.59 21.79
N ALA A 117 5.75 25.71 22.09
CA ALA A 117 6.07 26.96 21.42
C ALA A 117 6.19 28.08 22.44
N ALA A 118 6.89 29.14 22.04
CA ALA A 118 7.05 30.31 22.88
C ALA A 118 6.95 31.53 21.96
N PRO A 119 6.07 32.48 22.26
CA PRO A 119 5.97 33.68 21.43
C PRO A 119 7.27 34.48 21.47
N VAL A 120 7.59 35.12 20.34
CA VAL A 120 8.67 36.09 20.24
C VAL A 120 8.05 37.48 20.28
N ALA A 121 8.64 38.38 21.06
CA ALA A 121 8.00 39.66 21.40
C ALA A 121 8.16 40.68 20.27
N THR A 122 7.61 40.33 19.09
CA THR A 122 7.64 41.21 17.94
C THR A 122 6.28 41.90 17.78
N ALA A 123 6.09 42.57 16.65
CA ALA A 123 4.80 43.17 16.34
C ALA A 123 3.73 42.12 16.10
N ASN A 124 4.13 40.91 15.70
CA ASN A 124 3.21 39.83 15.38
C ASN A 124 3.45 38.63 16.31
N PRO A 125 3.14 38.76 17.60
CA PRO A 125 3.39 37.65 18.54
C PRO A 125 2.40 36.52 18.35
N ALA A 126 2.88 35.30 18.60
CA ALA A 126 2.14 34.10 18.21
C ALA A 126 0.80 34.01 18.90
N ARG A 127 -0.23 33.70 18.12
CA ARG A 127 -1.58 33.49 18.63
C ARG A 127 -1.99 32.06 18.38
N CYS A 128 -2.71 31.50 19.34
CA CYS A 128 -3.10 30.09 19.33
C CYS A 128 -4.34 29.88 18.45
N LEU A 129 -4.29 28.86 17.58
CA LEU A 129 -5.36 28.63 16.62
C LEU A 129 -5.85 27.18 16.67
N ALA A 130 -7.11 26.99 16.27
CA ALA A 130 -7.63 25.68 15.88
C ALA A 130 -7.41 25.46 14.39
N LEU A 131 -7.22 24.19 14.01
CA LEU A 131 -6.97 23.88 12.60
C LEU A 131 -7.45 22.47 12.27
N ASN A 132 -8.33 22.35 11.28
CA ASN A 132 -8.78 21.08 10.75
C ASN A 132 -8.34 20.94 9.30
N VAL A 133 -7.64 19.86 8.99
CA VAL A 133 -7.22 19.56 7.64
C VAL A 133 -8.02 18.35 7.17
N SER A 134 -8.69 18.49 6.02
CA SER A 134 -9.41 17.39 5.41
C SER A 134 -8.94 17.26 3.97
N LEU A 135 -8.00 16.34 3.73
CA LEU A 135 -7.47 16.15 2.38
C LEU A 135 -8.55 15.70 1.42
N ARG A 136 -9.57 15.05 1.94
CA ARG A 136 -10.69 14.62 1.10
C ARG A 136 -11.37 15.82 0.45
N GLU A 137 -11.44 16.94 1.17
CA GLU A 137 -12.11 18.15 0.67
C GLU A 137 -11.12 19.23 0.28
N TRP A 138 -9.82 18.93 0.29
CA TRP A 138 -8.76 19.88 -0.11
C TRP A 138 -8.89 21.20 0.67
N THR A 139 -9.19 21.10 1.96
CA THR A 139 -9.53 22.26 2.77
C THR A 139 -8.75 22.25 4.08
N ALA A 140 -8.27 23.42 4.46
CA ALA A 140 -7.80 23.71 5.81
C ALA A 140 -8.76 24.70 6.44
N ARG A 141 -9.32 24.36 7.60
CA ARG A 141 -10.26 25.22 8.32
C ARG A 141 -9.65 25.65 9.64
N TYR A 142 -9.35 26.94 9.75
CA TYR A 142 -8.81 27.52 10.97
C TYR A 142 -9.91 28.18 11.79
N GLY A 143 -9.64 28.33 13.08
CA GLY A 143 -10.53 29.08 13.95
C GLY A 143 -9.82 29.42 15.24
N ALA A 144 -10.57 30.11 16.11
CA ALA A 144 -10.08 30.35 17.46
C ALA A 144 -9.92 29.03 18.21
N ALA A 145 -8.91 28.98 19.09
CA ALA A 145 -8.55 27.75 19.78
C ALA A 145 -9.39 27.58 21.04
N PRO A 146 -10.27 26.57 21.10
CA PRO A 146 -11.09 26.41 22.31
C PRO A 146 -10.30 25.98 23.53
N ALA A 147 -9.29 25.11 23.36
CA ALA A 147 -8.54 24.56 24.47
C ALA A 147 -7.20 25.26 24.69
N ALA A 148 -7.10 26.53 24.28
CA ALA A 148 -5.90 27.33 24.49
C ALA A 148 -5.49 27.27 25.96
N PRO A 149 -4.19 27.30 26.28
CA PRO A 149 -3.04 27.33 25.36
C PRO A 149 -2.71 26.05 24.56
N ARG A 150 -3.61 25.08 24.47
CA ARG A 150 -3.39 23.92 23.60
C ARG A 150 -3.99 24.17 22.22
N CYS A 151 -3.15 24.20 21.20
CA CYS A 151 -3.48 24.60 19.83
C CYS A 151 -3.31 23.44 18.85
N ASP A 152 -3.90 23.63 17.67
CA ASP A 152 -3.54 22.87 16.48
C ASP A 152 -2.52 23.59 15.61
N ALA A 153 -2.55 24.92 15.61
CA ALA A 153 -1.65 25.72 14.78
C ALA A 153 -1.37 27.04 15.47
N LEU A 154 -0.28 27.66 15.06
CA LEU A 154 0.08 29.00 15.51
C LEU A 154 0.05 29.96 14.33
N ASP A 155 -0.26 31.22 14.65
CA ASP A 155 -0.15 32.33 13.71
C ASP A 155 0.68 33.40 14.37
N GLY A 156 1.68 33.89 13.68
CA GLY A 156 2.59 34.85 14.25
C GLY A 156 3.93 34.21 14.56
N ASP A 157 4.78 35.00 15.21
CA ASP A 157 6.17 34.62 15.42
C ASP A 157 6.31 33.85 16.73
N ALA A 158 6.90 32.66 16.63
CA ALA A 158 7.12 31.83 17.80
C ALA A 158 8.29 30.89 17.53
N VAL A 159 9.01 30.55 18.58
CA VAL A 159 9.95 29.44 18.51
C VAL A 159 9.18 28.15 18.77
N VAL A 160 9.35 27.18 17.88
CA VAL A 160 8.69 25.89 18.00
C VAL A 160 9.74 24.82 18.25
N LEU A 161 9.55 24.04 19.30
CA LEU A 161 10.49 22.98 19.63
C LEU A 161 9.80 21.62 19.60
N LEU A 162 10.46 20.65 18.98
CA LEU A 162 9.97 19.29 18.91
C LEU A 162 11.18 18.38 18.72
N ARG A 163 10.93 17.08 18.87
CA ARG A 163 11.97 16.10 18.62
C ARG A 163 12.39 16.16 17.16
N ALA A 164 13.69 16.03 16.92
CA ALA A 164 14.20 15.93 15.57
C ALA A 164 13.57 14.75 14.84
N ARG A 165 13.36 13.64 15.56
CA ARG A 165 12.74 12.45 14.97
C ARG A 165 11.32 12.76 14.48
N ASP A 166 10.59 13.60 15.21
CA ASP A 166 9.26 13.99 14.76
C ASP A 166 9.33 14.91 13.55
N LEU A 167 10.15 15.97 13.63
CA LEU A 167 10.17 16.98 12.59
C LEU A 167 10.66 16.40 11.26
N PHE A 168 11.73 15.61 11.30
CA PHE A 168 12.34 15.16 10.05
C PHE A 168 11.72 13.88 9.51
N ASN A 169 10.70 13.35 10.16
CA ASN A 169 9.94 12.27 9.53
C ASN A 169 8.74 12.79 8.75
N LEU A 170 8.39 14.07 8.91
CA LEU A 170 7.42 14.69 8.02
C LEU A 170 7.98 14.70 6.59
N SER A 171 7.06 14.83 5.63
CA SER A 171 7.41 14.83 4.22
C SER A 171 7.98 16.17 3.76
N ALA A 172 7.49 17.27 4.30
CA ALA A 172 7.97 18.60 3.95
C ALA A 172 8.31 19.33 5.24
N PRO A 173 9.39 18.92 5.91
CA PRO A 173 9.64 19.46 7.25
C PRO A 173 9.98 20.95 7.26
N LEU A 174 10.65 21.47 6.21
CA LEU A 174 11.07 22.86 6.19
C LEU A 174 10.45 23.64 5.03
N ALA A 175 9.32 23.17 4.49
CA ALA A 175 8.69 23.90 3.38
C ALA A 175 8.19 25.26 3.85
N ARG A 176 8.21 26.23 2.94
CA ARG A 176 7.93 27.60 3.35
C ARG A 176 6.54 28.04 2.89
N PRO A 177 5.86 28.89 3.67
CA PRO A 177 6.22 29.39 5.00
C PRO A 177 6.08 28.31 6.06
N VAL A 178 7.09 28.10 6.91
CA VAL A 178 7.03 27.00 7.87
C VAL A 178 5.86 27.18 8.83
N GLY A 179 5.50 28.42 9.15
CA GLY A 179 4.32 28.69 9.95
C GLY A 179 3.03 28.13 9.35
N THR A 180 2.97 27.95 8.03
CA THR A 180 1.82 27.30 7.41
C THR A 180 2.06 25.81 7.24
N SER A 181 3.22 25.42 6.71
CA SER A 181 3.42 24.03 6.29
C SER A 181 3.54 23.10 7.50
N LEU A 182 4.21 23.55 8.56
CA LEU A 182 4.47 22.66 9.68
C LEU A 182 3.16 22.24 10.35
N PHE A 183 2.26 23.21 10.58
CA PHE A 183 1.04 22.93 11.32
C PHE A 183 -0.02 22.26 10.44
N LEU A 184 0.06 22.40 9.12
CA LEU A 184 -0.78 21.55 8.29
C LEU A 184 -0.40 20.09 8.43
N GLN A 185 0.90 19.81 8.57
CA GLN A 185 1.35 18.43 8.69
C GLN A 185 1.03 17.87 10.06
N THR A 186 1.35 18.65 11.11
CA THR A 186 1.22 18.14 12.47
C THR A 186 -0.25 18.07 12.91
N ALA A 187 -1.05 19.07 12.51
CA ALA A 187 -2.48 18.99 12.84
C ALA A 187 -3.12 17.77 12.21
N LEU A 188 -2.82 17.51 10.94
CA LEU A 188 -3.43 16.36 10.28
C LEU A 188 -3.07 15.06 10.99
N ARG A 189 -1.91 15.01 11.64
CA ARG A 189 -1.51 13.85 12.42
C ARG A 189 -2.17 13.80 13.80
N GLY A 190 -3.04 14.76 14.10
CA GLY A 190 -3.63 14.81 15.42
C GLY A 190 -2.69 15.29 16.49
N TRP A 191 -1.58 15.91 16.12
CA TRP A 191 -0.63 16.40 17.09
C TRP A 191 -1.05 17.78 17.58
N ALA A 192 -0.68 18.10 18.82
CA ALA A 192 -0.99 19.38 19.43
C ALA A 192 0.28 20.16 19.68
N VAL A 193 0.14 21.49 19.75
CA VAL A 193 1.23 22.38 20.11
C VAL A 193 0.78 23.19 21.31
N GLN A 194 1.62 23.26 22.33
CA GLN A 194 1.31 23.97 23.56
C GLN A 194 2.04 25.31 23.57
N LEU A 195 1.28 26.40 23.57
CA LEU A 195 1.85 27.73 23.66
C LEU A 195 2.30 27.96 25.11
N LEU A 196 3.60 27.85 25.35
CA LEU A 196 4.12 28.03 26.69
C LEU A 196 4.18 29.52 27.04
N ASP A 197 4.17 29.80 28.34
CA ASP A 197 4.26 31.17 28.82
C ASP A 197 5.72 31.56 29.04
N LEU A 198 6.45 31.54 27.93
CA LEU A 198 7.78 32.12 27.83
C LEU A 198 7.76 33.08 26.66
N THR A 199 8.62 34.10 26.71
CA THR A 199 8.71 35.07 25.62
C THR A 199 10.17 35.25 25.24
N PHE A 200 10.45 35.15 23.95
CA PHE A 200 11.75 35.49 23.40
C PHE A 200 11.79 36.96 23.04
N ALA A 201 12.91 37.60 23.34
CA ALA A 201 13.08 39.00 22.96
C ALA A 201 13.22 39.14 21.45
N ALA A 202 12.85 40.31 20.94
CA ALA A 202 13.00 40.61 19.52
C ALA A 202 14.39 41.17 19.25
N ALA A 203 14.83 41.04 17.99
CA ALA A 203 16.10 41.63 17.58
C ALA A 203 16.17 43.09 17.98
N ARG A 204 17.34 43.51 18.46
CA ARG A 204 17.55 44.91 18.82
C ARG A 204 17.36 45.82 17.62
N GLN A 205 17.89 45.43 16.47
CA GLN A 205 17.60 46.09 15.20
C GLN A 205 16.83 45.11 14.33
N PRO A 206 15.50 45.10 14.42
CA PRO A 206 14.70 44.06 13.78
C PRO A 206 14.66 44.22 12.26
N PRO A 207 14.48 43.13 11.53
CA PRO A 207 14.52 43.20 10.07
C PRO A 207 13.26 43.79 9.46
N LEU A 208 13.38 44.12 8.17
CA LEU A 208 12.30 44.71 7.38
C LEU A 208 11.61 45.87 8.11
N ALA A 209 12.42 46.86 8.52
CA ALA A 209 11.88 47.99 9.29
C ALA A 209 11.01 48.90 8.44
N THR A 210 11.39 49.13 7.18
CA THR A 210 10.67 50.08 6.35
C THR A 210 9.46 49.42 5.69
N ALA A 211 8.49 50.26 5.33
CA ALA A 211 7.31 49.76 4.62
C ALA A 211 7.71 49.04 3.34
N HIS A 212 8.69 49.56 2.60
CA HIS A 212 9.03 48.96 1.33
C HIS A 212 9.66 47.58 1.51
N ALA A 213 10.56 47.42 2.50
CA ALA A 213 11.07 46.10 2.82
C ALA A 213 9.95 45.13 3.18
N ARG A 214 9.03 45.57 4.04
CA ARG A 214 7.89 44.72 4.39
C ARG A 214 7.08 44.34 3.17
N TRP A 215 6.91 45.28 2.23
CA TRP A 215 6.06 45.00 1.07
C TRP A 215 6.65 43.90 0.19
N LYS A 216 7.99 43.90 0.00
CA LYS A 216 8.61 42.84 -0.80
C LYS A 216 8.58 41.51 -0.07
N ALA A 217 8.80 41.52 1.26
CA ALA A 217 8.78 40.29 2.03
C ALA A 217 7.38 39.65 2.01
N GLU A 218 6.34 40.47 2.15
CA GLU A 218 4.98 39.94 2.09
C GLU A 218 4.61 39.46 0.69
N ARG A 219 5.11 40.11 -0.37
CA ARG A 219 4.78 39.64 -1.72
C ARG A 219 5.39 38.26 -1.98
N GLU A 220 6.66 38.06 -1.62
CA GLU A 220 7.28 36.75 -1.82
C GLU A 220 6.68 35.70 -0.89
N GLY A 221 6.36 36.09 0.36
CA GLY A 221 5.76 35.15 1.28
C GLY A 221 4.43 34.60 0.77
N ARG A 222 3.54 35.50 0.34
CA ARG A 222 2.27 35.08 -0.23
C ARG A 222 2.47 34.18 -1.44
N ALA A 223 3.48 34.49 -2.26
CA ALA A 223 3.79 33.63 -3.39
C ALA A 223 4.21 32.25 -2.93
N ARG A 224 5.06 32.17 -1.90
CA ARG A 224 5.46 30.87 -1.39
C ARG A 224 4.27 30.14 -0.80
N ARG A 225 3.40 30.86 -0.08
CA ARG A 225 2.23 30.23 0.53
C ARG A 225 1.29 29.68 -0.54
N ALA A 226 1.08 30.44 -1.62
CA ALA A 226 0.20 29.97 -2.69
C ALA A 226 0.76 28.75 -3.40
N ALA A 227 2.08 28.73 -3.61
CA ALA A 227 2.69 27.54 -4.23
C ALA A 227 2.68 26.35 -3.28
N LEU A 228 2.84 26.61 -1.98
CA LEU A 228 2.80 25.54 -0.98
C LEU A 228 1.46 24.84 -0.95
N LEU A 229 0.39 25.62 -0.81
CA LEU A 229 -0.96 25.05 -0.76
C LEU A 229 -1.33 24.33 -2.05
N ARG A 230 -0.95 24.87 -3.20
CA ARG A 230 -1.14 24.15 -4.45
C ARG A 230 -0.38 22.83 -4.46
N ALA A 231 0.90 22.86 -4.05
CA ALA A 231 1.70 21.64 -4.06
C ALA A 231 1.12 20.57 -3.15
N LEU A 232 0.55 20.97 -2.01
CA LEU A 232 0.07 20.02 -1.03
C LEU A 232 -1.41 19.71 -1.21
N GLY A 233 -2.08 20.30 -2.18
CA GLY A 233 -3.48 19.99 -2.40
C GLY A 233 -4.42 20.62 -1.40
N ILE A 234 -4.16 21.85 -1.01
CA ILE A 234 -5.08 22.67 -0.24
C ILE A 234 -5.65 23.71 -1.21
N ARG A 235 -6.92 23.54 -1.58
CA ARG A 235 -7.56 24.44 -2.53
C ARG A 235 -8.34 25.56 -1.85
N LEU A 236 -8.64 25.42 -0.58
CA LEU A 236 -9.56 26.32 0.12
C LEU A 236 -9.12 26.42 1.57
N VAL A 237 -8.95 27.66 2.04
CA VAL A 237 -8.65 27.94 3.43
C VAL A 237 -9.79 28.76 3.99
N SER A 238 -10.45 28.24 5.02
CA SER A 238 -11.53 28.94 5.69
C SER A 238 -11.06 29.35 7.08
N TRP A 239 -11.52 30.52 7.52
CA TRP A 239 -11.37 30.94 8.90
C TRP A 239 -12.77 31.09 9.49
N GLU A 240 -13.08 30.25 10.48
CA GLU A 240 -14.40 30.25 11.11
C GLU A 240 -15.50 30.14 10.06
N GLY A 241 -15.30 29.24 9.09
CA GLY A 241 -16.23 29.03 8.01
C GLY A 241 -16.27 30.12 6.97
N GLY A 242 -15.62 31.25 7.21
CA GLY A 242 -15.68 32.36 6.28
C GLY A 242 -14.30 32.83 5.86
N ARG A 243 -14.22 34.08 5.38
CA ARG A 243 -12.98 34.67 4.88
C ARG A 243 -12.28 33.69 3.93
N LEU A 244 -13.07 33.15 3.02
CA LEU A 244 -12.59 32.10 2.13
C LEU A 244 -11.41 32.57 1.30
N GLU A 245 -10.36 31.75 1.27
CA GLU A 245 -9.17 31.99 0.47
C GLU A 245 -9.02 30.81 -0.48
N TRP A 246 -9.08 31.08 -1.79
CA TRP A 246 -9.11 30.03 -2.79
C TRP A 246 -7.75 29.84 -3.44
N PHE A 247 -7.45 28.58 -3.77
CA PHE A 247 -6.21 28.22 -4.43
C PHE A 247 -6.44 27.13 -5.48
N GLY A 248 -7.63 27.13 -6.10
CA GLY A 248 -7.94 26.14 -7.10
C GLY A 248 -8.23 26.71 -8.47
N CYS A 249 -9.24 26.16 -9.15
CA CYS A 249 -9.64 26.67 -10.45
C CYS A 249 -10.55 27.89 -10.27
N ASN A 250 -10.94 28.51 -11.38
CA ASN A 250 -11.87 29.64 -11.40
C ASN A 250 -12.28 29.88 -12.86
N LYS A 251 -12.91 31.02 -13.11
CA LYS A 251 -13.49 31.26 -14.43
C LYS A 251 -12.44 31.35 -15.53
N GLU A 252 -11.20 31.74 -15.19
CA GLU A 252 -10.15 31.95 -16.18
C GLU A 252 -9.22 30.75 -16.35
N THR A 253 -9.29 29.74 -15.49
CA THR A 253 -8.38 28.62 -15.58
C THR A 253 -9.07 27.39 -16.18
N THR A 254 -8.28 26.34 -16.40
CA THR A 254 -8.88 25.04 -16.63
C THR A 254 -9.44 24.49 -15.31
N ARG A 255 -10.31 23.50 -15.42
CA ARG A 255 -10.74 22.82 -14.21
C ARG A 255 -9.59 21.98 -13.66
N CYS A 256 -9.67 21.70 -12.35
CA CYS A 256 -8.56 21.05 -11.66
C CYS A 256 -8.24 19.67 -12.23
N PHE A 257 -9.25 18.91 -12.61
CA PHE A 257 -9.04 17.55 -13.09
C PHE A 257 -9.28 17.49 -14.59
N GLY A 258 -8.44 16.72 -15.28
CA GLY A 258 -8.53 16.64 -16.73
C GLY A 258 -9.73 15.85 -17.22
N THR A 259 -9.69 15.41 -18.47
CA THR A 259 -10.81 14.67 -19.03
C THR A 259 -11.01 13.37 -18.27
N VAL A 260 -12.25 13.12 -17.85
CA VAL A 260 -12.56 11.93 -17.08
C VAL A 260 -12.51 10.71 -17.99
N VAL A 261 -11.93 9.62 -17.48
CA VAL A 261 -11.95 8.32 -18.14
C VAL A 261 -12.50 7.29 -17.17
N GLY A 262 -13.27 6.34 -17.69
CA GLY A 262 -13.89 5.32 -16.84
C GLY A 262 -14.86 5.86 -15.81
N ASP A 263 -15.41 7.06 -16.04
CA ASP A 263 -16.29 7.76 -15.10
C ASP A 263 -15.66 7.96 -13.74
N THR A 264 -14.33 7.89 -13.67
CA THR A 264 -13.60 8.04 -12.41
C THR A 264 -12.58 9.16 -12.60
N PRO A 265 -12.84 10.35 -12.04
CA PRO A 265 -11.91 11.46 -12.21
C PRO A 265 -10.61 11.22 -11.46
N ALA A 266 -9.61 12.04 -11.79
CA ALA A 266 -8.28 11.87 -11.22
C ALA A 266 -8.28 12.00 -9.70
N TYR A 267 -9.18 12.80 -9.14
CA TYR A 267 -9.12 13.01 -7.68
C TYR A 267 -9.51 11.75 -6.90
N LEU A 268 -10.31 10.85 -7.49
CA LEU A 268 -10.67 9.62 -6.78
C LEU A 268 -9.47 8.69 -6.65
N TYR A 269 -8.63 8.64 -7.68
CA TYR A 269 -7.42 7.82 -7.61
C TYR A 269 -6.41 8.36 -6.62
N GLU A 270 -6.58 9.60 -6.16
CA GLU A 270 -5.68 10.17 -5.17
C GLU A 270 -6.27 10.14 -3.77
N GLU A 271 -7.36 9.39 -3.57
CA GLU A 271 -8.03 9.26 -2.27
C GLU A 271 -8.49 10.62 -1.75
N ARG A 272 -9.08 11.41 -2.65
CA ARG A 272 -9.70 12.67 -2.29
C ARG A 272 -11.06 12.75 -2.99
N TRP A 273 -11.85 13.73 -2.61
CA TRP A 273 -13.11 13.94 -3.31
C TRP A 273 -12.96 15.11 -4.29
N THR A 274 -14.09 15.63 -4.76
CA THR A 274 -14.05 16.71 -5.74
C THR A 274 -13.45 17.96 -5.10
N PRO A 275 -12.54 18.64 -5.78
CA PRO A 275 -11.97 19.89 -5.26
C PRO A 275 -13.05 20.91 -4.96
N PRO A 276 -12.91 21.67 -3.88
CA PRO A 276 -13.99 22.59 -3.51
C PRO A 276 -14.20 23.73 -4.51
N CYS A 277 -13.15 24.16 -5.20
CA CYS A 277 -13.33 25.14 -6.27
C CYS A 277 -14.21 24.58 -7.38
N CYS A 278 -14.04 23.28 -7.68
CA CYS A 278 -14.81 22.67 -8.76
C CYS A 278 -16.27 22.50 -8.35
N LEU A 279 -16.52 22.21 -7.07
CA LEU A 279 -17.90 22.18 -6.58
C LEU A 279 -18.51 23.58 -6.54
N ARG A 280 -17.73 24.59 -6.12
CA ARG A 280 -18.21 25.96 -6.09
C ARG A 280 -18.63 26.43 -7.49
N ALA A 281 -17.83 26.12 -8.50
CA ALA A 281 -18.18 26.47 -9.87
C ALA A 281 -19.38 25.68 -10.37
N LEU A 282 -19.50 24.42 -9.95
CA LEU A 282 -20.67 23.62 -10.33
C LEU A 282 -21.96 24.19 -9.75
N ARG A 283 -21.95 24.57 -8.47
CA ARG A 283 -23.14 25.19 -7.87
C ARG A 283 -23.48 26.51 -8.58
N GLU A 284 -22.48 27.33 -8.86
CA GLU A 284 -22.70 28.59 -9.56
C GLU A 284 -23.35 28.37 -10.92
N THR A 285 -22.85 27.41 -11.69
CA THR A 285 -23.38 27.16 -13.03
C THR A 285 -24.80 26.61 -12.97
N ALA A 286 -25.06 25.64 -12.07
CA ALA A 286 -26.40 25.09 -11.94
C ALA A 286 -27.44 26.17 -11.65
N ARG A 287 -27.13 27.06 -10.69
CA ARG A 287 -28.05 28.15 -10.41
C ARG A 287 -28.23 29.06 -11.62
N TYR A 288 -27.14 29.37 -12.31
CA TYR A 288 -27.23 30.23 -13.49
C TYR A 288 -28.13 29.59 -14.54
N VAL A 289 -27.90 28.32 -14.83
CA VAL A 289 -28.69 27.61 -15.84
C VAL A 289 -30.14 27.52 -15.40
N VAL A 290 -30.38 27.09 -14.16
CA VAL A 290 -31.75 26.99 -13.66
C VAL A 290 -32.43 28.36 -13.73
N GLY A 291 -31.71 29.40 -13.32
CA GLY A 291 -32.26 30.74 -13.43
C GLY A 291 -32.63 31.10 -14.85
N VAL A 292 -31.78 30.72 -15.81
CA VAL A 292 -32.06 31.04 -17.21
C VAL A 292 -33.27 30.25 -17.70
N LEU A 293 -33.32 28.96 -17.39
CA LEU A 293 -34.43 28.12 -17.85
C LEU A 293 -35.76 28.57 -17.25
N GLU A 294 -35.78 28.89 -15.97
CA GLU A 294 -37.01 29.37 -15.35
C GLU A 294 -37.44 30.71 -15.94
N ALA A 295 -36.50 31.58 -16.29
CA ALA A 295 -36.87 32.84 -16.93
C ALA A 295 -37.36 32.61 -18.35
N ALA A 296 -36.74 31.68 -19.08
CA ALA A 296 -37.11 31.38 -20.45
C ALA A 296 -38.35 30.50 -20.58
N GLY A 297 -38.80 29.86 -19.49
CA GLY A 297 -39.96 29.01 -19.59
C GLY A 297 -39.69 27.62 -20.13
N VAL A 298 -38.55 27.03 -19.77
CA VAL A 298 -38.24 25.64 -20.09
C VAL A 298 -38.46 24.80 -18.83
N ARG A 299 -39.25 23.74 -18.95
CA ARG A 299 -39.51 22.87 -17.82
C ARG A 299 -38.31 21.97 -17.59
N TYR A 300 -37.65 22.14 -16.45
CA TYR A 300 -36.50 21.35 -16.04
C TYR A 300 -36.85 20.60 -14.75
N TRP A 301 -35.95 19.71 -14.36
CA TRP A 301 -36.04 18.97 -13.10
C TRP A 301 -34.68 18.36 -12.83
N LEU A 302 -34.34 18.27 -11.54
CA LEU A 302 -33.08 17.65 -11.15
C LEU A 302 -33.05 16.20 -11.60
N GLU A 303 -31.91 15.77 -12.12
CA GLU A 303 -31.80 14.47 -12.74
C GLU A 303 -30.52 13.80 -12.28
N GLY A 304 -30.50 12.46 -12.36
CA GLY A 304 -29.27 11.72 -12.14
C GLY A 304 -28.69 11.92 -10.76
N GLY A 305 -27.38 12.12 -10.71
CA GLY A 305 -26.70 12.31 -9.43
C GLY A 305 -27.05 13.60 -8.73
N SER A 306 -27.54 14.60 -9.48
CA SER A 306 -27.93 15.86 -8.87
C SER A 306 -29.23 15.69 -8.07
N LEU A 307 -30.22 15.03 -8.64
CA LEU A 307 -31.42 14.70 -7.87
C LEU A 307 -31.08 13.82 -6.67
N LEU A 308 -30.17 12.87 -6.85
CA LEU A 308 -29.79 11.99 -5.74
C LEU A 308 -29.09 12.76 -4.64
N GLY A 309 -28.20 13.68 -5.02
CA GLY A 309 -27.58 14.54 -4.03
C GLY A 309 -28.56 15.48 -3.35
N ALA A 310 -29.54 15.99 -4.09
CA ALA A 310 -30.56 16.84 -3.48
C ALA A 310 -31.45 16.06 -2.53
N ALA A 311 -31.79 14.82 -2.87
CA ALA A 311 -32.68 14.03 -2.01
C ALA A 311 -32.00 13.59 -0.72
N ARG A 312 -30.68 13.46 -0.72
CA ARG A 312 -29.94 12.92 0.42
C ARG A 312 -29.50 14.01 1.39
N HIS A 313 -28.74 15.01 0.89
N HIS A 313 -28.76 15.01 0.89
CA HIS A 313 -28.25 16.08 1.74
CA HIS A 313 -28.24 16.07 1.73
C HIS A 313 -28.37 17.46 1.09
C HIS A 313 -28.45 17.47 1.15
N GLY A 314 -29.17 17.60 0.04
CA GLY A 314 -29.45 18.92 -0.53
C GLY A 314 -28.28 19.60 -1.20
N ASP A 315 -27.28 18.86 -1.64
CA ASP A 315 -26.17 19.48 -2.35
C ASP A 315 -25.61 18.47 -3.35
N ILE A 316 -24.65 18.94 -4.16
CA ILE A 316 -23.92 18.06 -5.03
C ILE A 316 -23.23 17.01 -4.19
N ILE A 317 -23.26 15.76 -4.67
CA ILE A 317 -22.60 14.68 -3.94
C ILE A 317 -21.10 14.98 -3.87
N PRO A 318 -20.45 14.77 -2.72
CA PRO A 318 -19.09 15.33 -2.53
C PRO A 318 -18.04 14.84 -3.52
N TRP A 319 -18.26 13.72 -4.19
CA TRP A 319 -17.29 13.16 -5.13
C TRP A 319 -17.79 13.23 -6.57
N ASP A 320 -18.88 13.94 -6.81
CA ASP A 320 -19.47 14.07 -8.14
C ASP A 320 -18.79 15.18 -8.94
N TYR A 321 -18.85 15.07 -10.27
CA TYR A 321 -18.08 15.91 -11.17
C TYR A 321 -18.92 16.71 -12.15
N ASP A 322 -20.25 16.57 -12.14
CA ASP A 322 -21.10 17.41 -12.99
C ASP A 322 -22.48 17.54 -12.35
N VAL A 323 -23.33 18.33 -12.99
CA VAL A 323 -24.72 18.52 -12.58
C VAL A 323 -25.60 18.09 -13.75
N ASP A 324 -26.67 17.36 -13.47
CA ASP A 324 -27.53 16.82 -14.51
C ASP A 324 -28.95 17.33 -14.36
N LEU A 325 -29.50 17.86 -15.45
CA LEU A 325 -30.88 18.33 -15.48
C LEU A 325 -31.61 17.65 -16.64
N GLY A 326 -32.82 17.19 -16.38
CA GLY A 326 -33.73 16.83 -17.46
C GLY A 326 -34.56 18.03 -17.87
N ILE A 327 -34.89 18.10 -19.16
CA ILE A 327 -35.76 19.15 -19.69
C ILE A 327 -36.74 18.54 -20.67
N TYR A 328 -37.91 19.17 -20.81
CA TYR A 328 -38.81 18.80 -21.87
C TYR A 328 -38.22 19.26 -23.20
N LEU A 329 -38.10 18.33 -24.16
CA LEU A 329 -37.56 18.70 -25.47
C LEU A 329 -38.39 19.80 -26.11
N GLU A 330 -39.72 19.69 -26.07
CA GLU A 330 -40.61 20.64 -26.74
C GLU A 330 -40.48 22.05 -26.17
N ASP A 331 -39.65 22.23 -25.15
CA ASP A 331 -39.41 23.53 -24.55
C ASP A 331 -38.09 24.15 -24.99
N VAL A 332 -37.29 23.44 -25.77
CA VAL A 332 -35.94 23.90 -26.12
C VAL A 332 -35.97 25.24 -26.85
N GLY A 333 -36.99 25.46 -27.69
CA GLY A 333 -37.07 26.68 -28.46
C GLY A 333 -37.18 27.94 -27.62
N ASN A 334 -37.78 27.84 -26.43
CA ASN A 334 -38.02 28.99 -25.56
C ASN A 334 -36.75 29.60 -25.00
N CYS A 335 -35.58 29.00 -25.23
CA CYS A 335 -34.32 29.50 -24.71
C CYS A 335 -33.45 29.98 -25.86
N GLU A 336 -32.99 31.23 -25.78
CA GLU A 336 -32.09 31.74 -26.80
C GLU A 336 -30.78 30.95 -26.81
N GLN A 337 -30.20 30.71 -25.64
CA GLN A 337 -28.93 30.02 -25.55
C GLN A 337 -29.01 28.61 -26.12
N LEU A 338 -30.12 27.91 -25.92
CA LEU A 338 -30.23 26.53 -26.37
C LEU A 338 -30.53 26.44 -27.86
N ARG A 339 -31.41 27.30 -28.39
CA ARG A 339 -31.66 27.26 -29.83
C ARG A 339 -30.45 27.67 -30.64
N GLY A 340 -29.55 28.47 -30.07
CA GLY A 340 -28.28 28.71 -30.73
C GLY A 340 -27.27 27.60 -30.58
N ALA A 341 -27.40 26.79 -29.52
CA ALA A 341 -26.48 25.69 -29.25
C ALA A 341 -26.57 24.59 -30.30
N GLU A 342 -27.69 24.48 -31.02
CA GLU A 342 -27.79 23.49 -32.08
C GLU A 342 -26.98 23.90 -33.31
N ALA A 343 -26.94 25.20 -33.61
CA ALA A 343 -26.20 25.67 -34.78
C ALA A 343 -24.69 25.71 -34.52
N GLY A 344 -24.29 25.83 -33.27
CA GLY A 344 -22.87 25.89 -32.94
C GLY A 344 -22.69 26.26 -31.49
N SER A 345 -21.43 26.40 -31.10
CA SER A 345 -21.12 26.80 -29.73
C SER A 345 -21.59 28.24 -29.48
N VAL A 346 -22.07 28.48 -28.26
CA VAL A 346 -22.60 29.78 -27.88
C VAL A 346 -21.95 30.20 -26.56
N VAL A 347 -21.25 31.33 -26.57
CA VAL A 347 -20.74 31.97 -25.36
C VAL A 347 -21.70 33.09 -25.03
N ASP A 348 -22.42 32.98 -23.92
CA ASP A 348 -23.40 34.01 -23.61
C ASP A 348 -22.72 35.21 -22.93
N GLU A 349 -23.55 36.20 -22.60
CA GLU A 349 -23.05 37.46 -22.06
C GLU A 349 -22.26 37.25 -20.78
N ARG A 350 -22.59 36.21 -20.01
CA ARG A 350 -21.92 35.98 -18.74
C ARG A 350 -20.86 34.89 -18.82
N GLY A 351 -20.33 34.62 -20.02
CA GLY A 351 -19.19 33.74 -20.18
C GLY A 351 -19.47 32.24 -20.23
N PHE A 352 -20.72 31.82 -19.97
CA PHE A 352 -21.05 30.40 -20.05
C PHE A 352 -21.15 29.95 -21.49
N VAL A 353 -20.65 28.75 -21.76
CA VAL A 353 -20.65 28.16 -23.11
C VAL A 353 -21.75 27.11 -23.19
N TRP A 354 -22.66 27.30 -24.15
CA TRP A 354 -23.80 26.42 -24.38
C TRP A 354 -23.53 25.62 -25.65
N GLU A 355 -23.56 24.29 -25.55
CA GLU A 355 -23.17 23.44 -26.67
C GLU A 355 -24.08 22.23 -26.78
N LYS A 356 -24.22 21.73 -28.01
CA LYS A 356 -24.77 20.39 -28.27
C LYS A 356 -23.62 19.39 -28.33
N ALA A 357 -23.90 18.13 -27.95
CA ALA A 357 -22.88 17.24 -27.45
C ALA A 357 -22.14 16.45 -28.54
N VAL A 358 -21.12 15.71 -28.08
CA VAL A 358 -20.34 14.74 -28.87
C VAL A 358 -21.24 13.91 -29.78
N GLU A 359 -22.47 13.61 -29.33
CA GLU A 359 -23.36 12.55 -29.79
C GLU A 359 -24.10 12.14 -28.53
N GLY A 360 -25.35 11.74 -28.61
CA GLY A 360 -26.15 11.57 -27.42
C GLY A 360 -27.19 12.64 -27.20
N ASP A 361 -27.42 13.50 -28.19
CA ASP A 361 -28.57 14.40 -28.24
C ASP A 361 -28.76 15.16 -26.93
N PHE A 362 -27.68 15.70 -26.36
CA PHE A 362 -27.83 16.46 -25.13
C PHE A 362 -27.04 17.76 -25.18
N PHE A 363 -27.30 18.60 -24.19
CA PHE A 363 -26.79 19.97 -24.12
C PHE A 363 -25.91 20.11 -22.89
N ARG A 364 -24.68 20.57 -23.10
CA ARG A 364 -23.75 20.87 -22.01
C ARG A 364 -23.61 22.38 -21.90
N VAL A 365 -23.61 22.88 -20.66
CA VAL A 365 -23.37 24.28 -20.38
C VAL A 365 -22.12 24.36 -19.50
N GLN A 366 -21.05 24.90 -20.05
CA GLN A 366 -19.78 24.96 -19.35
C GLN A 366 -19.64 26.26 -18.58
N TYR A 367 -18.92 26.19 -17.46
CA TYR A 367 -18.73 27.35 -16.60
C TYR A 367 -18.06 28.50 -17.35
N SER A 368 -17.06 28.19 -18.19
CA SER A 368 -16.44 29.21 -19.03
C SER A 368 -15.78 28.51 -20.21
N GLU A 369 -15.25 29.31 -21.14
CA GLU A 369 -14.61 28.75 -22.32
C GLU A 369 -13.42 27.87 -21.95
N SER A 370 -12.73 28.19 -20.84
CA SER A 370 -11.55 27.45 -20.41
C SER A 370 -11.84 26.38 -19.38
N ASN A 371 -12.80 26.62 -18.47
CA ASN A 371 -13.11 25.73 -17.36
C ASN A 371 -14.32 24.89 -17.76
N HIS A 372 -14.10 23.60 -18.05
CA HIS A 372 -15.12 22.76 -18.67
C HIS A 372 -15.99 22.01 -17.65
N LEU A 373 -16.02 22.45 -16.39
CA LEU A 373 -17.08 22.00 -15.50
C LEU A 373 -18.44 22.39 -16.09
N HIS A 374 -19.36 21.44 -16.18
CA HIS A 374 -20.54 21.63 -17.00
C HIS A 374 -21.80 21.08 -16.36
N VAL A 375 -22.92 21.75 -16.65
CA VAL A 375 -24.26 21.25 -16.41
C VAL A 375 -24.74 20.57 -17.69
N ASP A 376 -25.13 19.30 -17.59
CA ASP A 376 -25.65 18.54 -18.72
C ASP A 376 -27.18 18.61 -18.71
N LEU A 377 -27.75 18.85 -19.89
CA LEU A 377 -29.21 18.98 -20.05
C LEU A 377 -29.71 17.83 -20.92
N TRP A 378 -30.60 17.02 -20.36
CA TRP A 378 -31.10 15.83 -21.04
C TRP A 378 -32.56 16.04 -21.45
N PRO A 379 -32.84 16.27 -22.74
CA PRO A 379 -34.22 16.52 -23.17
C PRO A 379 -34.98 15.23 -23.43
N PHE A 380 -36.19 15.14 -22.88
CA PHE A 380 -37.08 14.01 -23.06
C PHE A 380 -38.38 14.47 -23.70
N TYR A 381 -39.03 13.55 -24.42
CA TYR A 381 -40.33 13.80 -25.00
C TYR A 381 -41.28 12.67 -24.65
N PRO A 382 -42.52 12.99 -24.27
CA PRO A 382 -43.49 11.94 -23.96
C PRO A 382 -43.68 10.98 -25.13
N ARG A 383 -43.95 9.72 -24.80
CA ARG A 383 -44.20 8.66 -25.78
C ARG A 383 -45.12 7.64 -25.10
N ASN A 384 -46.42 7.95 -25.12
CA ASN A 384 -47.47 7.17 -24.45
C ASN A 384 -47.27 7.18 -22.93
N GLY A 385 -47.07 8.38 -22.39
CA GLY A 385 -46.86 8.57 -20.97
C GLY A 385 -45.50 8.16 -20.46
N VAL A 386 -44.57 7.81 -21.35
CA VAL A 386 -43.19 7.48 -20.98
C VAL A 386 -42.28 8.59 -21.49
N MET A 387 -41.33 9.01 -20.67
CA MET A 387 -40.31 9.96 -21.07
C MET A 387 -39.15 9.22 -21.70
N THR A 388 -38.82 9.55 -22.94
CA THR A 388 -37.80 8.82 -23.68
C THR A 388 -36.85 9.78 -24.39
N LYS A 389 -35.69 9.25 -24.75
CA LYS A 389 -34.71 9.96 -25.57
C LYS A 389 -34.33 9.07 -26.76
N ASP A 390 -33.83 9.70 -27.82
CA ASP A 390 -33.42 8.99 -29.01
C ASP A 390 -32.02 8.40 -28.90
N THR A 391 -31.46 8.36 -27.70
CA THR A 391 -30.07 7.93 -27.48
C THR A 391 -29.90 7.58 -26.00
N TRP A 392 -28.80 6.87 -25.71
CA TRP A 392 -28.57 6.35 -24.37
C TRP A 392 -27.08 6.18 -24.13
N LEU A 393 -26.72 5.97 -22.86
CA LEU A 393 -25.39 5.55 -22.45
C LEU A 393 -25.51 4.42 -21.45
N ASP A 394 -24.53 3.51 -21.49
CA ASP A 394 -24.39 2.35 -20.60
C ASP A 394 -24.93 2.55 -19.19
N HIS A 395 -24.72 3.73 -18.61
CA HIS A 395 -25.04 4.00 -17.21
C HIS A 395 -26.40 3.42 -16.81
N ARG A 396 -26.46 2.89 -15.59
CA ARG A 396 -27.66 2.19 -15.13
C ARG A 396 -28.88 3.11 -15.08
N GLN A 397 -28.69 4.34 -14.63
CA GLN A 397 -29.79 5.27 -14.36
C GLN A 397 -30.22 6.07 -15.59
N ASP A 398 -29.66 5.78 -16.77
CA ASP A 398 -30.04 6.48 -17.99
C ASP A 398 -31.09 5.63 -18.70
N VAL A 399 -32.36 5.81 -18.31
CA VAL A 399 -33.45 4.96 -18.77
C VAL A 399 -34.67 5.84 -19.07
N GLU A 400 -35.66 5.23 -19.72
CA GLU A 400 -36.98 5.82 -19.84
C GLU A 400 -37.65 5.83 -18.46
N PHE A 401 -38.74 6.59 -18.34
CA PHE A 401 -39.46 6.59 -17.08
C PHE A 401 -40.86 7.16 -17.27
N PRO A 402 -41.83 6.70 -16.46
CA PRO A 402 -43.18 7.28 -16.47
C PRO A 402 -43.24 8.80 -16.48
N GLU A 403 -44.07 9.38 -17.37
CA GLU A 403 -44.20 10.83 -17.42
C GLU A 403 -44.97 11.39 -16.23
N HIS A 404 -45.78 10.56 -15.56
CA HIS A 404 -46.54 11.04 -14.42
C HIS A 404 -45.65 11.58 -13.31
N PHE A 405 -44.39 11.16 -13.25
CA PHE A 405 -43.45 11.70 -12.28
C PHE A 405 -43.18 13.19 -12.49
N LEU A 406 -43.61 13.77 -13.61
CA LEU A 406 -43.40 15.17 -13.89
C LEU A 406 -44.69 15.99 -13.92
N GLN A 407 -45.86 15.35 -13.89
CA GLN A 407 -47.13 16.08 -14.00
C GLN A 407 -47.24 17.18 -12.97
N PRO A 408 -46.95 16.95 -11.68
CA PRO A 408 -46.52 18.07 -10.83
C PRO A 408 -45.01 18.01 -10.59
N LEU A 409 -44.38 19.18 -10.46
CA LEU A 409 -42.98 19.28 -10.08
C LEU A 409 -42.90 19.96 -8.71
N VAL A 410 -41.93 19.55 -7.91
CA VAL A 410 -41.90 19.94 -6.50
C VAL A 410 -40.63 20.72 -6.20
N PRO A 411 -40.68 21.77 -5.37
CA PRO A 411 -39.45 22.41 -4.92
C PRO A 411 -38.57 21.43 -4.14
N LEU A 412 -37.27 21.60 -4.29
CA LEU A 412 -36.29 20.80 -3.55
C LEU A 412 -35.01 21.58 -3.36
N PRO A 413 -34.63 21.89 -2.12
CA PRO A 413 -33.38 22.62 -1.88
C PRO A 413 -32.17 21.88 -2.47
N PHE A 414 -31.32 22.62 -3.18
CA PHE A 414 -30.16 22.00 -3.82
C PHE A 414 -29.10 23.06 -4.05
N ALA A 415 -27.91 22.82 -3.51
CA ALA A 415 -26.72 23.59 -3.85
C ALA A 415 -26.87 25.07 -3.50
N GLY A 416 -27.60 25.39 -2.43
CA GLY A 416 -27.72 26.76 -2.00
C GLY A 416 -28.89 27.52 -2.58
N PHE A 417 -29.72 26.88 -3.41
CA PHE A 417 -30.95 27.50 -3.89
C PHE A 417 -32.04 26.44 -3.92
N VAL A 418 -33.19 26.78 -4.48
CA VAL A 418 -34.33 25.88 -4.59
C VAL A 418 -34.52 25.52 -6.07
N ALA A 419 -34.56 24.23 -6.37
CA ALA A 419 -34.77 23.76 -7.73
C ALA A 419 -35.98 22.83 -7.79
N GLN A 420 -36.40 22.54 -9.01
CA GLN A 420 -37.53 21.65 -9.24
CA GLN A 420 -37.53 21.64 -9.25
C GLN A 420 -37.05 20.20 -9.38
N ALA A 421 -37.81 19.28 -8.80
CA ALA A 421 -37.55 17.85 -8.84
C ALA A 421 -38.83 17.13 -9.22
N PRO A 422 -38.74 15.89 -9.71
CA PRO A 422 -39.95 15.11 -9.96
C PRO A 422 -40.70 14.85 -8.66
N ASN A 423 -42.02 14.78 -8.76
CA ASN A 423 -42.82 14.38 -7.60
C ASN A 423 -42.39 12.99 -7.15
N ASN A 424 -42.50 12.74 -5.84
CA ASN A 424 -42.11 11.46 -5.25
C ASN A 424 -40.70 11.06 -5.69
N TYR A 425 -39.76 11.99 -5.52
CA TYR A 425 -38.42 11.78 -6.06
C TYR A 425 -37.74 10.57 -5.44
N ARG A 426 -38.14 10.18 -4.22
CA ARG A 426 -37.58 8.99 -3.62
C ARG A 426 -37.86 7.76 -4.48
N ARG A 427 -39.11 7.59 -4.90
CA ARG A 427 -39.47 6.43 -5.71
C ARG A 427 -38.82 6.49 -7.10
N PHE A 428 -38.76 7.69 -7.70
CA PHE A 428 -38.19 7.83 -9.04
C PHE A 428 -36.69 7.56 -9.02
N LEU A 429 -36.01 7.98 -7.95
CA LEU A 429 -34.58 7.69 -7.80
C LEU A 429 -34.33 6.19 -7.69
N GLU A 430 -35.12 5.49 -6.87
CA GLU A 430 -34.90 4.06 -6.68
C GLU A 430 -35.32 3.26 -7.90
N LEU A 431 -36.17 3.82 -8.76
CA LEU A 431 -36.39 3.21 -10.07
C LEU A 431 -35.12 3.24 -10.91
N LYS A 432 -34.47 4.39 -10.98
CA LYS A 432 -33.34 4.55 -11.89
C LYS A 432 -32.05 4.00 -11.29
N PHE A 433 -31.90 4.06 -9.98
CA PHE A 433 -30.67 3.65 -9.33
C PHE A 433 -30.75 2.32 -8.61
N GLY A 434 -31.92 1.98 -8.05
CA GLY A 434 -32.07 0.77 -7.25
C GLY A 434 -32.53 1.07 -5.84
N PRO A 435 -33.12 0.08 -5.17
CA PRO A 435 -33.60 0.29 -3.79
C PRO A 435 -32.47 0.71 -2.85
N GLY A 436 -32.76 1.74 -2.05
CA GLY A 436 -31.86 2.21 -1.01
C GLY A 436 -30.79 3.19 -1.44
N VAL A 437 -30.88 3.76 -2.65
CA VAL A 437 -29.79 4.59 -3.16
C VAL A 437 -29.54 5.81 -2.28
N ILE A 438 -30.60 6.40 -1.74
CA ILE A 438 -30.47 7.60 -0.91
C ILE A 438 -29.66 7.31 0.34
N GLU A 439 -29.84 6.13 0.93
CA GLU A 439 -29.27 5.79 2.24
C GLU A 439 -27.95 5.05 2.16
N ASN A 440 -27.45 4.75 0.96
CA ASN A 440 -26.21 3.97 0.80
C ASN A 440 -25.39 4.58 -0.32
N PRO A 441 -24.43 5.44 0.01
CA PRO A 441 -23.68 6.15 -1.04
C PRO A 441 -22.56 5.29 -1.61
N GLN A 442 -22.34 5.43 -2.92
CA GLN A 442 -21.32 4.64 -3.61
C GLN A 442 -20.68 5.47 -4.72
N TYR A 443 -19.46 5.08 -5.08
CA TYR A 443 -18.63 5.75 -6.07
C TYR A 443 -19.11 5.46 -7.50
N PRO A 444 -18.73 6.30 -8.47
CA PRO A 444 -19.21 6.08 -9.85
C PRO A 444 -18.87 4.73 -10.43
N ASN A 445 -17.64 4.25 -10.24
CA ASN A 445 -17.22 2.95 -10.75
C ASN A 445 -16.56 2.17 -9.61
N PRO A 446 -17.34 1.45 -8.81
CA PRO A 446 -16.75 0.70 -7.70
C PRO A 446 -15.88 -0.47 -8.13
N ALA A 447 -16.08 -1.01 -9.33
CA ALA A 447 -15.19 -2.08 -9.80
C ALA A 447 -13.76 -1.58 -9.95
N LEU A 448 -13.59 -0.31 -10.34
CA LEU A 448 -12.25 0.30 -10.39
C LEU A 448 -11.85 0.83 -9.02
N LEU A 449 -12.67 1.72 -8.45
CA LEU A 449 -12.38 2.39 -7.19
C LEU A 449 -13.63 2.49 -6.32
N SER A 450 -13.53 2.05 -5.07
CA SER A 450 -14.62 2.14 -4.10
C SER A 450 -14.24 3.07 -2.95
N LEU A 451 -15.27 3.57 -2.25
CA LEU A 451 -15.07 4.39 -1.04
C LEU A 451 -14.18 3.69 -0.03
N PRO B 7 21.85 -11.88 -7.55
CA PRO B 7 21.14 -10.64 -7.89
C PRO B 7 19.91 -10.93 -8.75
N ARG B 8 18.68 -10.48 -8.44
CA ARG B 8 18.26 -9.45 -7.45
C ARG B 8 18.77 -8.11 -7.96
N VAL B 9 18.18 -7.73 -9.08
CA VAL B 9 18.18 -6.36 -9.54
C VAL B 9 16.74 -5.87 -9.50
N THR B 10 16.56 -4.65 -9.03
CA THR B 10 15.26 -3.99 -9.07
C THR B 10 15.19 -3.19 -10.35
N VAL B 11 14.18 -3.45 -11.17
CA VAL B 11 13.94 -2.63 -12.35
C VAL B 11 13.27 -1.34 -11.90
N LEU B 12 13.87 -0.21 -12.28
CA LEU B 12 13.46 1.10 -11.83
C LEU B 12 13.15 1.94 -13.06
N VAL B 13 11.89 2.33 -13.21
CA VAL B 13 11.41 3.05 -14.40
C VAL B 13 11.14 4.50 -14.00
N ARG B 14 11.80 5.43 -14.70
CA ARG B 14 11.70 6.85 -14.37
C ARG B 14 11.34 7.70 -15.59
N GLU B 15 11.80 7.32 -16.78
CA GLU B 15 11.63 8.13 -17.99
C GLU B 15 10.42 7.63 -18.77
N PHE B 16 9.31 8.37 -18.69
CA PHE B 16 8.09 8.09 -19.43
C PHE B 16 7.16 9.28 -19.26
N GLU B 17 6.13 9.35 -20.11
CA GLU B 17 5.11 10.40 -20.05
C GLU B 17 3.76 9.79 -19.70
N ALA B 18 3.03 10.45 -18.80
CA ALA B 18 1.74 9.94 -18.35
C ALA B 18 0.68 9.95 -19.45
N PHE B 19 0.82 10.81 -20.46
CA PHE B 19 -0.22 10.91 -21.49
C PHE B 19 -0.07 9.85 -22.57
N ASP B 20 1.11 9.24 -22.68
CA ASP B 20 1.38 8.30 -23.77
C ASP B 20 2.65 7.55 -23.38
N ASN B 21 2.51 6.28 -23.01
CA ASN B 21 3.67 5.49 -22.67
C ASN B 21 3.42 4.04 -22.98
N ALA B 22 4.40 3.24 -22.58
CA ALA B 22 4.61 1.82 -22.85
C ALA B 22 5.00 1.12 -21.57
N VAL B 23 4.64 1.71 -20.43
CA VAL B 23 5.16 1.21 -19.17
C VAL B 23 4.50 -0.10 -18.76
N PRO B 24 3.17 -0.26 -18.86
CA PRO B 24 2.59 -1.57 -18.53
C PRO B 24 3.22 -2.70 -19.33
N GLU B 25 3.36 -2.54 -20.65
CA GLU B 25 3.99 -3.58 -21.45
C GLU B 25 5.45 -3.79 -21.06
N LEU B 26 6.13 -2.70 -20.67
CA LEU B 26 7.47 -2.82 -20.10
C LEU B 26 7.47 -3.76 -18.89
N VAL B 27 6.68 -3.42 -17.87
CA VAL B 27 6.65 -4.17 -16.62
C VAL B 27 6.21 -5.62 -16.87
N ASP B 28 5.15 -5.80 -17.66
CA ASP B 28 4.69 -7.14 -17.98
C ASP B 28 5.80 -7.99 -18.57
N SER B 29 6.63 -7.41 -19.44
CA SER B 29 7.68 -8.19 -20.11
C SER B 29 8.66 -8.75 -19.10
N PHE B 30 9.01 -7.96 -18.07
CA PHE B 30 9.96 -8.45 -17.08
C PHE B 30 9.31 -9.49 -16.17
N LEU B 31 8.03 -9.27 -15.84
CA LEU B 31 7.31 -10.23 -15.02
C LEU B 31 7.18 -11.58 -15.71
N GLN B 32 7.12 -11.60 -17.04
CA GLN B 32 7.05 -12.87 -17.76
C GLN B 32 8.31 -13.70 -17.56
N GLN B 33 9.46 -13.06 -17.38
CA GLN B 33 10.69 -13.80 -17.10
C GLN B 33 10.75 -14.23 -15.64
N ASP B 34 10.28 -13.40 -14.73
CA ASP B 34 10.29 -13.71 -13.29
C ASP B 34 9.06 -13.09 -12.64
N PRO B 35 8.02 -13.88 -12.38
CA PRO B 35 6.83 -13.36 -11.70
C PRO B 35 7.10 -12.48 -10.47
N ALA B 36 8.14 -12.77 -9.69
CA ALA B 36 8.40 -12.03 -8.44
C ALA B 36 9.44 -10.93 -8.62
N GLN B 37 9.75 -10.55 -9.86
CA GLN B 37 10.73 -9.51 -10.15
C GLN B 37 10.38 -8.20 -9.46
N PRO B 38 11.25 -7.66 -8.59
CA PRO B 38 10.95 -6.36 -7.99
C PRO B 38 11.03 -5.24 -9.02
N VAL B 39 9.97 -4.43 -9.08
CA VAL B 39 9.84 -3.33 -10.04
C VAL B 39 9.35 -2.11 -9.30
N VAL B 40 10.03 -0.97 -9.50
CA VAL B 40 9.65 0.32 -8.93
C VAL B 40 9.45 1.29 -10.09
N VAL B 41 8.21 1.75 -10.27
CA VAL B 41 7.91 2.85 -11.17
C VAL B 41 7.91 4.14 -10.35
N ALA B 42 8.71 5.10 -10.78
CA ALA B 42 8.82 6.39 -10.11
C ALA B 42 8.14 7.46 -10.94
N ALA B 43 7.50 8.39 -10.25
CA ALA B 43 6.81 9.51 -10.87
C ALA B 43 6.70 10.63 -9.84
N ASP B 44 6.71 11.87 -10.35
CA ASP B 44 6.57 13.02 -9.46
C ASP B 44 5.15 13.13 -8.92
N THR B 45 4.16 12.89 -9.78
CA THR B 45 2.75 12.90 -9.40
C THR B 45 2.12 11.60 -9.90
N LEU B 46 1.01 11.23 -9.29
CA LEU B 46 0.34 10.00 -9.66
C LEU B 46 -0.17 10.08 -11.10
N PRO B 47 0.30 9.24 -12.01
CA PRO B 47 -0.08 9.40 -13.43
C PRO B 47 -1.58 9.21 -13.65
N TYR B 48 -2.15 10.07 -14.48
CA TYR B 48 -3.55 9.95 -14.88
C TYR B 48 -3.62 10.17 -16.38
N PRO B 49 -4.34 9.32 -17.14
CA PRO B 49 -5.12 8.16 -16.71
C PRO B 49 -4.25 7.09 -16.03
N PRO B 50 -4.87 6.19 -15.27
CA PRO B 50 -4.07 5.30 -14.41
C PRO B 50 -3.09 4.46 -15.21
N LEU B 51 -1.90 4.28 -14.64
CA LEU B 51 -0.93 3.38 -15.24
C LEU B 51 -1.45 1.94 -15.32
N ALA B 52 -2.28 1.53 -14.37
CA ALA B 52 -2.84 0.19 -14.35
C ALA B 52 -1.72 -0.87 -14.50
N LEU B 53 -0.82 -0.84 -13.54
CA LEU B 53 0.13 -1.92 -13.37
C LEU B 53 -0.51 -3.01 -12.54
N PRO B 54 0.02 -4.24 -12.58
CA PRO B 54 -0.47 -5.26 -11.65
C PRO B 54 -0.23 -4.81 -10.21
N ARG B 55 -1.28 -4.86 -9.40
CA ARG B 55 -1.17 -4.49 -7.98
C ARG B 55 -0.74 -5.72 -7.18
N ILE B 56 0.49 -6.12 -7.45
CA ILE B 56 1.13 -7.23 -6.78
C ILE B 56 2.24 -6.63 -5.93
N PRO B 57 2.64 -7.26 -4.82
CA PRO B 57 3.57 -6.60 -3.89
C PRO B 57 4.96 -6.30 -4.48
N ASN B 58 5.37 -6.99 -5.55
CA ASN B 58 6.70 -6.78 -6.11
C ASN B 58 6.75 -5.66 -7.15
N VAL B 59 5.60 -5.12 -7.56
CA VAL B 59 5.52 -3.98 -8.48
C VAL B 59 4.98 -2.80 -7.69
N ARG B 60 5.81 -1.78 -7.46
CA ARG B 60 5.44 -0.64 -6.63
C ARG B 60 5.61 0.66 -7.40
N LEU B 61 4.84 1.66 -6.96
CA LEU B 61 4.80 2.98 -7.57
C LEU B 61 5.28 3.99 -6.54
N ALA B 62 6.43 4.61 -6.78
CA ALA B 62 7.02 5.53 -5.83
C ALA B 62 6.74 6.96 -6.30
N LEU B 63 5.94 7.68 -5.52
CA LEU B 63 5.59 9.07 -5.83
C LEU B 63 6.54 10.00 -5.07
N LEU B 64 7.29 10.80 -5.82
CA LEU B 64 8.40 11.57 -5.27
C LEU B 64 7.98 12.97 -4.82
N GLN B 65 6.72 13.24 -4.73
CA GLN B 65 6.23 14.54 -4.31
C GLN B 65 6.09 14.59 -2.79
N PRO B 66 6.23 15.77 -2.19
CA PRO B 66 5.79 15.94 -0.80
C PRO B 66 4.29 15.73 -0.68
N ALA B 67 3.88 15.18 0.46
CA ALA B 67 2.46 14.98 0.75
C ALA B 67 2.25 15.18 2.24
N LEU B 68 1.12 15.81 2.59
CA LEU B 68 0.85 16.13 3.99
C LEU B 68 0.60 14.88 4.83
N ASP B 69 0.25 13.76 4.19
CA ASP B 69 -0.13 12.54 4.90
C ASP B 69 0.87 11.41 4.69
N ARG B 70 2.10 11.73 4.30
CA ARG B 70 3.13 10.73 4.06
C ARG B 70 4.39 11.09 4.84
N PRO B 71 5.15 10.09 5.29
CA PRO B 71 6.42 10.38 5.96
C PRO B 71 7.48 10.76 4.94
N ALA B 72 8.59 11.27 5.47
CA ALA B 72 9.74 11.61 4.62
C ALA B 72 10.16 10.44 3.73
N ALA B 73 10.10 9.22 4.26
CA ALA B 73 10.60 8.05 3.52
C ALA B 73 9.81 7.79 2.23
N ALA B 74 8.53 8.19 2.18
CA ALA B 74 7.68 7.86 1.03
C ALA B 74 8.18 8.50 -0.25
N SER B 75 8.94 9.60 -0.18
CA SER B 75 9.40 10.26 -1.39
C SER B 75 10.88 10.02 -1.67
N ARG B 76 11.55 9.23 -0.83
CA ARG B 76 12.94 8.86 -1.03
C ARG B 76 13.01 7.49 -1.68
N PRO B 77 13.48 7.38 -2.92
CA PRO B 77 13.31 6.13 -3.67
C PRO B 77 14.16 4.95 -3.15
N GLU B 78 15.25 5.21 -2.43
CA GLU B 78 16.07 4.09 -1.93
C GLU B 78 15.30 3.19 -0.98
N THR B 79 14.21 3.66 -0.38
CA THR B 79 13.44 2.84 0.53
C THR B 79 12.51 1.88 -0.20
N TYR B 80 12.35 2.03 -1.51
CA TYR B 80 11.59 1.10 -2.33
C TYR B 80 12.46 0.02 -2.95
N VAL B 81 13.77 0.11 -2.78
CA VAL B 81 14.73 -0.79 -3.42
C VAL B 81 15.46 -1.52 -2.31
N ALA B 82 15.27 -2.83 -2.24
CA ALA B 82 15.96 -3.64 -1.23
C ALA B 82 17.12 -4.42 -1.82
N THR B 83 17.20 -4.52 -3.14
CA THR B 83 18.25 -5.29 -3.79
C THR B 83 19.55 -4.48 -3.86
N GLU B 84 20.65 -5.21 -4.00
CA GLU B 84 21.97 -4.58 -4.07
C GLU B 84 22.18 -3.81 -5.38
N PHE B 85 21.61 -4.29 -6.48
CA PHE B 85 21.75 -3.67 -7.79
C PHE B 85 20.41 -3.12 -8.25
N VAL B 86 20.46 -2.08 -9.08
CA VAL B 86 19.25 -1.43 -9.59
C VAL B 86 19.48 -1.11 -11.06
N ALA B 87 18.46 -1.36 -11.88
CA ALA B 87 18.55 -1.19 -13.34
C ALA B 87 17.56 -0.12 -13.77
N LEU B 88 18.08 0.99 -14.30
CA LEU B 88 17.26 2.05 -14.88
C LEU B 88 16.86 1.66 -16.29
N VAL B 89 15.56 1.47 -16.52
CA VAL B 89 15.05 1.03 -17.80
C VAL B 89 14.18 2.14 -18.37
N PRO B 90 14.37 2.54 -19.63
CA PRO B 90 13.53 3.59 -20.20
C PRO B 90 12.26 3.03 -20.82
N ASP B 91 11.24 3.87 -20.86
CA ASP B 91 10.02 3.52 -21.57
C ASP B 91 10.32 3.26 -23.04
N GLY B 92 9.68 2.23 -23.58
CA GLY B 92 9.92 1.78 -24.94
C GLY B 92 10.85 0.59 -25.03
N ALA B 93 11.47 0.18 -23.93
CA ALA B 93 12.32 -0.98 -23.91
C ALA B 93 11.51 -2.22 -23.56
N ARG B 94 12.15 -3.38 -23.56
CA ARG B 94 11.39 -4.60 -23.35
C ARG B 94 12.35 -5.77 -23.14
N ALA B 95 12.01 -6.65 -22.18
CA ALA B 95 12.84 -7.80 -21.81
C ALA B 95 12.31 -9.04 -22.54
N GLU B 96 13.02 -9.50 -23.58
CA GLU B 96 12.67 -10.72 -24.29
C GLU B 96 13.58 -11.86 -23.91
N ALA B 97 14.84 -11.78 -24.33
CA ALA B 97 15.82 -12.78 -23.96
C ALA B 97 15.93 -12.85 -22.45
N PRO B 98 15.57 -13.97 -21.83
CA PRO B 98 15.66 -14.07 -20.37
C PRO B 98 17.09 -13.96 -19.89
N GLY B 99 17.24 -13.57 -18.62
CA GLY B 99 18.53 -13.51 -17.99
C GLY B 99 19.43 -12.37 -18.43
N LEU B 100 18.88 -11.35 -19.08
CA LEU B 100 19.71 -10.25 -19.57
C LEU B 100 20.23 -9.40 -18.43
N LEU B 101 19.40 -9.13 -17.43
CA LEU B 101 19.88 -8.40 -16.25
C LEU B 101 20.96 -9.19 -15.53
N GLU B 102 20.81 -10.52 -15.48
CA GLU B 102 21.76 -11.34 -14.73
C GLU B 102 23.17 -11.25 -15.32
N ARG B 103 23.30 -11.08 -16.64
CA ARG B 103 24.64 -10.98 -17.18
C ARG B 103 25.19 -9.57 -17.11
N MET B 104 24.31 -8.57 -17.07
CA MET B 104 24.76 -7.21 -16.76
C MET B 104 25.41 -7.15 -15.39
N VAL B 105 24.87 -7.88 -14.41
CA VAL B 105 25.46 -7.81 -13.08
C VAL B 105 26.85 -8.44 -13.08
N GLU B 106 27.03 -9.57 -13.78
CA GLU B 106 28.35 -10.20 -13.80
C GLU B 106 29.34 -9.43 -14.66
N ALA B 107 28.86 -8.65 -15.64
CA ALA B 107 29.73 -7.71 -16.33
C ALA B 107 30.23 -6.64 -15.37
N LEU B 108 29.36 -6.15 -14.48
CA LEU B 108 29.75 -5.11 -13.53
C LEU B 108 30.78 -5.63 -12.53
N ARG B 109 30.54 -6.82 -11.96
CA ARG B 109 31.46 -7.33 -10.95
C ARG B 109 32.82 -7.65 -11.54
N ALA B 110 32.87 -8.00 -12.82
CA ALA B 110 34.14 -8.34 -13.46
C ALA B 110 34.91 -7.09 -13.88
N GLY B 111 34.25 -6.15 -14.55
CA GLY B 111 34.91 -4.95 -15.00
C GLY B 111 35.31 -4.05 -13.85
N SER B 112 35.83 -2.87 -14.22
CA SER B 112 36.22 -1.87 -13.23
C SER B 112 35.26 -0.68 -13.18
N ALA B 113 34.39 -0.54 -14.18
CA ALA B 113 33.43 0.56 -14.20
C ALA B 113 32.35 0.38 -13.13
N ARG B 114 31.89 1.51 -12.60
CA ARG B 114 30.84 1.48 -11.57
C ARG B 114 29.45 1.35 -12.16
N LEU B 115 29.27 1.78 -13.42
CA LEU B 115 28.02 1.61 -14.13
C LEU B 115 28.25 0.78 -15.38
N VAL B 116 27.28 -0.07 -15.70
CA VAL B 116 27.29 -0.81 -16.96
C VAL B 116 25.99 -0.48 -17.67
N ALA B 117 25.99 -0.66 -18.99
CA ALA B 117 24.92 -0.12 -19.80
C ALA B 117 24.65 -1.03 -20.98
N ALA B 118 23.38 -1.10 -21.39
CA ALA B 118 22.98 -1.93 -22.52
C ALA B 118 22.10 -1.08 -23.41
N PRO B 119 22.44 -0.92 -24.68
CA PRO B 119 21.56 -0.15 -25.57
C PRO B 119 20.23 -0.86 -25.75
N VAL B 120 19.20 -0.06 -26.03
CA VAL B 120 17.88 -0.57 -26.37
C VAL B 120 17.68 -0.38 -27.86
N ALA B 121 17.38 -1.47 -28.56
CA ALA B 121 17.21 -1.43 -30.01
C ALA B 121 15.98 -0.63 -30.42
N THR B 122 16.02 0.68 -30.26
CA THR B 122 14.95 1.57 -30.69
C THR B 122 15.44 2.40 -31.87
N ALA B 123 14.71 3.48 -32.17
CA ALA B 123 15.13 4.37 -33.25
C ALA B 123 16.42 5.09 -32.92
N ASN B 124 16.81 5.16 -31.65
CA ASN B 124 18.02 5.87 -31.23
C ASN B 124 18.67 5.14 -30.07
N PRO B 125 19.40 4.06 -30.35
CA PRO B 125 20.15 3.37 -29.29
C PRO B 125 21.26 4.26 -28.73
N ALA B 126 21.65 3.96 -27.48
CA ALA B 126 22.58 4.80 -26.75
C ALA B 126 23.95 4.82 -27.41
N ARG B 127 24.50 6.03 -27.55
CA ARG B 127 25.86 6.27 -28.01
C ARG B 127 26.82 6.45 -26.83
N CYS B 128 28.09 6.18 -27.10
CA CYS B 128 29.15 6.32 -26.11
C CYS B 128 29.77 7.70 -26.24
N LEU B 129 29.80 8.46 -25.14
CA LEU B 129 30.27 9.85 -25.20
C LEU B 129 31.27 10.16 -24.08
N ALA B 130 32.09 11.18 -24.34
CA ALA B 130 32.92 11.78 -23.30
C ALA B 130 32.22 13.00 -22.72
N LEU B 131 32.59 13.35 -21.49
CA LEU B 131 31.92 14.45 -20.78
C LEU B 131 32.83 14.96 -19.68
N ASN B 132 33.13 16.25 -19.73
CA ASN B 132 33.78 16.97 -18.64
C ASN B 132 32.80 18.00 -18.12
N VAL B 133 32.79 18.17 -16.80
CA VAL B 133 31.91 19.11 -16.14
C VAL B 133 32.76 20.07 -15.31
N SER B 134 32.54 21.36 -15.52
CA SER B 134 33.32 22.40 -14.87
C SER B 134 32.34 23.35 -14.20
N LEU B 135 31.97 23.02 -12.97
CA LEU B 135 31.03 23.86 -12.21
C LEU B 135 31.54 25.29 -12.10
N ARG B 136 32.84 25.47 -11.89
N ARG B 136 32.85 25.47 -11.89
CA ARG B 136 33.37 26.83 -11.76
CA ARG B 136 33.41 26.81 -11.77
C ARG B 136 33.05 27.67 -12.98
C ARG B 136 33.08 27.68 -12.98
N GLU B 137 32.99 27.07 -14.16
CA GLU B 137 32.66 27.76 -15.40
C GLU B 137 31.25 27.48 -15.88
N TRP B 138 30.43 26.78 -15.08
CA TRP B 138 29.04 26.50 -15.42
C TRP B 138 28.91 25.77 -16.75
N THR B 139 29.80 24.84 -17.02
CA THR B 139 29.91 24.31 -18.37
C THR B 139 30.08 22.80 -18.35
N ALA B 140 29.41 22.12 -19.28
CA ALA B 140 29.60 20.70 -19.53
C ALA B 140 29.98 20.50 -20.99
N ARG B 141 31.09 19.82 -21.24
CA ARG B 141 31.64 19.63 -22.58
C ARG B 141 31.58 18.17 -22.97
N TYR B 142 30.72 17.84 -23.93
CA TYR B 142 30.65 16.47 -24.43
C TYR B 142 31.54 16.31 -25.65
N GLY B 143 32.04 15.08 -25.84
CA GLY B 143 32.82 14.76 -27.02
C GLY B 143 32.66 13.30 -27.39
N ALA B 144 33.26 12.95 -28.51
CA ALA B 144 33.28 11.55 -28.93
C ALA B 144 34.14 10.75 -27.96
N ALA B 145 33.71 9.52 -27.69
CA ALA B 145 34.33 8.67 -26.69
C ALA B 145 35.77 8.31 -27.05
N PRO B 146 36.77 8.69 -26.24
CA PRO B 146 38.16 8.37 -26.60
C PRO B 146 38.44 6.89 -26.62
N ALA B 147 37.90 6.16 -25.65
CA ALA B 147 38.20 4.74 -25.45
C ALA B 147 36.91 3.96 -25.24
N ALA B 148 35.98 4.05 -26.20
CA ALA B 148 34.82 3.18 -26.19
C ALA B 148 35.28 1.72 -26.17
N PRO B 149 34.53 0.82 -25.49
CA PRO B 149 33.20 0.97 -24.92
C PRO B 149 33.12 1.56 -23.50
N ARG B 150 34.21 2.14 -23.02
CA ARG B 150 34.21 2.89 -21.76
C ARG B 150 33.82 4.33 -22.06
N CYS B 151 32.86 4.88 -21.31
CA CYS B 151 32.34 6.20 -21.60
C CYS B 151 32.22 6.99 -20.31
N ASP B 152 32.24 8.32 -20.42
CA ASP B 152 31.80 9.19 -19.34
C ASP B 152 30.29 9.31 -19.27
N ALA B 153 29.61 9.09 -20.38
CA ALA B 153 28.19 9.38 -20.50
C ALA B 153 27.66 8.66 -21.74
N LEU B 154 26.34 8.65 -21.86
CA LEU B 154 25.65 8.07 -23.01
C LEU B 154 24.60 9.04 -23.49
N ASP B 155 24.19 8.88 -24.75
CA ASP B 155 23.02 9.57 -25.26
C ASP B 155 22.26 8.61 -26.17
N GLY B 156 20.96 8.54 -25.98
CA GLY B 156 20.15 7.48 -26.55
C GLY B 156 19.64 6.57 -25.46
N ASP B 157 18.80 5.61 -25.88
CA ASP B 157 18.12 4.74 -24.95
C ASP B 157 19.03 3.61 -24.47
N ALA B 158 19.18 3.50 -23.15
CA ALA B 158 19.96 2.41 -22.58
C ALA B 158 19.35 1.93 -21.27
N VAL B 159 19.55 0.64 -20.99
CA VAL B 159 19.36 0.10 -19.65
C VAL B 159 20.68 0.28 -18.90
N VAL B 160 20.64 0.98 -17.78
CA VAL B 160 21.83 1.25 -16.98
C VAL B 160 21.68 0.53 -15.65
N LEU B 161 22.68 -0.28 -15.31
CA LEU B 161 22.71 -0.98 -14.03
C LEU B 161 23.89 -0.50 -13.21
N LEU B 162 23.64 -0.25 -11.93
CA LEU B 162 24.68 0.10 -10.97
C LEU B 162 24.19 -0.33 -9.60
N ARG B 163 25.09 -0.29 -8.62
CA ARG B 163 24.71 -0.63 -7.26
C ARG B 163 23.78 0.44 -6.70
N ALA B 164 22.78 0.00 -5.93
CA ALA B 164 21.84 0.95 -5.33
C ALA B 164 22.54 1.94 -4.43
N ARG B 165 23.52 1.47 -3.64
CA ARG B 165 24.27 2.37 -2.78
C ARG B 165 24.93 3.49 -3.58
N ASP B 166 25.35 3.20 -4.82
CA ASP B 166 26.00 4.23 -5.63
C ASP B 166 24.99 5.15 -6.26
N LEU B 167 23.90 4.59 -6.81
CA LEU B 167 22.88 5.43 -7.41
C LEU B 167 22.26 6.38 -6.39
N PHE B 168 21.89 5.86 -5.22
CA PHE B 168 21.12 6.66 -4.26
C PHE B 168 21.99 7.48 -3.33
N ASN B 169 23.31 7.35 -3.38
CA ASN B 169 24.16 8.35 -2.75
C ASN B 169 24.37 9.59 -3.62
N LEU B 170 23.83 9.62 -4.84
CA LEU B 170 23.87 10.83 -5.64
C LEU B 170 22.85 11.85 -5.12
N SER B 171 23.16 13.14 -5.31
CA SER B 171 22.33 14.19 -4.75
C SER B 171 20.94 14.25 -5.38
N ALA B 172 20.83 13.90 -6.66
CA ALA B 172 19.56 13.93 -7.39
C ALA B 172 19.50 12.70 -8.28
N PRO B 173 19.29 11.53 -7.69
CA PRO B 173 19.44 10.27 -8.45
C PRO B 173 18.48 10.15 -9.62
N LEU B 174 17.27 10.68 -9.49
CA LEU B 174 16.25 10.44 -10.50
C LEU B 174 15.73 11.73 -11.11
N ALA B 175 16.52 12.80 -11.06
CA ALA B 175 16.16 14.03 -11.76
C ALA B 175 16.04 13.78 -13.25
N ARG B 176 15.07 14.45 -13.88
CA ARG B 176 14.84 14.22 -15.30
C ARG B 176 15.41 15.36 -16.14
N PRO B 177 15.87 15.10 -17.39
CA PRO B 177 15.94 13.76 -17.98
C PRO B 177 17.10 12.94 -17.40
N VAL B 178 16.86 11.67 -17.08
CA VAL B 178 17.87 10.86 -16.43
C VAL B 178 19.12 10.74 -17.30
N GLY B 179 18.93 10.64 -18.61
CA GLY B 179 20.08 10.51 -19.51
C GLY B 179 21.06 11.66 -19.36
N THR B 180 20.54 12.86 -19.15
CA THR B 180 21.41 14.01 -18.90
C THR B 180 21.85 14.05 -17.43
N SER B 181 20.91 13.87 -16.51
CA SER B 181 21.18 14.14 -15.11
C SER B 181 22.16 13.14 -14.51
N LEU B 182 21.98 11.85 -14.81
CA LEU B 182 22.78 10.84 -14.14
C LEU B 182 24.25 10.97 -14.51
N PHE B 183 24.54 11.13 -15.80
CA PHE B 183 25.93 11.11 -16.23
C PHE B 183 26.65 12.41 -15.88
N LEU B 184 25.92 13.53 -15.80
CA LEU B 184 26.52 14.73 -15.22
C LEU B 184 27.03 14.47 -13.81
N GLN B 185 26.27 13.72 -13.01
CA GLN B 185 26.68 13.47 -11.63
C GLN B 185 27.78 12.43 -11.57
N THR B 186 27.72 11.42 -12.43
CA THR B 186 28.74 10.37 -12.38
C THR B 186 30.05 10.83 -13.00
N ALA B 187 30.00 11.54 -14.13
CA ALA B 187 31.23 12.01 -14.77
C ALA B 187 32.01 12.94 -13.85
N LEU B 188 31.31 13.86 -13.18
CA LEU B 188 31.95 14.75 -12.23
C LEU B 188 32.70 14.00 -11.13
N ARG B 189 32.24 12.80 -10.77
CA ARG B 189 32.87 11.98 -9.74
C ARG B 189 33.96 11.07 -10.30
N GLY B 190 34.22 11.13 -11.60
CA GLY B 190 35.20 10.27 -12.22
C GLY B 190 34.75 8.85 -12.45
N TRP B 191 33.46 8.56 -12.30
CA TRP B 191 32.96 7.22 -12.57
C TRP B 191 32.80 6.98 -14.07
N ALA B 192 32.96 5.72 -14.46
CA ALA B 192 32.86 5.31 -15.86
C ALA B 192 31.63 4.42 -16.05
N VAL B 193 31.05 4.51 -17.24
CA VAL B 193 29.95 3.64 -17.65
C VAL B 193 30.43 2.79 -18.82
N GLN B 194 30.23 1.47 -18.72
CA GLN B 194 30.72 0.53 -19.71
C GLN B 194 29.56 0.10 -20.60
N LEU B 195 29.69 0.33 -21.90
CA LEU B 195 28.64 0.04 -22.86
C LEU B 195 28.84 -1.38 -23.37
N LEU B 196 27.89 -2.25 -23.06
CA LEU B 196 28.08 -3.67 -23.24
C LEU B 196 27.53 -4.14 -24.59
N ASP B 197 28.00 -5.30 -25.02
CA ASP B 197 27.49 -5.97 -26.22
C ASP B 197 26.26 -6.82 -25.88
N LEU B 198 25.24 -6.14 -25.35
CA LEU B 198 23.91 -6.70 -25.18
C LEU B 198 22.89 -5.68 -25.65
N THR B 199 21.71 -6.16 -26.02
CA THR B 199 20.66 -5.29 -26.52
C THR B 199 19.31 -5.70 -25.94
N PHE B 200 18.56 -4.73 -25.46
CA PHE B 200 17.17 -4.93 -25.08
C PHE B 200 16.28 -4.59 -26.27
N ALA B 201 15.14 -5.29 -26.35
CA ALA B 201 14.22 -5.07 -27.45
C ALA B 201 13.38 -3.82 -27.21
N ALA B 202 12.74 -3.35 -28.27
CA ALA B 202 11.78 -2.26 -28.16
C ALA B 202 10.40 -2.82 -27.85
N ALA B 203 9.50 -1.92 -27.42
CA ALA B 203 8.11 -2.30 -27.26
C ALA B 203 7.50 -2.66 -28.62
N ARG B 204 6.57 -3.60 -28.61
CA ARG B 204 5.84 -3.94 -29.84
C ARG B 204 4.94 -2.79 -30.26
N GLN B 205 4.27 -2.17 -29.30
CA GLN B 205 3.59 -0.90 -29.53
C GLN B 205 4.39 0.19 -28.84
N PRO B 206 5.46 0.69 -29.46
CA PRO B 206 6.24 1.75 -28.81
C PRO B 206 5.36 2.95 -28.51
N PRO B 207 5.72 3.73 -27.50
CA PRO B 207 4.93 4.93 -27.20
C PRO B 207 5.22 6.04 -28.20
N LEU B 208 4.39 7.08 -28.15
CA LEU B 208 4.53 8.24 -29.03
C LEU B 208 4.48 7.83 -30.50
N ALA B 209 3.42 7.10 -30.86
CA ALA B 209 3.30 6.58 -32.22
C ALA B 209 2.95 7.69 -33.22
N THR B 210 2.08 8.63 -32.83
CA THR B 210 1.67 9.68 -33.73
C THR B 210 2.64 10.85 -33.68
N ALA B 211 2.75 11.57 -34.81
CA ALA B 211 3.66 12.70 -34.89
C ALA B 211 3.28 13.82 -33.92
N HIS B 212 2.02 13.88 -33.47
CA HIS B 212 1.59 14.91 -32.53
C HIS B 212 2.01 14.57 -31.10
N ALA B 213 1.74 13.34 -30.65
CA ALA B 213 2.29 12.91 -29.37
C ALA B 213 3.81 12.81 -29.45
N ARG B 214 4.34 12.27 -30.56
CA ARG B 214 5.76 12.42 -30.82
C ARG B 214 6.15 13.88 -30.84
N TRP B 215 5.19 14.80 -31.01
CA TRP B 215 5.53 16.21 -30.86
C TRP B 215 5.13 16.81 -29.51
N LYS B 216 4.56 16.06 -28.57
CA LYS B 216 4.40 16.70 -27.26
C LYS B 216 5.48 16.29 -26.25
N ALA B 217 6.16 15.17 -26.47
CA ALA B 217 7.16 14.71 -25.50
C ALA B 217 8.40 15.60 -25.52
N GLU B 218 9.00 15.80 -26.69
CA GLU B 218 10.21 16.60 -26.86
C GLU B 218 10.16 17.94 -26.13
N ARG B 219 8.99 18.59 -26.09
CA ARG B 219 8.96 19.97 -25.66
C ARG B 219 8.85 20.07 -24.15
N GLU B 220 8.11 19.13 -23.54
CA GLU B 220 8.24 18.94 -22.10
C GLU B 220 9.60 18.33 -21.76
N GLY B 221 10.13 17.49 -22.65
CA GLY B 221 11.49 17.00 -22.47
C GLY B 221 12.52 18.12 -22.52
N ARG B 222 12.50 18.91 -23.60
CA ARG B 222 13.37 20.08 -23.66
C ARG B 222 13.11 21.03 -22.50
N ALA B 223 11.85 21.15 -22.09
CA ALA B 223 11.55 22.00 -20.94
C ALA B 223 12.16 21.44 -19.66
N ARG B 224 11.93 20.14 -19.38
CA ARG B 224 12.54 19.52 -18.21
C ARG B 224 14.06 19.61 -18.26
N ARG B 225 14.65 19.44 -19.44
CA ARG B 225 16.10 19.52 -19.53
C ARG B 225 16.60 20.93 -19.19
N ALA B 226 15.95 21.97 -19.67
CA ALA B 226 16.40 23.33 -19.35
C ALA B 226 16.19 23.64 -17.88
N ALA B 227 15.10 23.14 -17.28
CA ALA B 227 14.89 23.34 -15.85
C ALA B 227 15.96 22.61 -15.05
N LEU B 228 16.38 21.44 -15.51
CA LEU B 228 17.42 20.69 -14.81
C LEU B 228 18.75 21.45 -14.83
N LEU B 229 19.22 21.83 -16.01
CA LEU B 229 20.54 22.46 -16.11
C LEU B 229 20.60 23.79 -15.36
N ARG B 230 19.51 24.56 -15.38
CA ARG B 230 19.46 25.75 -14.55
C ARG B 230 19.55 25.41 -13.07
N ALA B 231 18.81 24.39 -12.64
CA ALA B 231 18.83 24.00 -11.22
C ALA B 231 20.23 23.59 -10.78
N LEU B 232 20.96 22.88 -11.63
CA LEU B 232 22.29 22.40 -11.29
C LEU B 232 23.40 23.36 -11.68
N GLY B 233 23.07 24.53 -12.24
CA GLY B 233 24.12 25.49 -12.54
C GLY B 233 24.96 25.13 -13.74
N ILE B 234 24.35 24.59 -14.78
CA ILE B 234 25.00 24.42 -16.07
C ILE B 234 24.41 25.49 -16.98
N ARG B 235 25.24 26.45 -17.37
CA ARG B 235 24.83 27.52 -18.29
C ARG B 235 25.09 27.17 -19.75
N LEU B 236 26.12 26.37 -20.02
CA LEU B 236 26.55 26.13 -21.40
C LEU B 236 26.86 24.66 -21.60
N VAL B 237 26.34 24.09 -22.68
CA VAL B 237 26.66 22.73 -23.10
C VAL B 237 27.29 22.81 -24.47
N SER B 238 28.46 22.21 -24.63
CA SER B 238 29.15 22.20 -25.91
C SER B 238 29.46 20.76 -26.31
N TRP B 239 29.54 20.54 -27.62
CA TRP B 239 29.85 19.23 -28.18
C TRP B 239 31.05 19.35 -29.10
N GLU B 240 31.75 18.25 -29.29
CA GLU B 240 32.73 18.19 -30.36
C GLU B 240 31.98 18.28 -31.68
N GLY B 241 32.39 19.23 -32.51
CA GLY B 241 31.57 19.72 -33.60
C GLY B 241 31.19 21.17 -33.44
N GLY B 242 31.45 21.75 -32.27
CA GLY B 242 31.30 23.17 -32.04
C GLY B 242 29.92 23.61 -31.61
N ARG B 243 28.92 22.75 -31.70
CA ARG B 243 27.56 23.13 -31.34
C ARG B 243 27.49 23.52 -29.87
N LEU B 244 26.75 24.59 -29.58
CA LEU B 244 26.60 25.10 -28.22
C LEU B 244 25.13 25.31 -27.89
N GLU B 245 24.76 24.91 -26.68
CA GLU B 245 23.43 25.08 -26.14
C GLU B 245 23.54 25.96 -24.92
N TRP B 246 22.78 27.06 -24.90
CA TRP B 246 22.85 28.00 -23.79
C TRP B 246 21.65 27.82 -22.85
N PHE B 247 21.85 28.22 -21.61
CA PHE B 247 20.79 28.14 -20.60
C PHE B 247 20.98 29.25 -19.57
N GLY B 248 21.45 30.42 -20.02
CA GLY B 248 21.73 31.53 -19.13
C GLY B 248 21.05 32.83 -19.53
N CYS B 249 21.82 33.93 -19.54
CA CYS B 249 21.38 35.22 -20.05
C CYS B 249 21.04 35.14 -21.54
N ASN B 250 20.40 36.20 -22.00
CA ASN B 250 20.42 36.63 -23.38
C ASN B 250 19.99 38.10 -23.38
N LYS B 251 19.75 38.66 -24.56
CA LYS B 251 19.38 40.07 -24.63
C LYS B 251 18.00 40.34 -24.05
N GLU B 252 17.13 39.33 -23.97
CA GLU B 252 15.74 39.51 -23.56
C GLU B 252 15.46 39.12 -22.11
N THR B 253 16.45 38.66 -21.36
CA THR B 253 16.30 38.36 -19.95
C THR B 253 17.06 39.37 -19.10
N THR B 254 17.11 39.11 -17.80
CA THR B 254 18.02 39.81 -16.92
C THR B 254 19.37 39.08 -16.87
N ARG B 255 20.36 39.75 -16.29
CA ARG B 255 21.62 39.06 -16.09
C ARG B 255 21.45 37.98 -15.01
N CYS B 256 22.40 37.03 -14.99
CA CYS B 256 22.28 35.86 -14.12
C CYS B 256 22.36 36.24 -12.65
N PHE B 257 23.25 37.15 -12.29
CA PHE B 257 23.50 37.51 -10.90
C PHE B 257 22.92 38.88 -10.58
N GLY B 258 22.49 39.05 -9.33
CA GLY B 258 21.88 40.30 -8.91
C GLY B 258 22.88 41.42 -8.70
N THR B 259 22.48 42.47 -7.98
CA THR B 259 23.38 43.59 -7.75
C THR B 259 24.50 43.19 -6.79
N VAL B 260 25.70 43.65 -7.10
CA VAL B 260 26.91 43.20 -6.43
C VAL B 260 27.15 44.02 -5.18
N VAL B 261 27.39 43.33 -4.07
CA VAL B 261 27.67 43.95 -2.78
C VAL B 261 29.14 43.72 -2.47
N GLY B 262 29.78 44.74 -1.87
CA GLY B 262 31.17 44.64 -1.51
C GLY B 262 32.08 44.24 -2.65
N ASP B 263 31.72 44.61 -3.88
CA ASP B 263 32.48 44.30 -5.09
C ASP B 263 32.63 42.80 -5.32
N THR B 264 31.92 41.98 -4.54
CA THR B 264 32.04 40.53 -4.63
C THR B 264 30.71 39.93 -5.07
N PRO B 265 30.59 39.53 -6.33
CA PRO B 265 29.31 38.98 -6.84
C PRO B 265 28.97 37.65 -6.18
N ALA B 266 27.66 37.32 -6.21
CA ALA B 266 27.17 36.13 -5.51
C ALA B 266 27.88 34.86 -5.96
N TYR B 267 28.22 34.74 -7.26
CA TYR B 267 28.75 33.48 -7.75
C TYR B 267 30.09 33.13 -7.10
N LEU B 268 30.90 34.12 -6.74
CA LEU B 268 32.18 33.85 -6.07
C LEU B 268 31.99 33.16 -4.73
N TYR B 269 30.94 33.51 -3.99
CA TYR B 269 30.67 32.84 -2.72
C TYR B 269 30.25 31.39 -2.96
N GLU B 270 29.65 31.11 -4.11
CA GLU B 270 29.32 29.75 -4.50
C GLU B 270 30.52 29.04 -5.11
N GLU B 271 31.70 29.67 -5.02
CA GLU B 271 32.95 29.11 -5.54
C GLU B 271 32.86 28.83 -7.03
N ARG B 272 32.12 29.65 -7.74
CA ARG B 272 32.09 29.65 -9.19
C ARG B 272 32.59 31.00 -9.70
N TRP B 273 32.86 31.06 -10.99
CA TRP B 273 33.26 32.31 -11.61
C TRP B 273 32.12 32.87 -12.46
N THR B 274 32.41 33.90 -13.25
CA THR B 274 31.35 34.59 -13.98
C THR B 274 30.68 33.63 -14.94
N PRO B 275 29.36 33.60 -15.02
CA PRO B 275 28.69 32.64 -15.91
C PRO B 275 29.06 32.89 -17.36
N PRO B 276 29.23 31.83 -18.16
CA PRO B 276 29.73 32.03 -19.53
C PRO B 276 28.84 32.92 -20.39
N CYS B 277 27.54 32.99 -20.09
CA CYS B 277 26.62 33.83 -20.85
C CYS B 277 26.76 35.30 -20.49
N CYS B 278 27.13 35.59 -19.24
CA CYS B 278 27.35 36.98 -18.83
C CYS B 278 28.65 37.50 -19.44
N LEU B 279 29.73 36.73 -19.35
CA LEU B 279 30.99 37.12 -19.99
C LEU B 279 30.78 37.36 -21.48
N ARG B 280 29.98 36.53 -22.11
CA ARG B 280 29.84 36.60 -23.55
C ARG B 280 29.00 37.81 -23.97
N ALA B 281 27.97 38.16 -23.20
CA ALA B 281 27.31 39.44 -23.42
C ALA B 281 28.28 40.59 -23.21
N LEU B 282 29.12 40.52 -22.16
CA LEU B 282 30.06 41.60 -21.90
C LEU B 282 31.03 41.77 -23.06
N ARG B 283 31.50 40.67 -23.64
CA ARG B 283 32.43 40.75 -24.76
C ARG B 283 31.75 41.34 -26.00
N GLU B 284 30.51 40.97 -26.28
CA GLU B 284 29.87 41.52 -27.46
C GLU B 284 29.37 42.94 -27.24
N THR B 285 29.18 43.34 -25.98
CA THR B 285 28.90 44.74 -25.66
C THR B 285 30.16 45.59 -25.71
N ALA B 286 31.29 45.06 -25.23
CA ALA B 286 32.55 45.80 -25.33
C ALA B 286 32.94 45.98 -26.80
N ARG B 287 32.79 44.93 -27.61
CA ARG B 287 33.08 45.06 -29.04
C ARG B 287 32.21 46.13 -29.68
N TYR B 288 30.91 46.10 -29.38
CA TYR B 288 29.99 47.04 -30.04
C TYR B 288 30.29 48.48 -29.64
N VAL B 289 30.49 48.74 -28.34
CA VAL B 289 30.75 50.09 -27.86
C VAL B 289 32.06 50.62 -28.43
N VAL B 290 33.11 49.78 -28.45
CA VAL B 290 34.38 50.21 -29.04
C VAL B 290 34.18 50.63 -30.49
N GLY B 291 33.36 49.89 -31.23
CA GLY B 291 33.13 50.24 -32.62
C GLY B 291 32.35 51.54 -32.76
N VAL B 292 31.43 51.80 -31.83
CA VAL B 292 30.69 53.06 -31.87
C VAL B 292 31.63 54.21 -31.56
N LEU B 293 32.49 54.04 -30.56
CA LEU B 293 33.35 55.14 -30.14
C LEU B 293 34.42 55.45 -31.19
N GLU B 294 34.98 54.41 -31.82
CA GLU B 294 35.95 54.63 -32.90
C GLU B 294 35.31 55.35 -34.07
N ALA B 295 34.10 54.93 -34.45
CA ALA B 295 33.42 55.56 -35.57
C ALA B 295 33.00 57.00 -35.23
N ALA B 296 32.80 57.30 -33.94
CA ALA B 296 32.44 58.65 -33.50
C ALA B 296 33.66 59.54 -33.29
N GLY B 297 34.86 58.98 -33.28
CA GLY B 297 36.03 59.79 -33.03
C GLY B 297 36.19 60.14 -31.58
N VAL B 298 35.83 59.23 -30.68
CA VAL B 298 36.07 59.36 -29.26
C VAL B 298 37.33 58.58 -28.92
N ARG B 299 38.31 59.26 -28.31
CA ARG B 299 39.51 58.57 -27.85
C ARG B 299 39.19 57.76 -26.61
N TYR B 300 39.42 56.44 -26.69
CA TYR B 300 39.15 55.53 -25.58
C TYR B 300 40.37 54.68 -25.30
N TRP B 301 40.41 54.11 -24.10
CA TRP B 301 41.45 53.14 -23.77
C TRP B 301 40.88 52.17 -22.75
N LEU B 302 41.38 50.93 -22.80
CA LEU B 302 41.01 49.96 -21.78
C LEU B 302 41.44 50.50 -20.42
N GLU B 303 40.59 50.27 -19.41
CA GLU B 303 40.86 50.72 -18.06
C GLU B 303 40.58 49.58 -17.08
N GLY B 304 40.95 49.82 -15.82
CA GLY B 304 40.67 48.91 -14.72
C GLY B 304 40.90 47.43 -15.02
N GLY B 305 39.91 46.61 -14.64
CA GLY B 305 40.06 45.17 -14.80
C GLY B 305 40.08 44.73 -16.24
N SER B 306 39.49 45.53 -17.14
CA SER B 306 39.53 45.18 -18.55
C SER B 306 40.96 45.22 -19.08
N LEU B 307 41.70 46.29 -18.77
CA LEU B 307 43.10 46.39 -19.19
C LEU B 307 43.95 45.34 -18.48
N LEU B 308 43.62 45.05 -17.21
CA LEU B 308 44.35 44.03 -16.48
C LEU B 308 44.15 42.65 -17.10
N GLY B 309 42.91 42.32 -17.49
CA GLY B 309 42.68 41.06 -18.17
C GLY B 309 43.28 41.04 -19.56
N ALA B 310 43.25 42.18 -20.26
CA ALA B 310 43.90 42.26 -21.57
C ALA B 310 45.39 41.94 -21.44
N ALA B 311 46.07 42.58 -20.47
CA ALA B 311 47.51 42.39 -20.36
C ALA B 311 47.87 40.98 -19.87
N ARG B 312 46.94 40.29 -19.21
CA ARG B 312 47.23 38.93 -18.76
C ARG B 312 47.04 37.92 -19.88
N HIS B 313 45.85 37.92 -20.49
CA HIS B 313 45.54 36.88 -21.47
C HIS B 313 44.64 37.41 -22.58
N GLY B 314 44.52 38.72 -22.71
CA GLY B 314 43.74 39.30 -23.79
C GLY B 314 42.24 39.04 -23.73
N ASP B 315 41.66 39.04 -22.52
CA ASP B 315 40.25 38.73 -22.35
C ASP B 315 39.81 39.16 -20.95
N ILE B 316 38.50 39.06 -20.71
CA ILE B 316 37.93 39.46 -19.43
C ILE B 316 38.49 38.57 -18.33
N ILE B 317 38.76 39.17 -17.17
CA ILE B 317 39.16 38.37 -16.01
C ILE B 317 38.03 37.40 -15.65
N PRO B 318 38.32 36.10 -15.47
CA PRO B 318 37.24 35.10 -15.49
C PRO B 318 36.20 35.25 -14.39
N TRP B 319 36.45 36.02 -13.33
CA TRP B 319 35.43 36.29 -12.32
C TRP B 319 34.89 37.71 -12.40
N ASP B 320 35.29 38.49 -13.40
CA ASP B 320 34.94 39.90 -13.48
C ASP B 320 33.52 40.08 -14.01
N TYR B 321 32.88 41.17 -13.60
CA TYR B 321 31.46 41.39 -13.85
C TYR B 321 31.14 42.59 -14.75
N ASP B 322 32.13 43.40 -15.16
CA ASP B 322 31.84 44.46 -16.12
C ASP B 322 33.11 44.78 -16.92
N VAL B 323 32.98 45.71 -17.87
CA VAL B 323 34.08 46.18 -18.71
C VAL B 323 34.25 47.68 -18.48
N ASP B 324 35.50 48.14 -18.35
CA ASP B 324 35.78 49.56 -18.12
C ASP B 324 36.62 50.15 -19.24
N LEU B 325 36.21 51.31 -19.74
CA LEU B 325 37.00 52.08 -20.66
C LEU B 325 37.10 53.51 -20.17
N GLY B 326 38.26 54.13 -20.36
CA GLY B 326 38.43 55.55 -20.14
C GLY B 326 38.28 56.26 -21.46
N ILE B 327 37.69 57.46 -21.42
CA ILE B 327 37.55 58.32 -22.59
C ILE B 327 37.95 59.74 -22.21
N TYR B 328 38.37 60.50 -23.21
CA TYR B 328 38.59 61.93 -23.02
C TYR B 328 37.24 62.62 -22.80
N LEU B 329 37.13 63.39 -21.72
CA LEU B 329 35.88 64.11 -21.45
C LEU B 329 35.52 65.05 -22.60
N GLU B 330 36.50 65.70 -23.21
CA GLU B 330 36.17 66.64 -24.28
C GLU B 330 35.66 65.94 -25.54
N ASP B 331 35.63 64.61 -25.56
CA ASP B 331 35.17 63.87 -26.74
C ASP B 331 33.71 63.44 -26.66
N VAL B 332 33.03 63.63 -25.52
CA VAL B 332 31.69 63.05 -25.37
C VAL B 332 30.75 63.59 -26.43
N GLY B 333 30.91 64.86 -26.82
CA GLY B 333 30.01 65.46 -27.80
C GLY B 333 30.14 64.87 -29.18
N ASN B 334 31.23 64.17 -29.46
CA ASN B 334 31.43 63.57 -30.77
C ASN B 334 30.50 62.39 -31.02
N CYS B 335 29.96 61.79 -29.96
CA CYS B 335 29.15 60.58 -30.06
C CYS B 335 27.68 60.91 -29.83
N GLU B 336 26.83 60.45 -30.75
CA GLU B 336 25.40 60.71 -30.65
C GLU B 336 24.81 60.09 -29.38
N GLN B 337 25.15 58.84 -29.09
CA GLN B 337 24.57 58.16 -27.93
C GLN B 337 24.98 58.82 -26.62
N LEU B 338 26.21 59.36 -26.55
CA LEU B 338 26.65 59.97 -25.31
C LEU B 338 25.92 61.28 -25.03
N ARG B 339 25.52 62.00 -26.09
CA ARG B 339 24.87 63.30 -25.91
C ARG B 339 23.42 63.13 -25.49
N GLY B 340 22.74 62.12 -26.02
CA GLY B 340 21.43 61.79 -25.50
C GLY B 340 21.48 61.31 -24.06
N ALA B 341 22.60 60.69 -23.67
CA ALA B 341 22.73 60.10 -22.34
C ALA B 341 22.62 61.15 -21.24
N GLU B 342 23.18 62.34 -21.45
CA GLU B 342 23.11 63.38 -20.42
C GLU B 342 21.74 64.06 -20.38
N ALA B 343 20.91 63.83 -21.39
CA ALA B 343 19.49 64.18 -21.30
C ALA B 343 18.68 63.11 -20.62
N GLY B 344 19.07 61.84 -20.75
CA GLY B 344 18.30 60.75 -20.21
C GLY B 344 18.84 59.42 -20.70
N SER B 345 18.09 58.35 -20.42
CA SER B 345 18.46 57.02 -20.91
C SER B 345 18.09 56.87 -22.38
N VAL B 346 19.02 56.31 -23.15
CA VAL B 346 18.92 56.22 -24.59
C VAL B 346 19.00 54.74 -25.01
N VAL B 347 18.03 54.30 -25.78
CA VAL B 347 18.03 52.94 -26.34
C VAL B 347 18.34 53.09 -27.82
N ASP B 348 19.52 52.60 -28.25
CA ASP B 348 19.96 52.92 -29.60
C ASP B 348 19.52 51.86 -30.61
N GLU B 349 20.14 51.93 -31.80
CA GLU B 349 19.72 51.14 -32.97
C GLU B 349 19.63 49.64 -32.70
N ARG B 350 20.45 49.10 -31.81
CA ARG B 350 20.53 47.66 -31.59
C ARG B 350 20.28 47.26 -30.15
N GLY B 351 19.55 48.11 -29.40
CA GLY B 351 19.03 47.74 -28.11
C GLY B 351 19.92 48.06 -26.93
N PHE B 352 21.15 48.50 -27.16
CA PHE B 352 22.01 48.89 -26.04
C PHE B 352 21.48 50.16 -25.41
N VAL B 353 21.67 50.28 -24.09
CA VAL B 353 21.11 51.38 -23.31
C VAL B 353 22.26 52.23 -22.79
N TRP B 354 22.30 53.49 -23.24
CA TRP B 354 23.33 54.43 -22.84
C TRP B 354 22.77 55.36 -21.78
N GLU B 355 23.50 55.56 -20.68
CA GLU B 355 23.01 56.36 -19.58
C GLU B 355 24.13 57.11 -18.87
N LYS B 356 23.80 58.30 -18.37
CA LYS B 356 24.67 58.99 -17.41
C LYS B 356 24.38 58.43 -16.02
N ALA B 357 25.43 57.97 -15.33
CA ALA B 357 25.23 57.24 -14.09
C ALA B 357 24.82 58.17 -12.95
N VAL B 358 24.05 57.60 -12.01
CA VAL B 358 23.61 58.34 -10.83
C VAL B 358 24.73 58.44 -9.79
N GLU B 359 25.48 57.35 -9.61
CA GLU B 359 26.59 57.30 -8.65
C GLU B 359 27.60 58.40 -8.91
N GLY B 360 28.49 58.19 -9.88
CA GLY B 360 29.50 59.17 -10.22
C GLY B 360 29.21 59.89 -11.52
N ASP B 361 30.21 60.65 -11.97
CA ASP B 361 30.14 61.34 -13.25
C ASP B 361 30.83 60.47 -14.31
N PHE B 362 30.15 59.36 -14.64
CA PHE B 362 30.60 58.46 -15.69
C PHE B 362 29.39 57.93 -16.44
N PHE B 363 29.66 57.20 -17.52
CA PHE B 363 28.63 56.63 -18.38
C PHE B 363 28.60 55.11 -18.25
N ARG B 364 27.46 54.54 -18.63
CA ARG B 364 27.19 53.10 -18.49
C ARG B 364 26.46 52.66 -19.76
N VAL B 365 26.95 51.61 -20.40
CA VAL B 365 26.28 51.06 -21.59
C VAL B 365 25.81 49.65 -21.27
N GLN B 366 24.50 49.50 -21.13
CA GLN B 366 23.92 48.21 -20.78
C GLN B 366 23.60 47.39 -22.03
N TYR B 367 23.81 46.08 -21.89
CA TYR B 367 23.60 45.13 -22.98
C TYR B 367 22.21 45.28 -23.59
N SER B 368 21.18 45.42 -22.74
CA SER B 368 19.81 45.60 -23.22
C SER B 368 19.00 46.29 -22.12
N GLU B 369 17.70 46.47 -22.37
CA GLU B 369 16.85 47.11 -21.38
C GLU B 369 16.69 46.22 -20.13
N SER B 370 16.52 44.92 -20.33
CA SER B 370 16.35 44.00 -19.21
C SER B 370 17.67 43.48 -18.64
N ASN B 371 18.74 43.43 -19.45
CA ASN B 371 20.00 42.80 -19.05
C ASN B 371 21.03 43.87 -18.72
N HIS B 372 21.34 44.04 -17.43
CA HIS B 372 22.21 45.15 -17.01
C HIS B 372 23.67 44.74 -16.87
N LEU B 373 24.16 43.86 -17.72
CA LEU B 373 25.60 43.75 -17.94
C LEU B 373 26.06 44.94 -18.78
N HIS B 374 27.20 45.52 -18.41
CA HIS B 374 27.44 46.86 -18.90
C HIS B 374 28.93 47.14 -19.10
N VAL B 375 29.19 48.09 -20.00
CA VAL B 375 30.48 48.75 -20.12
C VAL B 375 30.37 50.11 -19.47
N ASP B 376 31.30 50.41 -18.56
CA ASP B 376 31.37 51.72 -17.93
C ASP B 376 32.39 52.59 -18.65
N LEU B 377 32.00 53.82 -18.95
CA LEU B 377 32.86 54.78 -19.62
C LEU B 377 33.28 55.85 -18.62
N TRP B 378 34.58 55.91 -18.33
CA TRP B 378 35.11 56.82 -17.32
C TRP B 378 35.72 58.04 -18.01
N PRO B 379 35.01 59.18 -18.06
CA PRO B 379 35.53 60.35 -18.76
C PRO B 379 36.63 61.03 -17.94
N PHE B 380 37.75 61.29 -18.60
CA PHE B 380 38.89 61.98 -18.00
C PHE B 380 39.19 63.23 -18.82
N TYR B 381 39.77 64.22 -18.17
CA TYR B 381 40.21 65.42 -18.85
C TYR B 381 41.58 65.82 -18.32
N PRO B 382 42.43 66.39 -19.17
CA PRO B 382 43.79 66.72 -18.75
C PRO B 382 43.84 67.92 -17.83
N ARG B 383 44.90 67.98 -17.04
CA ARG B 383 45.08 69.08 -16.11
C ARG B 383 46.35 69.84 -16.47
N ASN B 384 47.48 69.43 -15.93
CA ASN B 384 48.74 69.90 -16.48
C ASN B 384 49.55 68.68 -16.88
N GLY B 385 49.02 67.92 -17.84
CA GLY B 385 49.59 66.63 -18.16
C GLY B 385 49.08 65.48 -17.34
N VAL B 386 48.13 65.72 -16.42
CA VAL B 386 47.61 64.70 -15.51
C VAL B 386 46.12 64.50 -15.79
N MET B 387 45.75 63.29 -16.22
CA MET B 387 44.36 62.96 -16.46
C MET B 387 43.60 62.88 -15.13
N THR B 388 42.45 63.54 -15.05
CA THR B 388 41.70 63.65 -13.82
C THR B 388 40.21 63.63 -14.14
N LYS B 389 39.42 63.26 -13.15
CA LYS B 389 37.98 63.50 -13.15
C LYS B 389 37.59 64.08 -11.80
N ASP B 390 36.35 64.56 -11.70
CA ASP B 390 35.88 65.22 -10.48
C ASP B 390 35.20 64.27 -9.51
N THR B 391 34.93 63.01 -9.91
CA THR B 391 34.29 62.02 -9.06
C THR B 391 35.25 60.84 -8.85
N TRP B 392 35.15 60.20 -7.68
CA TRP B 392 36.07 59.12 -7.34
C TRP B 392 35.35 58.03 -6.55
N LEU B 393 35.80 56.80 -6.75
CA LEU B 393 35.32 55.63 -6.02
C LEU B 393 36.31 55.25 -4.93
N ASP B 394 35.86 54.35 -4.05
CA ASP B 394 36.73 53.79 -3.02
C ASP B 394 37.54 52.60 -3.54
N HIS B 395 37.99 52.67 -4.79
CA HIS B 395 38.88 51.69 -5.36
C HIS B 395 40.31 52.22 -5.33
N ARG B 396 41.27 51.32 -5.11
CA ARG B 396 42.67 51.75 -5.11
C ARG B 396 43.12 52.14 -6.51
N GLN B 397 42.63 51.45 -7.54
CA GLN B 397 43.00 51.71 -8.92
C GLN B 397 42.22 52.87 -9.56
N ASP B 398 41.43 53.60 -8.78
CA ASP B 398 40.67 54.75 -9.28
C ASP B 398 41.46 56.00 -8.89
N VAL B 399 42.40 56.39 -9.76
CA VAL B 399 43.38 57.43 -9.49
C VAL B 399 43.61 58.23 -10.77
N GLU B 400 44.26 59.38 -10.61
CA GLU B 400 44.76 60.09 -11.77
C GLU B 400 46.07 59.46 -12.25
N PHE B 401 46.51 59.87 -13.43
CA PHE B 401 47.68 59.27 -14.06
C PHE B 401 48.20 60.22 -15.12
N PRO B 402 49.50 60.18 -15.42
CA PRO B 402 50.06 61.10 -16.44
C PRO B 402 49.49 60.85 -17.83
N GLU B 403 49.20 61.95 -18.53
CA GLU B 403 48.59 61.85 -19.86
C GLU B 403 49.53 61.21 -20.89
N HIS B 404 50.85 61.31 -20.73
CA HIS B 404 51.76 60.66 -21.68
C HIS B 404 51.47 59.17 -21.83
N PHE B 405 50.89 58.52 -20.82
CA PHE B 405 50.45 57.13 -20.98
C PHE B 405 49.45 56.96 -22.11
N LEU B 406 48.83 58.06 -22.54
CA LEU B 406 47.84 58.04 -23.61
C LEU B 406 48.37 58.60 -24.91
N GLN B 407 49.64 59.03 -24.96
CA GLN B 407 50.22 59.64 -26.16
C GLN B 407 51.45 58.83 -26.56
N PRO B 408 51.30 57.84 -27.46
CA PRO B 408 50.04 57.41 -28.06
C PRO B 408 49.47 56.14 -27.40
N LEU B 409 48.29 55.74 -27.85
CA LEU B 409 47.75 54.45 -27.45
C LEU B 409 48.32 53.36 -28.33
N VAL B 410 48.32 52.13 -27.80
CA VAL B 410 48.83 50.98 -28.54
C VAL B 410 47.76 49.90 -28.66
N PRO B 411 47.73 49.16 -29.76
CA PRO B 411 46.76 48.07 -29.89
C PRO B 411 47.03 46.98 -28.87
N LEU B 412 45.96 46.30 -28.44
CA LEU B 412 46.04 45.24 -27.45
C LEU B 412 44.83 44.31 -27.59
N PRO B 413 45.03 43.06 -28.02
CA PRO B 413 43.88 42.15 -28.19
C PRO B 413 43.09 41.98 -26.91
N PHE B 414 41.76 42.09 -27.03
CA PHE B 414 40.87 42.00 -25.89
C PHE B 414 39.51 41.48 -26.34
N ALA B 415 39.09 40.37 -25.75
CA ALA B 415 37.72 39.84 -25.91
C ALA B 415 37.39 39.56 -27.37
N GLY B 416 38.35 39.02 -28.12
CA GLY B 416 38.13 38.61 -29.48
C GLY B 416 38.44 39.66 -30.53
N PHE B 417 38.79 40.88 -30.13
CA PHE B 417 39.11 41.95 -31.07
C PHE B 417 40.30 42.74 -30.52
N VAL B 418 40.83 43.62 -31.35
CA VAL B 418 41.94 44.50 -30.98
C VAL B 418 41.37 45.76 -30.34
N ALA B 419 41.88 46.11 -29.17
CA ALA B 419 41.41 47.28 -28.45
C ALA B 419 42.56 48.26 -28.20
N GLN B 420 42.22 49.52 -28.01
CA GLN B 420 43.23 50.51 -27.70
C GLN B 420 43.52 50.48 -26.21
N ALA B 421 44.80 50.43 -25.86
CA ALA B 421 45.28 50.42 -24.50
C ALA B 421 46.29 51.54 -24.34
N PRO B 422 46.52 52.01 -23.11
CA PRO B 422 47.62 52.96 -22.89
C PRO B 422 48.92 52.34 -23.36
N ASN B 423 49.82 53.18 -23.88
CA ASN B 423 51.19 52.70 -24.05
C ASN B 423 51.77 52.44 -22.67
N ASN B 424 52.71 51.49 -22.59
CA ASN B 424 53.43 51.20 -21.35
C ASN B 424 52.49 50.68 -20.27
N TYR B 425 51.56 49.81 -20.66
CA TYR B 425 50.45 49.46 -19.79
C TYR B 425 50.88 48.65 -18.57
N ARG B 426 52.05 48.03 -18.60
CA ARG B 426 52.54 47.34 -17.41
C ARG B 426 52.77 48.32 -16.26
N ARG B 427 53.47 49.42 -16.53
CA ARG B 427 53.66 50.41 -15.46
C ARG B 427 52.36 51.14 -15.15
N PHE B 428 51.53 51.34 -16.15
CA PHE B 428 50.20 51.91 -15.93
C PHE B 428 49.42 51.07 -14.93
N LEU B 429 49.29 49.78 -15.22
CA LEU B 429 48.60 48.87 -14.32
C LEU B 429 49.26 48.84 -12.95
N GLU B 430 50.59 48.78 -12.90
CA GLU B 430 51.27 48.76 -11.61
C GLU B 430 51.10 50.07 -10.87
N LEU B 431 51.07 51.20 -11.58
CA LEU B 431 50.82 52.48 -10.92
C LEU B 431 49.43 52.49 -10.28
N LYS B 432 48.42 52.01 -11.01
CA LYS B 432 47.07 52.03 -10.47
C LYS B 432 46.83 50.90 -9.47
N PHE B 433 47.33 49.70 -9.75
CA PHE B 433 47.01 48.53 -8.95
C PHE B 433 48.08 48.15 -7.94
N GLY B 434 49.33 48.58 -8.14
CA GLY B 434 50.42 48.16 -7.29
C GLY B 434 51.33 47.17 -7.99
N PRO B 435 52.59 47.10 -7.56
CA PRO B 435 53.57 46.26 -8.26
C PRO B 435 53.17 44.79 -8.27
N GLY B 436 53.45 44.12 -9.39
CA GLY B 436 53.18 42.72 -9.50
C GLY B 436 51.74 42.36 -9.75
N VAL B 437 50.87 43.32 -10.10
CA VAL B 437 49.46 43.04 -10.25
C VAL B 437 49.21 42.05 -11.37
N ILE B 438 49.92 42.21 -12.49
CA ILE B 438 49.70 41.33 -13.62
C ILE B 438 49.93 39.87 -13.22
N GLU B 439 50.93 39.64 -12.37
CA GLU B 439 51.42 38.31 -12.04
C GLU B 439 50.73 37.68 -10.84
N ASN B 440 49.80 38.39 -10.19
CA ASN B 440 49.22 37.96 -8.92
C ASN B 440 47.72 38.20 -8.89
N PRO B 441 46.94 37.32 -9.52
CA PRO B 441 45.49 37.55 -9.59
C PRO B 441 44.88 37.50 -8.19
N GLN B 442 43.86 38.32 -7.97
CA GLN B 442 43.22 38.35 -6.68
C GLN B 442 41.80 38.89 -6.86
N TYR B 443 40.90 38.41 -5.98
CA TYR B 443 39.49 38.77 -6.00
C TYR B 443 39.30 40.26 -5.71
N PRO B 444 38.13 40.81 -6.02
CA PRO B 444 37.92 42.26 -5.83
C PRO B 444 38.08 42.73 -4.39
N ASN B 445 37.70 41.93 -3.41
CA ASN B 445 37.76 42.33 -2.01
C ASN B 445 38.32 41.18 -1.19
N PRO B 446 39.65 41.07 -1.12
CA PRO B 446 40.26 39.94 -0.39
C PRO B 446 39.88 39.90 1.07
N ALA B 447 39.52 41.04 1.68
CA ALA B 447 39.12 41.05 3.08
C ALA B 447 37.83 40.28 3.28
N LEU B 448 36.96 40.23 2.28
CA LEU B 448 35.72 39.49 2.37
C LEU B 448 35.82 38.08 1.77
N LEU B 449 36.49 37.92 0.63
CA LEU B 449 36.65 36.60 0.04
C LEU B 449 37.87 36.63 -0.87
N SER B 450 38.89 35.85 -0.54
CA SER B 450 40.15 35.82 -1.27
C SER B 450 40.24 34.57 -2.14
N LEU B 451 41.22 34.58 -3.04
CA LEU B 451 41.52 33.42 -3.87
C LEU B 451 42.27 32.34 -3.11
N PRO C 7 -4.32 -27.88 -29.25
CA PRO C 7 -5.11 -27.97 -28.01
C PRO C 7 -4.76 -26.86 -27.01
N ARG C 8 -5.75 -26.02 -26.75
CA ARG C 8 -5.54 -24.76 -26.04
C ARG C 8 -6.40 -24.61 -24.80
N VAL C 9 -7.23 -25.60 -24.48
CA VAL C 9 -8.09 -25.59 -23.31
C VAL C 9 -7.74 -26.81 -22.47
N THR C 10 -7.57 -26.60 -21.17
CA THR C 10 -7.30 -27.67 -20.22
C THR C 10 -8.53 -27.87 -19.35
N VAL C 11 -9.11 -29.07 -19.42
CA VAL C 11 -10.23 -29.41 -18.55
C VAL C 11 -9.75 -29.53 -17.12
N LEU C 12 -10.39 -28.79 -16.22
CA LEU C 12 -10.05 -28.81 -14.80
C LEU C 12 -11.28 -29.28 -14.03
N VAL C 13 -11.11 -30.32 -13.22
CA VAL C 13 -12.18 -30.93 -12.46
C VAL C 13 -11.90 -30.69 -10.98
N ARG C 14 -12.80 -30.00 -10.33
CA ARG C 14 -12.61 -29.63 -8.94
C ARG C 14 -13.79 -30.01 -8.05
N GLU C 15 -15.01 -29.92 -8.56
CA GLU C 15 -16.20 -30.18 -7.75
C GLU C 15 -16.63 -31.62 -7.98
N PHE C 16 -16.30 -32.49 -7.03
CA PHE C 16 -16.72 -33.89 -7.01
C PHE C 16 -16.47 -34.40 -5.60
N GLU C 17 -17.06 -35.54 -5.29
CA GLU C 17 -16.86 -36.21 -4.00
C GLU C 17 -16.09 -37.51 -4.20
N ALA C 18 -15.10 -37.73 -3.33
CA ALA C 18 -14.31 -38.96 -3.42
C ALA C 18 -15.20 -40.19 -3.32
N PHE C 19 -16.15 -40.20 -2.39
CA PHE C 19 -16.88 -41.44 -2.10
C PHE C 19 -17.84 -41.83 -3.21
N ASP C 20 -18.35 -40.87 -3.98
CA ASP C 20 -19.29 -41.16 -5.05
C ASP C 20 -19.08 -40.12 -6.15
N ASN C 21 -18.58 -40.56 -7.31
CA ASN C 21 -18.30 -39.60 -8.38
C ASN C 21 -18.30 -40.32 -9.72
N ALA C 22 -18.40 -39.52 -10.78
CA ALA C 22 -18.29 -39.97 -12.16
C ALA C 22 -17.12 -39.29 -12.86
N VAL C 23 -16.10 -38.92 -12.09
CA VAL C 23 -14.91 -38.31 -12.69
C VAL C 23 -14.26 -39.23 -13.72
N PRO C 24 -14.11 -40.55 -13.48
CA PRO C 24 -13.60 -41.42 -14.56
C PRO C 24 -14.38 -41.32 -15.86
N GLU C 25 -15.71 -41.39 -15.83
CA GLU C 25 -16.49 -41.20 -17.04
C GLU C 25 -16.24 -39.83 -17.64
N LEU C 26 -16.18 -38.79 -16.79
CA LEU C 26 -15.94 -37.43 -17.27
C LEU C 26 -14.64 -37.35 -18.06
N VAL C 27 -13.53 -37.79 -17.46
CA VAL C 27 -12.23 -37.62 -18.11
C VAL C 27 -12.17 -38.45 -19.39
N ASP C 28 -12.77 -39.65 -19.38
CA ASP C 28 -12.70 -40.52 -20.56
C ASP C 28 -13.53 -39.97 -21.72
N SER C 29 -14.64 -39.29 -21.42
CA SER C 29 -15.44 -38.70 -22.49
C SER C 29 -14.62 -37.69 -23.28
N PHE C 30 -13.84 -36.85 -22.59
CA PHE C 30 -13.05 -35.83 -23.27
C PHE C 30 -11.88 -36.45 -24.02
N LEU C 31 -11.33 -37.55 -23.51
CA LEU C 31 -10.19 -38.19 -24.17
C LEU C 31 -10.61 -38.97 -25.40
N GLN C 32 -11.87 -39.38 -25.49
CA GLN C 32 -12.38 -39.97 -26.73
C GLN C 32 -12.48 -38.91 -27.83
N GLN C 33 -12.84 -37.68 -27.46
CA GLN C 33 -12.90 -36.60 -28.45
C GLN C 33 -11.52 -36.23 -28.96
N ASP C 34 -10.55 -36.17 -28.06
CA ASP C 34 -9.15 -35.91 -28.39
C ASP C 34 -8.28 -36.63 -27.37
N PRO C 35 -7.54 -37.66 -27.79
CA PRO C 35 -6.69 -38.39 -26.82
C PRO C 35 -5.65 -37.53 -26.15
N ALA C 36 -5.25 -36.42 -26.78
CA ALA C 36 -4.24 -35.53 -26.22
C ALA C 36 -4.81 -34.51 -25.25
N GLN C 37 -6.14 -34.46 -25.10
CA GLN C 37 -6.83 -33.43 -24.33
C GLN C 37 -6.17 -33.23 -22.96
N PRO C 38 -5.67 -32.03 -22.65
CA PRO C 38 -5.11 -31.81 -21.31
C PRO C 38 -6.21 -31.82 -20.26
N VAL C 39 -6.03 -32.63 -19.22
CA VAL C 39 -7.05 -32.81 -18.18
C VAL C 39 -6.38 -32.82 -16.82
N VAL C 40 -6.90 -32.00 -15.91
CA VAL C 40 -6.41 -31.95 -14.53
C VAL C 40 -7.59 -32.19 -13.60
N VAL C 41 -7.46 -33.17 -12.72
CA VAL C 41 -8.37 -33.35 -11.59
C VAL C 41 -7.67 -32.75 -10.38
N ALA C 42 -8.34 -31.83 -9.69
CA ALA C 42 -7.75 -31.13 -8.56
C ALA C 42 -8.44 -31.60 -7.28
N ALA C 43 -7.65 -31.89 -6.26
CA ALA C 43 -8.17 -32.32 -4.97
C ALA C 43 -7.28 -31.75 -3.87
N ASP C 44 -7.85 -31.67 -2.67
CA ASP C 44 -7.06 -31.25 -1.52
C ASP C 44 -6.13 -32.38 -1.08
N THR C 45 -6.66 -33.60 -1.00
CA THR C 45 -5.91 -34.80 -0.69
C THR C 45 -6.22 -35.87 -1.74
N LEU C 46 -5.35 -36.87 -1.81
CA LEU C 46 -5.48 -37.96 -2.76
C LEU C 46 -6.86 -38.61 -2.64
N PRO C 47 -7.68 -38.57 -3.70
CA PRO C 47 -9.04 -39.13 -3.59
C PRO C 47 -9.00 -40.63 -3.38
N TYR C 48 -9.84 -41.10 -2.46
CA TYR C 48 -9.96 -42.52 -2.16
C TYR C 48 -11.45 -42.83 -2.07
N PRO C 49 -11.93 -43.93 -2.70
CA PRO C 49 -11.27 -44.93 -3.53
C PRO C 49 -10.47 -44.32 -4.67
N PRO C 50 -9.40 -44.99 -5.10
CA PRO C 50 -8.56 -44.42 -6.16
C PRO C 50 -9.39 -44.16 -7.42
N LEU C 51 -9.08 -43.05 -8.10
CA LEU C 51 -9.84 -42.70 -9.30
C LEU C 51 -9.50 -43.62 -10.48
N ALA C 52 -8.26 -44.10 -10.54
CA ALA C 52 -7.80 -44.96 -11.63
C ALA C 52 -7.95 -44.24 -12.98
N LEU C 53 -7.43 -43.03 -13.05
CA LEU C 53 -7.41 -42.26 -14.27
C LEU C 53 -6.31 -42.77 -15.21
N PRO C 54 -6.48 -42.61 -16.52
CA PRO C 54 -5.45 -43.10 -17.46
C PRO C 54 -4.08 -42.53 -17.15
N ARG C 55 -3.10 -43.43 -17.05
CA ARG C 55 -1.72 -43.05 -16.71
C ARG C 55 -1.02 -42.58 -17.98
N ILE C 56 -1.33 -41.34 -18.36
CA ILE C 56 -0.72 -40.69 -19.52
C ILE C 56 -0.27 -39.30 -19.11
N PRO C 57 0.65 -38.69 -19.86
CA PRO C 57 1.19 -37.39 -19.43
C PRO C 57 0.19 -36.25 -19.50
N ASN C 58 -0.82 -36.34 -20.35
CA ASN C 58 -1.79 -35.24 -20.47
C ASN C 58 -2.88 -35.30 -19.41
N VAL C 59 -2.95 -36.35 -18.60
CA VAL C 59 -3.86 -36.42 -17.45
C VAL C 59 -3.01 -36.34 -16.19
N ARG C 60 -3.36 -35.42 -15.30
CA ARG C 60 -2.56 -35.14 -14.12
C ARG C 60 -3.48 -34.85 -12.95
N LEU C 61 -3.13 -35.39 -11.79
CA LEU C 61 -3.84 -35.13 -10.55
C LEU C 61 -3.09 -34.07 -9.76
N ALA C 62 -3.77 -33.00 -9.40
CA ALA C 62 -3.15 -31.91 -8.64
C ALA C 62 -3.63 -31.99 -7.20
N LEU C 63 -2.69 -32.20 -6.27
CA LEU C 63 -2.97 -32.16 -4.85
C LEU C 63 -2.57 -30.79 -4.30
N LEU C 64 -3.54 -30.05 -3.78
CA LEU C 64 -3.37 -28.65 -3.45
C LEU C 64 -2.98 -28.38 -2.00
N GLN C 65 -2.99 -29.38 -1.16
CA GLN C 65 -2.61 -29.11 0.21
C GLN C 65 -1.09 -29.02 0.34
N PRO C 66 -0.59 -28.24 1.29
CA PRO C 66 0.85 -28.23 1.53
C PRO C 66 1.32 -29.54 2.15
N ALA C 67 2.50 -29.98 1.74
CA ALA C 67 3.05 -31.27 2.17
C ALA C 67 4.49 -31.08 2.62
N LEU C 68 4.91 -31.90 3.60
CA LEU C 68 6.25 -31.78 4.15
C LEU C 68 7.33 -32.09 3.12
N ASP C 69 7.00 -32.91 2.11
CA ASP C 69 7.98 -33.41 1.17
C ASP C 69 8.03 -32.64 -0.15
N ARG C 70 6.98 -31.91 -0.51
CA ARG C 70 6.86 -31.39 -1.86
C ARG C 70 7.24 -29.91 -1.94
N PRO C 71 7.63 -29.43 -3.12
CA PRO C 71 7.99 -28.02 -3.27
C PRO C 71 6.76 -27.13 -3.40
N ALA C 72 6.97 -25.83 -3.14
CA ALA C 72 5.87 -24.87 -3.16
C ALA C 72 5.04 -24.97 -4.44
N ALA C 73 5.69 -25.26 -5.57
CA ALA C 73 4.98 -25.26 -6.85
C ALA C 73 3.86 -26.30 -6.89
N ALA C 74 3.99 -27.39 -6.11
CA ALA C 74 3.06 -28.51 -6.23
C ALA C 74 1.65 -28.14 -5.78
N SER C 75 1.53 -27.21 -4.84
CA SER C 75 0.22 -26.75 -4.39
C SER C 75 -0.34 -25.59 -5.22
N ARG C 76 0.35 -25.13 -6.27
CA ARG C 76 -0.13 -24.00 -7.06
C ARG C 76 -0.80 -24.51 -8.33
N PRO C 77 -2.11 -24.32 -8.50
CA PRO C 77 -2.81 -24.96 -9.62
C PRO C 77 -2.29 -24.53 -11.00
N GLU C 78 -1.76 -23.31 -11.16
CA GLU C 78 -1.20 -22.91 -12.46
C GLU C 78 -0.06 -23.81 -12.89
N THR C 79 0.63 -24.45 -11.96
CA THR C 79 1.74 -25.33 -12.30
C THR C 79 1.30 -26.48 -13.20
N TYR C 80 0.02 -26.86 -13.13
CA TYR C 80 -0.48 -28.03 -13.83
C TYR C 80 -1.17 -27.69 -15.15
N VAL C 81 -1.14 -26.43 -15.58
CA VAL C 81 -1.85 -25.98 -16.79
C VAL C 81 -0.87 -25.19 -17.66
N ALA C 82 -0.71 -25.63 -18.91
CA ALA C 82 0.17 -24.96 -19.86
C ALA C 82 -0.58 -24.42 -21.07
N THR C 83 -1.90 -24.44 -21.06
CA THR C 83 -2.69 -23.87 -22.15
C THR C 83 -3.22 -22.49 -21.78
N GLU C 84 -3.75 -21.80 -22.80
CA GLU C 84 -4.23 -20.43 -22.63
C GLU C 84 -5.56 -20.37 -21.88
N PHE C 85 -6.44 -21.34 -22.08
CA PHE C 85 -7.74 -21.34 -21.43
C PHE C 85 -7.87 -22.52 -20.48
N VAL C 86 -8.83 -22.41 -19.57
CA VAL C 86 -9.18 -23.49 -18.65
C VAL C 86 -10.69 -23.64 -18.67
N ALA C 87 -11.17 -24.90 -18.77
CA ALA C 87 -12.59 -25.21 -18.70
C ALA C 87 -12.85 -25.95 -17.38
N LEU C 88 -13.54 -25.27 -16.47
CA LEU C 88 -13.98 -25.88 -15.21
C LEU C 88 -15.20 -26.75 -15.48
N VAL C 89 -15.04 -28.06 -15.29
CA VAL C 89 -16.08 -29.03 -15.63
C VAL C 89 -16.54 -29.69 -14.34
N PRO C 90 -17.82 -29.61 -14.00
CA PRO C 90 -18.30 -30.22 -12.76
C PRO C 90 -18.54 -31.71 -12.94
N ASP C 91 -18.43 -32.45 -11.83
CA ASP C 91 -18.75 -33.86 -11.87
C ASP C 91 -20.22 -34.05 -12.24
N GLY C 92 -20.48 -35.07 -13.07
CA GLY C 92 -21.76 -35.26 -13.69
C GLY C 92 -21.81 -34.84 -15.15
N ALA C 93 -20.84 -34.05 -15.59
CA ALA C 93 -20.80 -33.55 -16.95
C ALA C 93 -20.05 -34.52 -17.85
N ARG C 94 -20.16 -34.30 -19.16
CA ARG C 94 -19.68 -35.29 -20.11
C ARG C 94 -19.68 -34.76 -21.54
N ALA C 95 -18.56 -34.93 -22.23
CA ALA C 95 -18.42 -34.46 -23.61
C ALA C 95 -18.85 -35.58 -24.57
N GLU C 96 -19.92 -35.33 -25.32
CA GLU C 96 -20.44 -36.27 -26.32
C GLU C 96 -20.25 -35.81 -27.75
N ALA C 97 -20.43 -34.53 -28.00
CA ALA C 97 -20.13 -34.07 -29.35
C ALA C 97 -18.75 -33.43 -29.37
N PRO C 98 -17.98 -33.64 -30.44
CA PRO C 98 -16.64 -33.06 -30.50
C PRO C 98 -16.70 -31.55 -30.68
N GLY C 99 -15.65 -30.88 -30.24
CA GLY C 99 -15.45 -29.47 -30.54
C GLY C 99 -16.21 -28.49 -29.68
N LEU C 100 -16.86 -28.95 -28.60
CA LEU C 100 -17.63 -28.03 -27.77
C LEU C 100 -16.72 -27.04 -27.04
N LEU C 101 -15.55 -27.50 -26.60
CA LEU C 101 -14.61 -26.59 -25.97
C LEU C 101 -14.10 -25.54 -26.95
N GLU C 102 -13.93 -25.91 -28.22
CA GLU C 102 -13.40 -24.97 -29.22
C GLU C 102 -14.46 -23.97 -29.66
N ARG C 103 -15.74 -24.33 -29.58
CA ARG C 103 -16.81 -23.35 -29.80
C ARG C 103 -16.86 -22.31 -28.68
N MET C 104 -16.60 -22.73 -27.44
CA MET C 104 -16.67 -21.81 -26.31
C MET C 104 -15.56 -20.77 -26.34
N VAL C 105 -14.47 -21.07 -27.04
CA VAL C 105 -13.35 -20.14 -27.14
C VAL C 105 -13.64 -19.05 -28.15
N GLU C 106 -14.03 -19.46 -29.36
CA GLU C 106 -14.40 -18.51 -30.39
C GLU C 106 -15.50 -17.58 -29.91
N ALA C 107 -16.37 -18.08 -29.02
CA ALA C 107 -17.37 -17.24 -28.38
C ALA C 107 -16.77 -16.34 -27.31
N LEU C 108 -15.75 -16.83 -26.59
CA LEU C 108 -15.16 -16.06 -25.51
C LEU C 108 -14.44 -14.83 -26.03
N ARG C 109 -13.77 -14.94 -27.18
CA ARG C 109 -13.04 -13.80 -27.71
C ARG C 109 -13.88 -12.91 -28.61
N ALA C 110 -14.94 -13.44 -29.23
CA ALA C 110 -15.87 -12.59 -29.97
C ALA C 110 -16.61 -11.61 -29.06
N GLY C 111 -16.97 -12.04 -27.84
CA GLY C 111 -17.77 -11.23 -26.94
C GLY C 111 -16.92 -10.35 -26.02
N SER C 112 -17.59 -9.73 -25.06
CA SER C 112 -16.95 -8.80 -24.13
C SER C 112 -16.87 -9.33 -22.71
N ALA C 113 -17.37 -10.53 -22.45
CA ALA C 113 -17.30 -11.13 -21.13
C ALA C 113 -16.04 -11.98 -21.02
N ARG C 114 -15.43 -11.98 -19.83
CA ARG C 114 -14.21 -12.74 -19.59
C ARG C 114 -14.48 -14.22 -19.27
N LEU C 115 -15.73 -14.60 -19.00
CA LEU C 115 -16.10 -15.99 -18.79
C LEU C 115 -17.24 -16.37 -19.72
N VAL C 116 -17.21 -17.61 -20.22
CA VAL C 116 -18.34 -18.18 -20.94
C VAL C 116 -18.72 -19.48 -20.25
N ALA C 117 -19.99 -19.87 -20.39
CA ALA C 117 -20.46 -21.06 -19.70
C ALA C 117 -21.55 -21.74 -20.50
N ALA C 118 -21.55 -23.06 -20.44
CA ALA C 118 -22.58 -23.88 -21.08
C ALA C 118 -23.20 -24.78 -20.02
N PRO C 119 -24.52 -24.79 -19.89
CA PRO C 119 -25.15 -25.63 -18.86
C PRO C 119 -24.96 -27.11 -19.16
N VAL C 120 -24.86 -27.90 -18.10
CA VAL C 120 -24.84 -29.35 -18.22
C VAL C 120 -26.26 -29.85 -18.07
N ALA C 121 -26.61 -30.89 -18.83
CA ALA C 121 -28.00 -31.36 -18.91
C ALA C 121 -28.30 -32.33 -17.76
N THR C 122 -28.07 -31.84 -16.54
CA THR C 122 -28.37 -32.58 -15.32
C THR C 122 -29.76 -32.19 -14.83
N ALA C 123 -30.15 -32.70 -13.65
CA ALA C 123 -31.37 -32.23 -13.02
C ALA C 123 -31.27 -30.79 -12.53
N ASN C 124 -30.08 -30.20 -12.57
CA ASN C 124 -29.85 -28.85 -12.04
C ASN C 124 -29.02 -28.04 -13.03
N PRO C 125 -29.56 -27.77 -14.22
CA PRO C 125 -28.79 -27.00 -15.22
C PRO C 125 -28.58 -25.57 -14.76
N ALA C 126 -27.49 -24.97 -15.24
CA ALA C 126 -27.09 -23.65 -14.79
C ALA C 126 -28.12 -22.59 -15.16
N ARG C 127 -28.37 -21.68 -14.23
CA ARG C 127 -29.26 -20.57 -14.47
C ARG C 127 -28.55 -19.26 -14.18
N CYS C 128 -28.90 -18.25 -14.98
CA CYS C 128 -28.29 -16.93 -14.95
C CYS C 128 -28.68 -16.16 -13.69
N LEU C 129 -27.70 -15.61 -12.99
CA LEU C 129 -27.94 -14.86 -11.76
C LEU C 129 -27.29 -13.49 -11.80
N ALA C 130 -27.95 -12.53 -11.15
CA ALA C 130 -27.33 -11.26 -10.78
C ALA C 130 -26.59 -11.41 -9.44
N LEU C 131 -25.49 -10.69 -9.28
CA LEU C 131 -24.74 -10.71 -8.03
C LEU C 131 -23.99 -9.40 -7.86
N ASN C 132 -24.21 -8.75 -6.71
CA ASN C 132 -23.44 -7.61 -6.25
C ASN C 132 -22.71 -7.98 -4.98
N VAL C 133 -21.43 -7.62 -4.89
CA VAL C 133 -20.59 -7.97 -3.75
C VAL C 133 -20.19 -6.68 -3.04
N SER C 134 -20.63 -6.53 -1.80
CA SER C 134 -20.28 -5.39 -0.96
C SER C 134 -19.41 -5.92 0.17
N LEU C 135 -18.10 -5.72 0.04
CA LEU C 135 -17.19 -6.12 1.10
C LEU C 135 -17.37 -5.26 2.34
N ARG C 136 -17.61 -3.96 2.16
CA ARG C 136 -17.78 -3.08 3.30
C ARG C 136 -19.00 -3.46 4.12
N GLU C 137 -20.03 -4.05 3.49
CA GLU C 137 -21.20 -4.54 4.19
C GLU C 137 -21.18 -6.05 4.40
N TRP C 138 -20.09 -6.73 3.99
CA TRP C 138 -19.93 -8.17 4.17
C TRP C 138 -21.14 -8.94 3.63
N THR C 139 -21.63 -8.53 2.46
CA THR C 139 -22.90 -9.00 1.95
C THR C 139 -22.78 -9.37 0.49
N ALA C 140 -23.49 -10.42 0.11
CA ALA C 140 -23.55 -10.91 -1.26
C ALA C 140 -25.02 -10.95 -1.66
N ARG C 141 -25.44 -10.00 -2.48
CA ARG C 141 -26.83 -9.86 -2.90
C ARG C 141 -27.04 -10.55 -4.23
N TYR C 142 -27.86 -11.59 -4.23
CA TYR C 142 -28.23 -12.28 -5.45
C TYR C 142 -29.62 -11.86 -5.91
N GLY C 143 -29.92 -12.18 -7.17
CA GLY C 143 -31.21 -11.89 -7.76
C GLY C 143 -31.23 -12.39 -9.18
N ALA C 144 -32.43 -12.36 -9.78
CA ALA C 144 -32.55 -12.72 -11.19
C ALA C 144 -31.74 -11.76 -12.05
N ALA C 145 -31.23 -12.29 -13.18
CA ALA C 145 -30.28 -11.57 -14.01
C ALA C 145 -30.99 -10.65 -15.00
N PRO C 146 -30.94 -9.33 -14.83
CA PRO C 146 -31.66 -8.44 -15.75
C PRO C 146 -31.19 -8.54 -17.20
N ALA C 147 -29.88 -8.61 -17.42
CA ALA C 147 -29.31 -8.66 -18.77
C ALA C 147 -28.98 -10.09 -19.21
N ALA C 148 -29.81 -11.06 -18.84
CA ALA C 148 -29.61 -12.42 -19.30
C ALA C 148 -29.63 -12.44 -20.83
N PRO C 149 -28.83 -13.33 -21.46
CA PRO C 149 -27.94 -14.31 -20.81
C PRO C 149 -26.54 -13.81 -20.44
N ARG C 150 -26.39 -12.52 -20.08
CA ARG C 150 -25.15 -11.99 -19.51
C ARG C 150 -25.34 -11.89 -17.99
N CYS C 151 -24.60 -12.69 -17.24
CA CYS C 151 -24.78 -12.83 -15.80
C CYS C 151 -23.58 -12.26 -15.05
N ASP C 152 -23.75 -12.12 -13.74
CA ASP C 152 -22.63 -12.02 -12.82
C ASP C 152 -22.26 -13.36 -12.24
N ALA C 153 -23.22 -14.26 -12.06
CA ALA C 153 -23.00 -15.54 -11.40
C ALA C 153 -23.90 -16.60 -12.01
N LEU C 154 -23.58 -17.85 -11.70
CA LEU C 154 -24.38 -18.98 -12.15
C LEU C 154 -24.82 -19.82 -10.97
N ASP C 155 -26.00 -20.41 -11.09
CA ASP C 155 -26.54 -21.35 -10.11
C ASP C 155 -26.77 -22.67 -10.83
N GLY C 156 -26.09 -23.72 -10.38
CA GLY C 156 -26.22 -25.02 -11.00
C GLY C 156 -24.97 -25.44 -11.75
N ASP C 157 -25.15 -26.42 -12.63
CA ASP C 157 -24.05 -27.12 -13.28
C ASP C 157 -23.78 -26.54 -14.66
N ALA C 158 -22.58 -26.03 -14.85
CA ALA C 158 -22.13 -25.55 -16.16
C ALA C 158 -20.65 -25.82 -16.29
N VAL C 159 -20.23 -26.00 -17.54
CA VAL C 159 -18.82 -25.90 -17.90
C VAL C 159 -18.50 -24.43 -18.07
N VAL C 160 -17.52 -23.94 -17.34
CA VAL C 160 -17.10 -22.53 -17.41
C VAL C 160 -15.69 -22.48 -17.96
N LEU C 161 -15.51 -21.72 -19.04
CA LEU C 161 -14.22 -21.53 -19.67
C LEU C 161 -13.76 -20.09 -19.51
N LEU C 162 -12.47 -19.92 -19.23
CA LEU C 162 -11.88 -18.59 -19.12
C LEU C 162 -10.38 -18.73 -19.33
N ARG C 163 -9.71 -17.59 -19.52
CA ARG C 163 -8.26 -17.59 -19.67
C ARG C 163 -7.61 -18.01 -18.35
N ALA C 164 -6.61 -18.89 -18.45
CA ALA C 164 -5.89 -19.35 -17.25
C ALA C 164 -5.22 -18.20 -16.51
N ARG C 165 -4.74 -17.19 -17.23
CA ARG C 165 -4.14 -16.01 -16.59
C ARG C 165 -5.18 -15.30 -15.74
N ASP C 166 -6.44 -15.32 -16.17
CA ASP C 166 -7.52 -14.72 -15.38
C ASP C 166 -7.82 -15.56 -14.16
N LEU C 167 -8.09 -16.85 -14.37
CA LEU C 167 -8.51 -17.74 -13.28
C LEU C 167 -7.46 -17.79 -12.19
N PHE C 168 -6.20 -17.99 -12.57
CA PHE C 168 -5.14 -18.25 -11.59
C PHE C 168 -4.52 -16.97 -11.04
N ASN C 169 -5.04 -15.81 -11.39
CA ASN C 169 -4.61 -14.60 -10.70
C ASN C 169 -5.55 -14.20 -9.57
N LEU C 170 -6.71 -14.82 -9.45
CA LEU C 170 -7.53 -14.59 -8.28
C LEU C 170 -6.88 -15.19 -7.05
N SER C 171 -7.29 -14.69 -5.88
CA SER C 171 -6.70 -15.12 -4.62
C SER C 171 -7.01 -16.59 -4.32
N ALA C 172 -8.27 -16.97 -4.50
CA ALA C 172 -8.75 -18.31 -4.16
C ALA C 172 -9.40 -18.92 -5.40
N PRO C 173 -8.61 -19.25 -6.42
CA PRO C 173 -9.22 -19.67 -7.70
C PRO C 173 -9.98 -20.98 -7.64
N LEU C 174 -9.58 -21.93 -6.79
CA LEU C 174 -10.25 -23.23 -6.80
C LEU C 174 -10.91 -23.55 -5.45
N ALA C 175 -11.23 -22.52 -4.67
CA ALA C 175 -11.87 -22.74 -3.38
C ALA C 175 -13.26 -23.36 -3.57
N ARG C 176 -13.66 -24.16 -2.59
CA ARG C 176 -14.91 -24.86 -2.79
C ARG C 176 -15.99 -24.32 -1.86
N PRO C 177 -17.25 -24.29 -2.31
CA PRO C 177 -17.74 -24.66 -3.65
C PRO C 177 -17.38 -23.62 -4.73
N VAL C 178 -16.85 -24.12 -5.85
CA VAL C 178 -16.42 -23.25 -6.94
C VAL C 178 -17.60 -22.44 -7.47
N GLY C 179 -18.77 -23.06 -7.56
CA GLY C 179 -19.99 -22.38 -7.99
C GLY C 179 -20.31 -21.14 -7.19
N THR C 180 -19.69 -21.01 -6.01
CA THR C 180 -19.82 -19.82 -5.18
C THR C 180 -18.54 -18.99 -5.18
N SER C 181 -17.39 -19.63 -4.97
CA SER C 181 -16.14 -18.88 -4.81
C SER C 181 -15.77 -18.13 -6.07
N LEU C 182 -15.90 -18.78 -7.24
CA LEU C 182 -15.44 -18.16 -8.48
C LEU C 182 -16.19 -16.87 -8.77
N PHE C 183 -17.53 -16.94 -8.77
CA PHE C 183 -18.36 -15.79 -9.14
C PHE C 183 -18.38 -14.71 -8.07
N LEU C 184 -18.05 -15.05 -6.82
CA LEU C 184 -17.82 -13.98 -5.84
C LEU C 184 -16.61 -13.16 -6.24
N GLN C 185 -15.55 -13.83 -6.69
CA GLN C 185 -14.33 -13.12 -7.08
C GLN C 185 -14.52 -12.40 -8.41
N THR C 186 -15.21 -13.03 -9.37
CA THR C 186 -15.29 -12.42 -10.71
C THR C 186 -16.32 -11.30 -10.75
N ALA C 187 -17.43 -11.44 -10.00
CA ALA C 187 -18.40 -10.34 -9.95
C ALA C 187 -17.79 -9.12 -9.29
N LEU C 188 -17.10 -9.32 -8.17
CA LEU C 188 -16.44 -8.21 -7.48
C LEU C 188 -15.51 -7.44 -8.42
N ARG C 189 -14.84 -8.14 -9.33
CA ARG C 189 -14.00 -7.49 -10.33
C ARG C 189 -14.78 -6.92 -11.49
N GLY C 190 -16.10 -6.94 -11.42
CA GLY C 190 -16.88 -6.41 -12.52
C GLY C 190 -16.84 -7.26 -13.76
N TRP C 191 -16.42 -8.50 -13.64
CA TRP C 191 -16.42 -9.38 -14.80
C TRP C 191 -17.79 -9.98 -15.00
N ALA C 192 -18.13 -10.25 -16.26
CA ALA C 192 -19.37 -10.93 -16.58
C ALA C 192 -19.09 -12.34 -17.10
N VAL C 193 -20.10 -13.18 -17.01
CA VAL C 193 -20.07 -14.50 -17.62
C VAL C 193 -21.27 -14.58 -18.55
N GLN C 194 -21.05 -15.10 -19.76
CA GLN C 194 -22.13 -15.21 -20.73
C GLN C 194 -22.54 -16.67 -20.86
N LEU C 195 -23.83 -16.93 -20.59
CA LEU C 195 -24.35 -18.29 -20.65
C LEU C 195 -24.71 -18.61 -22.10
N LEU C 196 -23.94 -19.50 -22.72
CA LEU C 196 -24.12 -19.81 -24.13
C LEU C 196 -25.23 -20.84 -24.32
N ASP C 197 -25.85 -20.80 -25.50
CA ASP C 197 -26.69 -21.91 -25.97
C ASP C 197 -25.72 -22.97 -26.51
N LEU C 198 -25.10 -23.67 -25.58
CA LEU C 198 -24.50 -24.98 -25.82
C LEU C 198 -24.77 -25.79 -24.57
N THR C 199 -24.98 -27.09 -24.74
CA THR C 199 -25.35 -27.94 -23.61
C THR C 199 -24.45 -29.16 -23.58
N PHE C 200 -23.71 -29.32 -22.48
CA PHE C 200 -22.95 -30.53 -22.25
C PHE C 200 -23.88 -31.61 -21.70
N ALA C 201 -23.67 -32.84 -22.18
CA ALA C 201 -24.48 -33.97 -21.74
C ALA C 201 -24.13 -34.38 -20.31
N ALA C 202 -25.01 -35.19 -19.72
CA ALA C 202 -24.79 -35.72 -18.38
C ALA C 202 -24.15 -37.09 -18.45
N ALA C 203 -23.40 -37.42 -17.40
CA ALA C 203 -22.78 -38.73 -17.31
C ALA C 203 -23.82 -39.83 -17.40
N ARG C 204 -23.48 -40.92 -18.08
CA ARG C 204 -24.42 -42.02 -18.26
C ARG C 204 -24.82 -42.63 -16.92
N GLN C 205 -23.87 -42.76 -16.00
CA GLN C 205 -24.16 -43.14 -14.62
C GLN C 205 -23.92 -41.92 -13.74
N PRO C 206 -24.95 -41.12 -13.46
CA PRO C 206 -24.71 -39.88 -12.71
C PRO C 206 -24.34 -40.18 -11.27
N PRO C 207 -23.48 -39.35 -10.67
CA PRO C 207 -23.08 -39.58 -9.28
C PRO C 207 -24.17 -39.18 -8.28
N LEU C 208 -24.01 -39.68 -7.06
CA LEU C 208 -24.92 -39.37 -5.95
C LEU C 208 -26.38 -39.65 -6.34
N ALA C 209 -26.61 -40.84 -6.91
CA ALA C 209 -27.90 -41.19 -7.46
C ALA C 209 -28.89 -41.69 -6.41
N THR C 210 -28.49 -41.80 -5.15
CA THR C 210 -29.39 -42.20 -4.07
C THR C 210 -29.58 -41.05 -3.09
N ALA C 211 -30.69 -41.12 -2.36
CA ALA C 211 -31.02 -40.10 -1.37
C ALA C 211 -29.93 -40.00 -0.30
N HIS C 212 -29.35 -41.14 0.07
CA HIS C 212 -28.31 -41.14 1.11
C HIS C 212 -27.01 -40.55 0.58
N ALA C 213 -26.65 -40.87 -0.66
CA ALA C 213 -25.46 -40.26 -1.25
C ALA C 213 -25.64 -38.75 -1.37
N ARG C 214 -26.82 -38.32 -1.83
CA ARG C 214 -27.06 -36.88 -1.96
C ARG C 214 -27.04 -36.19 -0.61
N TRP C 215 -27.60 -36.84 0.43
CA TRP C 215 -27.64 -36.22 1.75
C TRP C 215 -26.23 -35.94 2.27
N LYS C 216 -25.33 -36.93 2.18
CA LYS C 216 -23.96 -36.72 2.63
C LYS C 216 -23.28 -35.64 1.79
N ALA C 217 -23.47 -35.69 0.47
CA ALA C 217 -22.84 -34.71 -0.40
C ALA C 217 -23.32 -33.30 -0.07
N GLU C 218 -24.62 -33.13 0.20
CA GLU C 218 -25.14 -31.81 0.50
C GLU C 218 -24.65 -31.32 1.84
N ARG C 219 -24.50 -32.22 2.82
CA ARG C 219 -24.02 -31.79 4.12
C ARG C 219 -22.60 -31.26 4.01
N GLU C 220 -21.74 -31.97 3.28
CA GLU C 220 -20.38 -31.50 3.05
C GLU C 220 -20.38 -30.22 2.22
N GLY C 221 -21.22 -30.17 1.18
CA GLY C 221 -21.33 -28.95 0.39
C GLY C 221 -21.66 -27.74 1.23
N ARG C 222 -22.71 -27.85 2.05
CA ARG C 222 -23.09 -26.73 2.90
C ARG C 222 -21.99 -26.40 3.90
N ALA C 223 -21.26 -27.42 4.33
CA ALA C 223 -20.19 -27.20 5.28
C ALA C 223 -19.04 -26.42 4.64
N ARG C 224 -18.65 -26.80 3.42
CA ARG C 224 -17.58 -26.10 2.72
C ARG C 224 -17.99 -24.68 2.36
N ARG C 225 -19.24 -24.50 1.92
CA ARG C 225 -19.74 -23.17 1.58
C ARG C 225 -19.74 -22.25 2.79
N ALA C 226 -20.16 -22.77 3.94
CA ALA C 226 -20.19 -21.97 5.17
C ALA C 226 -18.79 -21.55 5.58
N ALA C 227 -17.82 -22.45 5.48
CA ALA C 227 -16.46 -22.08 5.85
C ALA C 227 -15.88 -21.11 4.83
N LEU C 228 -16.27 -21.25 3.57
CA LEU C 228 -15.74 -20.39 2.53
C LEU C 228 -16.21 -18.95 2.74
N LEU C 229 -17.48 -18.77 3.09
CA LEU C 229 -18.02 -17.43 3.23
C LEU C 229 -17.42 -16.70 4.43
N ARG C 230 -17.31 -17.38 5.58
CA ARG C 230 -16.64 -16.77 6.72
C ARG C 230 -15.18 -16.47 6.41
N ALA C 231 -14.48 -17.42 5.77
CA ALA C 231 -13.09 -17.18 5.40
C ALA C 231 -12.94 -15.93 4.54
N LEU C 232 -13.92 -15.63 3.68
CA LEU C 232 -13.84 -14.48 2.77
C LEU C 232 -14.64 -13.28 3.27
N GLY C 233 -15.14 -13.32 4.50
CA GLY C 233 -15.86 -12.18 5.03
C GLY C 233 -17.19 -11.87 4.37
N ILE C 234 -17.90 -12.89 3.91
CA ILE C 234 -19.28 -12.75 3.46
C ILE C 234 -20.16 -13.21 4.61
N ARG C 235 -20.76 -12.25 5.34
CA ARG C 235 -21.55 -12.56 6.54
C ARG C 235 -23.02 -12.80 6.24
N LEU C 236 -23.51 -12.43 5.06
CA LEU C 236 -24.93 -12.46 4.76
C LEU C 236 -25.11 -12.63 3.27
N VAL C 237 -25.94 -13.59 2.89
CA VAL C 237 -26.32 -13.80 1.49
C VAL C 237 -27.81 -13.53 1.36
N SER C 238 -28.20 -12.79 0.32
CA SER C 238 -29.57 -12.39 0.09
C SER C 238 -30.02 -12.82 -1.29
N TRP C 239 -31.31 -13.11 -1.41
CA TRP C 239 -31.94 -13.38 -2.70
C TRP C 239 -33.07 -12.36 -2.87
N GLU C 240 -32.87 -11.41 -3.77
CA GLU C 240 -33.83 -10.34 -4.00
C GLU C 240 -34.19 -9.66 -2.68
N GLY C 241 -33.18 -9.45 -1.83
CA GLY C 241 -33.36 -8.82 -0.54
C GLY C 241 -33.96 -9.68 0.54
N GLY C 242 -34.33 -10.93 0.21
CA GLY C 242 -34.99 -11.82 1.15
C GLY C 242 -34.38 -13.20 1.15
N ARG C 243 -35.03 -14.16 1.81
CA ARG C 243 -34.50 -15.51 1.99
C ARG C 243 -33.04 -15.45 2.43
N LEU C 244 -32.81 -14.67 3.49
CA LEU C 244 -31.45 -14.40 3.94
C LEU C 244 -30.78 -15.65 4.50
N GLU C 245 -29.45 -15.69 4.37
CA GLU C 245 -28.61 -16.69 5.02
C GLU C 245 -27.53 -15.96 5.80
N TRP C 246 -27.45 -16.23 7.09
CA TRP C 246 -26.48 -15.57 7.94
C TRP C 246 -25.24 -16.45 8.13
N PHE C 247 -24.09 -15.78 8.29
CA PHE C 247 -22.82 -16.48 8.44
C PHE C 247 -21.90 -15.76 9.41
N GLY C 248 -22.47 -15.03 10.35
CA GLY C 248 -21.67 -14.25 11.28
C GLY C 248 -21.99 -14.61 12.70
N CYS C 249 -22.11 -13.60 13.55
CA CYS C 249 -22.37 -13.86 14.97
C CYS C 249 -23.88 -14.02 15.20
N ASN C 250 -24.24 -14.37 16.43
CA ASN C 250 -25.63 -14.52 16.85
C ASN C 250 -25.68 -14.50 18.37
N LYS C 251 -26.81 -14.92 18.94
CA LYS C 251 -26.99 -14.87 20.39
C LYS C 251 -26.05 -15.83 21.11
N GLU C 252 -25.67 -16.93 20.46
CA GLU C 252 -24.88 -17.98 21.09
C GLU C 252 -23.37 -17.79 20.96
N THR C 253 -22.90 -16.86 20.14
CA THR C 253 -21.46 -16.70 19.87
C THR C 253 -20.94 -15.39 20.45
N THR C 254 -19.65 -15.16 20.25
CA THR C 254 -19.12 -13.82 20.49
C THR C 254 -19.46 -12.92 19.31
N ARG C 255 -19.47 -11.61 19.56
CA ARG C 255 -19.66 -10.71 18.44
C ARG C 255 -18.43 -10.75 17.53
N CYS C 256 -18.57 -10.15 16.35
CA CYS C 256 -17.59 -10.37 15.28
C CYS C 256 -16.25 -9.69 15.52
N PHE C 257 -16.18 -8.60 16.30
CA PHE C 257 -14.92 -7.86 16.35
C PHE C 257 -14.19 -7.89 17.69
N GLY C 258 -14.85 -7.81 18.82
CA GLY C 258 -14.06 -7.81 20.04
C GLY C 258 -13.58 -6.42 20.43
N THR C 259 -12.97 -6.35 21.61
CA THR C 259 -12.77 -5.08 22.33
C THR C 259 -12.25 -3.95 21.42
N VAL C 260 -12.92 -2.80 21.46
CA VAL C 260 -12.61 -1.70 20.55
C VAL C 260 -11.65 -0.74 21.24
N VAL C 261 -10.40 -0.70 20.74
CA VAL C 261 -9.41 0.23 21.24
C VAL C 261 -9.48 1.49 20.39
N GLY C 262 -9.23 2.64 21.02
CA GLY C 262 -9.14 3.90 20.30
C GLY C 262 -10.39 4.28 19.54
N ASP C 263 -11.57 3.88 20.04
CA ASP C 263 -12.87 4.18 19.43
C ASP C 263 -12.94 3.74 17.96
N THR C 264 -12.06 2.83 17.54
CA THR C 264 -11.95 2.42 16.14
C THR C 264 -11.96 0.90 16.07
N PRO C 265 -13.08 0.29 15.72
CA PRO C 265 -13.16 -1.18 15.71
C PRO C 265 -12.27 -1.79 14.63
N ALA C 266 -12.10 -3.10 14.72
CA ALA C 266 -11.18 -3.80 13.84
C ALA C 266 -11.61 -3.74 12.38
N TYR C 267 -12.92 -3.73 12.12
CA TYR C 267 -13.36 -3.80 10.73
C TYR C 267 -13.00 -2.53 9.95
N LEU C 268 -12.82 -1.41 10.65
CA LEU C 268 -12.41 -0.20 9.96
C LEU C 268 -11.02 -0.37 9.34
N TYR C 269 -10.07 -0.89 10.12
CA TYR C 269 -8.72 -1.08 9.58
C TYR C 269 -8.71 -2.07 8.42
N GLU C 270 -9.70 -2.96 8.35
CA GLU C 270 -9.81 -3.88 7.24
C GLU C 270 -10.59 -3.29 6.08
N GLU C 271 -10.75 -1.96 6.05
CA GLU C 271 -11.43 -1.23 5.00
C GLU C 271 -12.85 -1.75 4.74
N ARG C 272 -13.58 -2.00 5.83
CA ARG C 272 -14.97 -2.45 5.79
C ARG C 272 -15.77 -1.69 6.84
N TRP C 273 -17.09 -1.83 6.79
CA TRP C 273 -17.94 -1.19 7.78
C TRP C 273 -18.42 -2.26 8.76
N THR C 274 -19.43 -1.91 9.57
CA THR C 274 -19.90 -2.84 10.60
C THR C 274 -20.51 -4.09 9.96
N PRO C 275 -20.18 -5.28 10.45
CA PRO C 275 -20.79 -6.51 9.91
C PRO C 275 -22.31 -6.47 10.01
N PRO C 276 -23.01 -6.99 9.01
CA PRO C 276 -24.49 -6.90 9.03
C PRO C 276 -25.11 -7.68 10.19
N CYS C 277 -24.52 -8.83 10.56
CA CYS C 277 -25.00 -9.57 11.73
C CYS C 277 -24.83 -8.76 13.00
N CYS C 278 -23.77 -7.97 13.11
CA CYS C 278 -23.58 -7.14 14.29
C CYS C 278 -24.59 -5.99 14.35
N LEU C 279 -24.94 -5.41 13.20
CA LEU C 279 -25.99 -4.40 13.19
C LEU C 279 -27.35 -5.02 13.53
N ARG C 280 -27.66 -6.17 12.91
CA ARG C 280 -28.93 -6.82 13.18
C ARG C 280 -29.12 -7.11 14.67
N ALA C 281 -28.04 -7.51 15.36
CA ALA C 281 -28.11 -7.70 16.80
C ALA C 281 -28.35 -6.37 17.52
N LEU C 282 -27.71 -5.30 17.05
CA LEU C 282 -27.88 -3.99 17.68
C LEU C 282 -29.30 -3.46 17.50
N ARG C 283 -29.87 -3.59 16.30
CA ARG C 283 -31.24 -3.16 16.12
C ARG C 283 -32.17 -3.96 17.02
N GLU C 284 -31.94 -5.27 17.13
CA GLU C 284 -32.78 -6.09 17.98
C GLU C 284 -32.67 -5.67 19.44
N THR C 285 -31.45 -5.39 19.91
CA THR C 285 -31.27 -5.04 21.31
C THR C 285 -31.85 -3.68 21.62
N ALA C 286 -31.62 -2.71 20.74
CA ALA C 286 -32.25 -1.40 20.90
C ALA C 286 -33.77 -1.51 20.97
N ARG C 287 -34.36 -2.26 20.03
CA ARG C 287 -35.80 -2.45 20.01
C ARG C 287 -36.29 -3.08 21.31
N TYR C 288 -35.65 -4.17 21.73
CA TYR C 288 -36.07 -4.83 22.96
C TYR C 288 -35.92 -3.92 24.16
N VAL C 289 -34.82 -3.15 24.23
CA VAL C 289 -34.57 -2.31 25.39
C VAL C 289 -35.59 -1.18 25.49
N VAL C 290 -35.84 -0.45 24.39
CA VAL C 290 -36.83 0.61 24.48
C VAL C 290 -38.22 0.03 24.75
N GLY C 291 -38.49 -1.20 24.29
CA GLY C 291 -39.74 -1.84 24.65
C GLY C 291 -39.85 -2.06 26.14
N VAL C 292 -38.74 -2.40 26.79
CA VAL C 292 -38.74 -2.54 28.25
C VAL C 292 -38.86 -1.17 28.91
N LEU C 293 -38.13 -0.17 28.39
CA LEU C 293 -38.14 1.16 29.00
C LEU C 293 -39.50 1.83 28.89
N GLU C 294 -40.13 1.76 27.72
CA GLU C 294 -41.46 2.36 27.57
C GLU C 294 -42.48 1.68 28.45
N ALA C 295 -42.39 0.34 28.58
CA ALA C 295 -43.35 -0.38 29.41
C ALA C 295 -43.05 -0.20 30.89
N ALA C 296 -41.79 -0.03 31.27
CA ALA C 296 -41.48 0.20 32.67
C ALA C 296 -41.71 1.63 33.12
N GLY C 297 -42.01 2.55 32.20
CA GLY C 297 -42.14 3.95 32.55
C GLY C 297 -40.81 4.67 32.71
N VAL C 298 -39.84 4.37 31.86
CA VAL C 298 -38.55 5.07 31.87
C VAL C 298 -38.52 6.08 30.72
N ARG C 299 -38.17 7.33 31.04
CA ARG C 299 -38.03 8.36 30.03
C ARG C 299 -36.71 8.16 29.29
N TYR C 300 -36.78 7.80 28.01
CA TYR C 300 -35.59 7.65 27.20
C TYR C 300 -35.68 8.56 25.97
N TRP C 301 -34.52 8.79 25.35
CA TRP C 301 -34.42 9.46 24.07
C TRP C 301 -33.17 8.97 23.35
N LEU C 302 -33.22 8.92 22.02
CA LEU C 302 -32.03 8.62 21.25
C LEU C 302 -30.94 9.65 21.53
N GLU C 303 -29.69 9.18 21.52
CA GLU C 303 -28.54 9.98 21.93
C GLU C 303 -27.36 9.63 21.03
N GLY C 304 -26.39 10.53 21.00
CA GLY C 304 -25.16 10.25 20.28
C GLY C 304 -25.38 9.89 18.82
N GLY C 305 -24.71 8.82 18.38
CA GLY C 305 -24.75 8.42 16.99
C GLY C 305 -26.02 7.71 16.58
N SER C 306 -26.79 7.19 17.55
CA SER C 306 -28.10 6.62 17.24
C SER C 306 -29.08 7.71 16.81
N LEU C 307 -29.20 8.77 17.61
CA LEU C 307 -30.03 9.90 17.18
C LEU C 307 -29.54 10.49 15.88
N LEU C 308 -28.22 10.56 15.70
CA LEU C 308 -27.66 11.10 14.47
C LEU C 308 -27.99 10.20 13.28
N GLY C 309 -27.80 8.89 13.44
CA GLY C 309 -28.20 7.97 12.39
C GLY C 309 -29.68 8.05 12.11
N ALA C 310 -30.50 8.17 13.16
CA ALA C 310 -31.93 8.29 12.97
C ALA C 310 -32.29 9.55 12.19
N ALA C 311 -31.60 10.67 12.47
CA ALA C 311 -31.84 11.89 11.71
C ALA C 311 -31.35 11.78 10.27
N ARG C 312 -30.17 11.20 10.08
CA ARG C 312 -29.59 11.11 8.75
C ARG C 312 -30.40 10.17 7.86
N HIS C 313 -30.45 8.88 8.22
CA HIS C 313 -31.12 7.88 7.39
C HIS C 313 -32.07 7.00 8.20
N GLY C 314 -32.36 7.34 9.45
CA GLY C 314 -33.30 6.55 10.22
C GLY C 314 -32.83 5.17 10.61
N ASP C 315 -31.53 4.89 10.53
CA ASP C 315 -31.02 3.60 10.96
C ASP C 315 -29.66 3.80 11.62
N ILE C 316 -29.09 2.71 12.12
CA ILE C 316 -27.75 2.76 12.68
C ILE C 316 -26.78 3.19 11.60
N ILE C 317 -25.88 4.11 11.94
CA ILE C 317 -24.79 4.48 11.04
C ILE C 317 -24.02 3.23 10.66
N PRO C 318 -23.78 2.98 9.35
CA PRO C 318 -23.29 1.66 8.91
C PRO C 318 -21.91 1.26 9.43
N TRP C 319 -21.13 2.19 9.98
CA TRP C 319 -19.82 1.85 10.56
C TRP C 319 -19.79 2.00 12.07
N ASP C 320 -20.94 2.24 12.69
CA ASP C 320 -21.06 2.38 14.14
C ASP C 320 -21.26 1.02 14.81
N TYR C 321 -20.96 0.95 16.11
CA TYR C 321 -20.81 -0.34 16.80
C TYR C 321 -21.61 -0.47 18.10
N ASP C 322 -22.48 0.48 18.43
CA ASP C 322 -23.38 0.30 19.56
C ASP C 322 -24.53 1.29 19.41
N VAL C 323 -25.47 1.23 20.35
CA VAL C 323 -26.64 2.10 20.40
C VAL C 323 -26.61 2.85 21.73
N ASP C 324 -26.87 4.15 21.69
CA ASP C 324 -26.85 5.01 22.86
C ASP C 324 -28.22 5.61 23.11
N LEU C 325 -28.65 5.61 24.37
CA LEU C 325 -29.89 6.20 24.80
C LEU C 325 -29.65 7.05 26.04
N GLY C 326 -30.26 8.23 26.08
CA GLY C 326 -30.34 8.99 27.31
C GLY C 326 -31.58 8.58 28.08
N ILE C 327 -31.39 8.27 29.36
CA ILE C 327 -32.52 8.03 30.25
C ILE C 327 -32.54 9.14 31.32
N TYR C 328 -33.65 9.24 32.02
CA TYR C 328 -33.74 10.10 33.19
C TYR C 328 -33.25 9.33 34.40
N LEU C 329 -32.26 9.89 35.09
CA LEU C 329 -31.64 9.19 36.22
C LEU C 329 -32.69 8.76 37.25
N GLU C 330 -33.61 9.66 37.60
CA GLU C 330 -34.61 9.37 38.62
C GLU C 330 -35.62 8.30 38.19
N ASP C 331 -35.65 7.91 36.93
CA ASP C 331 -36.57 6.90 36.44
C ASP C 331 -36.01 5.48 36.54
N VAL C 332 -34.74 5.33 36.89
CA VAL C 332 -34.10 4.01 36.87
C VAL C 332 -34.84 3.04 37.79
N GLY C 333 -35.30 3.53 38.95
CA GLY C 333 -36.00 2.67 39.88
C GLY C 333 -37.23 2.00 39.29
N ASN C 334 -37.81 2.57 38.23
CA ASN C 334 -39.03 2.02 37.66
C ASN C 334 -38.79 0.73 36.88
N CYS C 335 -37.57 0.51 36.40
CA CYS C 335 -37.22 -0.67 35.63
C CYS C 335 -36.56 -1.69 36.55
N GLU C 336 -37.09 -2.91 36.57
CA GLU C 336 -36.52 -3.96 37.42
C GLU C 336 -35.12 -4.34 36.95
N GLN C 337 -34.95 -4.57 35.64
CA GLN C 337 -33.63 -4.92 35.12
C GLN C 337 -32.57 -3.88 35.50
N LEU C 338 -32.92 -2.59 35.37
CA LEU C 338 -31.95 -1.54 35.65
C LEU C 338 -31.56 -1.51 37.13
N ARG C 339 -32.54 -1.55 38.02
CA ARG C 339 -32.24 -1.46 39.44
C ARG C 339 -31.67 -2.75 40.02
N GLY C 340 -31.58 -3.81 39.24
CA GLY C 340 -30.81 -4.96 39.65
C GLY C 340 -29.35 -4.81 39.25
N ALA C 341 -29.10 -3.99 38.22
CA ALA C 341 -27.77 -3.91 37.62
C ALA C 341 -26.74 -3.29 38.57
N GLU C 342 -27.17 -2.42 39.51
CA GLU C 342 -26.19 -1.81 40.41
C GLU C 342 -25.68 -2.82 41.43
N ALA C 343 -26.54 -3.72 41.91
CA ALA C 343 -26.11 -4.73 42.86
C ALA C 343 -25.20 -5.79 42.23
N GLY C 344 -25.10 -5.80 40.90
CA GLY C 344 -24.36 -6.82 40.18
C GLY C 344 -24.97 -7.03 38.81
N SER C 345 -24.22 -7.73 37.96
CA SER C 345 -24.69 -7.97 36.61
C SER C 345 -25.90 -8.92 36.61
N VAL C 346 -26.83 -8.68 35.70
CA VAL C 346 -28.14 -9.33 35.73
C VAL C 346 -28.48 -9.85 34.34
N VAL C 347 -28.70 -11.16 34.22
CA VAL C 347 -29.19 -11.79 32.99
C VAL C 347 -30.70 -11.95 33.11
N ASP C 348 -31.44 -11.43 32.13
CA ASP C 348 -32.90 -11.37 32.24
C ASP C 348 -33.55 -12.59 31.57
N GLU C 349 -34.88 -12.57 31.51
CA GLU C 349 -35.64 -13.72 31.00
C GLU C 349 -35.28 -14.04 29.55
N ARG C 350 -34.84 -13.06 28.77
CA ARG C 350 -34.59 -13.23 27.35
C ARG C 350 -33.10 -13.18 27.00
N GLY C 351 -32.23 -13.39 27.98
CA GLY C 351 -30.81 -13.49 27.73
C GLY C 351 -30.07 -12.18 27.57
N PHE C 352 -30.74 -11.04 27.61
CA PHE C 352 -30.03 -9.77 27.61
C PHE C 352 -29.39 -9.54 28.98
N VAL C 353 -28.24 -8.86 28.98
CA VAL C 353 -27.43 -8.71 30.18
C VAL C 353 -27.35 -7.24 30.54
N TRP C 354 -27.86 -6.89 31.71
CA TRP C 354 -27.91 -5.52 32.18
C TRP C 354 -26.84 -5.32 33.25
N GLU C 355 -25.96 -4.35 33.05
CA GLU C 355 -24.86 -4.18 33.98
C GLU C 355 -24.51 -2.71 34.13
N LYS C 356 -24.08 -2.34 35.34
CA LYS C 356 -23.47 -1.04 35.57
C LYS C 356 -22.12 -0.97 34.87
N ALA C 357 -21.68 0.25 34.59
CA ALA C 357 -20.55 0.44 33.68
C ALA C 357 -19.22 0.22 34.35
N VAL C 358 -18.34 -0.49 33.65
CA VAL C 358 -16.94 -0.55 34.06
C VAL C 358 -16.29 0.82 33.93
N GLU C 359 -16.52 1.50 32.82
CA GLU C 359 -15.80 2.71 32.46
C GLU C 359 -16.36 3.98 33.11
N GLY C 360 -17.66 4.04 33.38
CA GLY C 360 -18.24 5.24 33.97
C GLY C 360 -19.46 4.97 34.83
N ASP C 361 -20.33 5.97 34.97
CA ASP C 361 -21.57 5.85 35.73
C ASP C 361 -22.75 5.80 34.76
N PHE C 362 -22.85 4.69 34.04
CA PHE C 362 -23.94 4.45 33.11
C PHE C 362 -24.22 2.94 33.07
N PHE C 363 -25.23 2.57 32.31
CA PHE C 363 -25.67 1.18 32.24
C PHE C 363 -25.47 0.67 30.81
N ARG C 364 -25.51 -0.64 30.68
CA ARG C 364 -25.17 -1.26 29.41
C ARG C 364 -25.95 -2.57 29.30
N VAL C 365 -26.72 -2.71 28.22
CA VAL C 365 -27.51 -3.92 27.98
C VAL C 365 -26.86 -4.66 26.82
N GLN C 366 -26.33 -5.85 27.09
CA GLN C 366 -25.66 -6.63 26.06
C GLN C 366 -26.62 -7.64 25.44
N TYR C 367 -26.38 -7.94 24.15
CA TYR C 367 -27.25 -8.83 23.40
C TYR C 367 -27.39 -10.19 24.08
N SER C 368 -26.27 -10.76 24.54
CA SER C 368 -26.30 -12.00 25.33
C SER C 368 -25.01 -12.08 26.14
N GLU C 369 -24.91 -13.12 26.96
CA GLU C 369 -23.77 -13.24 27.86
C GLU C 369 -22.48 -13.43 27.07
N SER C 370 -22.58 -13.99 25.87
CA SER C 370 -21.42 -14.23 25.03
C SER C 370 -21.22 -13.17 23.96
N ASN C 371 -22.27 -12.49 23.51
CA ASN C 371 -22.20 -11.52 22.42
C ASN C 371 -22.39 -10.12 22.99
N HIS C 372 -21.32 -9.33 23.05
CA HIS C 372 -21.33 -8.09 23.81
C HIS C 372 -21.67 -6.87 22.95
N LEU C 373 -22.32 -7.06 21.81
CA LEU C 373 -23.01 -5.94 21.17
C LEU C 373 -24.04 -5.39 22.16
N HIS C 374 -23.98 -4.10 22.42
CA HIS C 374 -24.68 -3.54 23.58
C HIS C 374 -25.36 -2.23 23.26
N VAL C 375 -26.37 -1.92 24.08
CA VAL C 375 -27.04 -0.63 24.12
C VAL C 375 -26.57 0.08 25.38
N ASP C 376 -25.89 1.21 25.21
CA ASP C 376 -25.49 2.05 26.34
C ASP C 376 -26.66 2.93 26.76
N LEU C 377 -26.81 3.13 28.06
CA LEU C 377 -27.86 3.98 28.63
C LEU C 377 -27.21 5.02 29.52
N TRP C 378 -27.46 6.31 29.24
CA TRP C 378 -26.75 7.41 29.88
C TRP C 378 -27.65 8.20 30.83
N PRO C 379 -27.49 8.07 32.14
CA PRO C 379 -28.31 8.84 33.08
C PRO C 379 -27.96 10.33 33.08
N PHE C 380 -29.01 11.15 32.96
CA PHE C 380 -28.92 12.59 33.14
C PHE C 380 -29.95 13.03 34.16
N TYR C 381 -29.54 13.94 35.06
CA TYR C 381 -30.49 14.52 35.99
C TYR C 381 -30.65 16.01 35.73
N PRO C 382 -31.85 16.56 35.97
CA PRO C 382 -32.05 18.01 35.88
C PRO C 382 -31.36 18.79 37.00
N ARG C 383 -30.33 19.55 36.65
CA ARG C 383 -29.80 20.56 37.54
C ARG C 383 -30.02 21.92 36.90
N ASN C 384 -30.70 22.83 37.62
CA ASN C 384 -30.94 24.21 37.20
C ASN C 384 -31.27 24.35 35.72
N GLY C 385 -32.11 23.45 35.20
CA GLY C 385 -32.59 23.57 33.85
C GLY C 385 -31.76 22.92 32.76
N VAL C 386 -30.56 22.42 33.11
CA VAL C 386 -29.67 21.78 32.13
C VAL C 386 -29.53 20.29 32.48
N MET C 387 -29.53 19.45 31.44
CA MET C 387 -29.40 18.00 31.55
C MET C 387 -27.94 17.59 31.66
N THR C 388 -27.54 17.04 32.82
CA THR C 388 -26.12 16.83 33.10
C THR C 388 -25.93 15.63 34.02
N LYS C 389 -24.95 14.77 33.70
CA LYS C 389 -24.46 13.70 34.57
C LYS C 389 -23.14 14.13 35.23
N ASP C 390 -22.60 13.27 36.08
CA ASP C 390 -21.42 13.63 36.88
C ASP C 390 -20.11 13.08 36.32
N THR C 391 -20.12 11.92 35.68
CA THR C 391 -18.95 11.42 34.99
C THR C 391 -19.02 11.79 33.51
N TRP C 392 -17.86 11.84 32.86
CA TRP C 392 -17.79 12.35 31.50
C TRP C 392 -16.75 11.56 30.72
N LEU C 393 -16.93 11.55 29.40
CA LEU C 393 -16.01 10.92 28.46
C LEU C 393 -15.25 12.00 27.71
N ASP C 394 -14.05 11.65 27.23
CA ASP C 394 -13.34 12.56 26.32
C ASP C 394 -13.91 12.49 24.90
N HIS C 395 -15.22 12.30 24.78
CA HIS C 395 -15.93 12.43 23.52
C HIS C 395 -16.43 13.87 23.38
N ARG C 396 -16.50 14.32 22.13
CA ARG C 396 -16.90 15.69 21.85
C ARG C 396 -18.39 15.89 22.10
N GLN C 397 -19.20 14.89 21.82
CA GLN C 397 -20.64 14.96 21.93
C GLN C 397 -21.16 14.56 23.30
N ASP C 398 -20.25 14.37 24.27
CA ASP C 398 -20.63 14.12 25.65
C ASP C 398 -20.69 15.46 26.36
N VAL C 399 -21.88 16.02 26.44
CA VAL C 399 -22.07 17.42 26.79
C VAL C 399 -23.32 17.52 27.64
N GLU C 400 -23.39 18.59 28.43
CA GLU C 400 -24.62 19.01 29.07
C GLU C 400 -25.53 19.71 28.04
N PHE C 401 -26.83 19.63 28.24
CA PHE C 401 -27.70 20.26 27.26
C PHE C 401 -28.94 20.79 27.96
N PRO C 402 -29.59 21.81 27.37
CA PRO C 402 -30.79 22.35 28.01
C PRO C 402 -31.91 21.32 28.04
N GLU C 403 -32.68 21.33 29.13
CA GLU C 403 -33.73 20.33 29.30
C GLU C 403 -34.95 20.60 28.44
N HIS C 404 -35.09 21.80 27.85
CA HIS C 404 -36.23 22.04 26.98
C HIS C 404 -36.21 21.09 25.78
N PHE C 405 -35.03 20.61 25.39
CA PHE C 405 -34.93 19.65 24.29
C PHE C 405 -35.70 18.37 24.56
N LEU C 406 -36.05 18.09 25.82
CA LEU C 406 -36.79 16.87 26.18
C LEU C 406 -38.23 17.14 26.54
N GLN C 407 -38.71 18.38 26.44
CA GLN C 407 -40.07 18.74 26.81
C GLN C 407 -40.75 19.42 25.63
N PRO C 408 -41.46 18.67 24.78
CA PRO C 408 -41.64 17.21 24.91
C PRO C 408 -40.60 16.43 24.11
N LEU C 409 -40.86 15.15 23.89
CA LEU C 409 -40.05 14.30 23.02
C LEU C 409 -40.81 14.00 21.74
N VAL C 410 -40.08 13.54 20.73
CA VAL C 410 -40.63 13.38 19.40
C VAL C 410 -40.46 11.94 18.93
N PRO C 411 -41.44 11.36 18.26
CA PRO C 411 -41.20 10.08 17.58
C PRO C 411 -40.32 10.27 16.35
N LEU C 412 -39.30 9.42 16.22
CA LEU C 412 -38.42 9.42 15.05
C LEU C 412 -38.21 7.96 14.65
N PRO C 413 -38.35 7.63 13.37
CA PRO C 413 -38.03 6.26 12.93
C PRO C 413 -36.57 5.96 13.19
N PHE C 414 -36.29 4.71 13.59
CA PHE C 414 -34.92 4.34 13.91
C PHE C 414 -34.81 2.83 13.92
N ALA C 415 -33.99 2.29 13.02
CA ALA C 415 -33.60 0.88 13.07
C ALA C 415 -34.80 -0.06 13.06
N GLY C 416 -35.90 0.35 12.43
CA GLY C 416 -37.03 -0.51 12.16
C GLY C 416 -38.24 -0.25 13.01
N PHE C 417 -38.11 0.58 14.03
CA PHE C 417 -39.22 0.95 14.89
C PHE C 417 -39.23 2.46 15.06
N VAL C 418 -40.15 2.94 15.90
CA VAL C 418 -40.28 4.36 16.17
C VAL C 418 -39.82 4.60 17.61
N ALA C 419 -38.80 5.42 17.77
CA ALA C 419 -38.22 5.69 19.08
C ALA C 419 -38.35 7.17 19.40
N GLN C 420 -38.07 7.50 20.65
CA GLN C 420 -38.18 8.88 21.13
C GLN C 420 -36.86 9.60 20.91
N ALA C 421 -36.95 10.80 20.33
CA ALA C 421 -35.85 11.71 20.11
C ALA C 421 -36.16 13.04 20.79
N PRO C 422 -35.14 13.84 21.11
CA PRO C 422 -35.41 15.19 21.62
C PRO C 422 -36.16 16.00 20.58
N ASN C 423 -36.92 16.99 21.05
CA ASN C 423 -37.51 17.94 20.12
C ASN C 423 -36.42 18.78 19.48
N ASN C 424 -36.66 19.17 18.23
CA ASN C 424 -35.68 19.94 17.45
C ASN C 424 -34.34 19.23 17.45
N TYR C 425 -34.38 17.94 17.12
CA TYR C 425 -33.18 17.12 17.23
C TYR C 425 -32.09 17.56 16.27
N ARG C 426 -32.45 18.23 15.16
CA ARG C 426 -31.43 18.80 14.28
C ARG C 426 -30.57 19.83 15.01
N ARG C 427 -31.22 20.77 15.70
CA ARG C 427 -30.46 21.71 16.52
C ARG C 427 -29.76 21.00 17.68
N PHE C 428 -30.43 20.01 18.27
CA PHE C 428 -29.81 19.18 19.31
C PHE C 428 -28.50 18.57 18.82
N LEU C 429 -28.55 17.84 17.71
CA LEU C 429 -27.35 17.23 17.16
C LEU C 429 -26.29 18.26 16.81
N GLU C 430 -26.72 19.38 16.21
CA GLU C 430 -25.78 20.41 15.80
C GLU C 430 -25.03 21.00 17.00
N LEU C 431 -25.67 21.07 18.16
CA LEU C 431 -24.99 21.61 19.33
C LEU C 431 -23.82 20.73 19.75
N LYS C 432 -24.06 19.43 19.92
CA LYS C 432 -23.03 18.54 20.44
C LYS C 432 -22.12 17.95 19.37
N PHE C 433 -22.53 17.98 18.10
CA PHE C 433 -21.69 17.50 17.03
C PHE C 433 -21.16 18.60 16.11
N GLY C 434 -21.92 19.67 15.90
CA GLY C 434 -21.51 20.73 15.01
C GLY C 434 -22.47 20.91 13.85
N PRO C 435 -22.47 22.11 13.26
CA PRO C 435 -23.34 22.37 12.12
C PRO C 435 -23.00 21.50 10.92
N GLY C 436 -24.03 21.05 10.21
CA GLY C 436 -23.88 20.19 9.05
C GLY C 436 -23.61 18.74 9.35
N VAL C 437 -23.67 18.32 10.62
CA VAL C 437 -23.26 16.95 10.98
C VAL C 437 -24.11 15.92 10.26
N ILE C 438 -25.41 16.18 10.12
CA ILE C 438 -26.29 15.23 9.45
C ILE C 438 -25.92 15.10 7.98
N GLU C 439 -25.41 16.17 7.36
CA GLU C 439 -25.14 16.19 5.94
C GLU C 439 -23.69 15.87 5.60
N ASN C 440 -22.81 15.74 6.60
CA ASN C 440 -21.38 15.50 6.40
C ASN C 440 -20.89 14.38 7.32
N PRO C 441 -20.95 13.12 6.87
CA PRO C 441 -20.51 11.99 7.69
C PRO C 441 -18.99 11.80 7.72
N GLN C 442 -18.53 11.00 8.70
CA GLN C 442 -17.13 10.66 8.95
C GLN C 442 -17.03 9.55 10.00
N TYR C 443 -16.01 8.69 9.88
CA TYR C 443 -15.84 7.57 10.82
C TYR C 443 -15.35 8.07 12.19
N PRO C 444 -15.34 7.20 13.24
CA PRO C 444 -15.31 7.72 14.62
C PRO C 444 -14.10 8.57 15.03
N ASN C 445 -12.86 8.22 14.65
CA ASN C 445 -11.69 8.94 15.14
C ASN C 445 -10.62 9.01 14.06
N PRO C 446 -10.85 9.78 12.99
CA PRO C 446 -9.98 9.69 11.81
C PRO C 446 -8.61 10.35 11.93
N ALA C 447 -8.07 10.53 13.13
CA ALA C 447 -6.82 11.25 13.31
C ALA C 447 -5.57 10.36 13.37
N LEU C 448 -5.72 9.04 13.14
CA LEU C 448 -4.63 8.10 13.42
C LEU C 448 -3.41 8.34 12.54
N LEU C 449 -3.61 8.79 11.29
CA LEU C 449 -2.67 8.90 10.17
C LEU C 449 -2.42 7.54 9.50
N SER C 450 -3.14 6.49 9.89
CA SER C 450 -3.16 5.25 9.13
C SER C 450 -4.23 5.29 8.04
N LEU C 451 -4.81 6.47 7.83
CA LEU C 451 -6.00 6.70 7.01
C LEU C 451 -5.94 6.05 5.65
N PRO D 7 24.80 -8.54 0.34
CA PRO D 7 24.87 -8.36 1.79
C PRO D 7 23.61 -7.74 2.35
N ARG D 8 22.48 -7.94 1.66
CA ARG D 8 21.21 -7.34 2.05
C ARG D 8 20.27 -8.42 2.58
N VAL D 9 19.74 -8.19 3.78
CA VAL D 9 18.90 -9.16 4.46
C VAL D 9 17.55 -8.51 4.76
N THR D 10 16.48 -9.28 4.58
CA THR D 10 15.15 -8.85 4.98
C THR D 10 14.80 -9.47 6.33
N VAL D 11 14.45 -8.64 7.30
CA VAL D 11 13.93 -9.13 8.57
C VAL D 11 12.48 -9.54 8.38
N LEU D 12 12.13 -10.73 8.86
CA LEU D 12 10.84 -11.36 8.57
C LEU D 12 10.25 -11.82 9.89
N VAL D 13 9.11 -11.25 10.28
CA VAL D 13 8.51 -11.51 11.59
C VAL D 13 7.22 -12.29 11.37
N ARG D 14 7.08 -13.43 12.05
CA ARG D 14 5.95 -14.33 11.83
C ARG D 14 5.36 -14.84 13.13
N GLU D 15 6.17 -14.95 14.17
CA GLU D 15 5.72 -15.48 15.45
C GLU D 15 5.46 -14.32 16.41
N PHE D 16 4.18 -13.99 16.58
CA PHE D 16 3.79 -13.02 17.60
C PHE D 16 2.30 -13.18 17.85
N GLU D 17 1.84 -12.70 19.00
CA GLU D 17 0.43 -12.71 19.34
C GLU D 17 -0.12 -11.30 19.19
N ALA D 18 -1.26 -11.17 18.50
CA ALA D 18 -1.84 -9.86 18.25
C ALA D 18 -2.24 -9.15 19.54
N PHE D 19 -2.58 -9.91 20.57
CA PHE D 19 -3.08 -9.30 21.80
C PHE D 19 -1.97 -8.82 22.71
N ASP D 20 -0.75 -9.35 22.56
CA ASP D 20 0.37 -8.94 23.39
C ASP D 20 1.66 -9.25 22.63
N ASN D 21 2.31 -8.22 22.10
CA ASN D 21 3.56 -8.41 21.38
C ASN D 21 4.52 -7.26 21.65
N ALA D 22 5.73 -7.42 21.13
CA ALA D 22 6.76 -6.40 21.16
C ALA D 22 7.29 -6.15 19.75
N VAL D 23 6.47 -6.44 18.74
CA VAL D 23 6.91 -6.26 17.35
C VAL D 23 7.26 -4.81 17.04
N PRO D 24 6.52 -3.79 17.49
CA PRO D 24 6.97 -2.41 17.27
C PRO D 24 8.39 -2.13 17.76
N GLU D 25 8.74 -2.56 18.97
CA GLU D 25 10.11 -2.40 19.44
C GLU D 25 11.08 -3.18 18.55
N LEU D 26 10.70 -4.39 18.17
CA LEU D 26 11.54 -5.21 17.28
C LEU D 26 11.86 -4.45 15.99
N VAL D 27 10.83 -4.01 15.27
CA VAL D 27 11.04 -3.33 14.00
C VAL D 27 11.81 -2.03 14.20
N ASP D 28 11.49 -1.30 15.26
CA ASP D 28 12.18 -0.04 15.52
C ASP D 28 13.67 -0.26 15.75
N SER D 29 14.03 -1.33 16.47
CA SER D 29 15.44 -1.55 16.80
C SER D 29 16.28 -1.80 15.56
N PHE D 30 15.72 -2.51 14.57
CA PHE D 30 16.44 -2.70 13.31
C PHE D 30 16.52 -1.41 12.51
N LEU D 31 15.48 -0.59 12.58
CA LEU D 31 15.51 0.70 11.90
C LEU D 31 16.44 1.70 12.60
N GLN D 32 16.82 1.44 13.85
CA GLN D 32 17.85 2.24 14.51
C GLN D 32 19.21 2.02 13.87
N GLN D 33 19.45 0.82 13.36
CA GLN D 33 20.74 0.49 12.76
C GLN D 33 20.76 0.78 11.26
N ASP D 34 19.61 0.84 10.61
CA ASP D 34 19.48 1.15 9.19
C ASP D 34 18.06 1.64 8.92
N PRO D 35 17.88 2.93 8.58
CA PRO D 35 16.53 3.43 8.35
C PRO D 35 15.84 2.81 7.15
N ALA D 36 16.59 2.27 6.20
CA ALA D 36 16.04 1.65 4.99
C ALA D 36 16.01 0.12 5.06
N GLN D 37 16.31 -0.46 6.23
CA GLN D 37 16.26 -1.90 6.44
C GLN D 37 14.92 -2.49 5.98
N PRO D 38 14.92 -3.40 4.99
CA PRO D 38 13.66 -4.06 4.60
C PRO D 38 13.15 -4.96 5.73
N VAL D 39 11.86 -4.83 6.06
CA VAL D 39 11.27 -5.69 7.09
C VAL D 39 9.84 -6.06 6.66
N VAL D 40 9.51 -7.35 6.72
CA VAL D 40 8.19 -7.86 6.38
C VAL D 40 7.59 -8.47 7.62
N VAL D 41 6.46 -7.94 8.07
CA VAL D 41 5.67 -8.57 9.11
C VAL D 41 4.57 -9.37 8.43
N ALA D 42 4.46 -10.65 8.78
CA ALA D 42 3.55 -11.56 8.12
C ALA D 42 2.50 -12.02 9.11
N ALA D 43 1.24 -12.00 8.68
CA ALA D 43 0.15 -12.41 9.52
C ALA D 43 -0.91 -13.04 8.65
N ASP D 44 -1.78 -13.84 9.27
CA ASP D 44 -2.86 -14.46 8.51
C ASP D 44 -4.02 -13.49 8.30
N THR D 45 -4.42 -12.81 9.36
CA THR D 45 -5.36 -11.71 9.28
C THR D 45 -4.67 -10.45 9.79
N LEU D 46 -5.26 -9.30 9.47
CA LEU D 46 -4.75 -8.02 9.94
C LEU D 46 -4.71 -7.96 11.45
N PRO D 47 -3.53 -7.81 12.06
CA PRO D 47 -3.46 -7.79 13.53
C PRO D 47 -4.22 -6.61 14.13
N TYR D 48 -5.05 -6.92 15.12
CA TYR D 48 -5.75 -5.94 15.93
C TYR D 48 -5.58 -6.32 17.39
N PRO D 49 -5.31 -5.34 18.28
CA PRO D 49 -5.13 -3.89 18.05
C PRO D 49 -4.01 -3.61 17.05
N PRO D 50 -4.04 -2.43 16.42
CA PRO D 50 -3.10 -2.17 15.32
C PRO D 50 -1.65 -2.24 15.76
N LEU D 51 -0.82 -2.79 14.87
CA LEU D 51 0.62 -2.93 15.15
C LEU D 51 1.33 -1.58 15.26
N ALA D 52 0.84 -0.52 14.62
CA ALA D 52 1.47 0.81 14.72
C ALA D 52 2.93 0.76 14.28
N LEU D 53 3.16 0.13 13.14
CA LEU D 53 4.46 0.16 12.49
C LEU D 53 4.63 1.46 11.71
N PRO D 54 5.86 1.89 11.47
CA PRO D 54 6.06 3.06 10.59
C PRO D 54 5.56 2.75 9.20
N ARG D 55 4.88 3.73 8.61
CA ARG D 55 4.31 3.55 7.27
C ARG D 55 5.29 4.05 6.22
N ILE D 56 6.42 3.37 6.16
CA ILE D 56 7.52 3.72 5.27
C ILE D 56 7.66 2.58 4.28
N PRO D 57 8.19 2.82 3.08
CA PRO D 57 8.15 1.77 2.04
C PRO D 57 8.96 0.53 2.38
N ASN D 58 9.95 0.61 3.26
CA ASN D 58 10.80 -0.54 3.55
C ASN D 58 10.27 -1.41 4.68
N VAL D 59 9.07 -1.11 5.19
CA VAL D 59 8.41 -1.89 6.23
C VAL D 59 7.03 -2.23 5.69
N ARG D 60 6.78 -3.52 5.41
CA ARG D 60 5.55 -3.93 4.77
C ARG D 60 4.90 -5.05 5.57
N LEU D 61 3.58 -5.03 5.63
CA LEU D 61 2.82 -6.03 6.37
C LEU D 61 2.14 -6.95 5.35
N ALA D 62 2.50 -8.23 5.38
CA ALA D 62 2.06 -9.19 4.38
C ALA D 62 0.99 -10.10 4.98
N LEU D 63 -0.13 -10.21 4.28
CA LEU D 63 -1.28 -10.97 4.73
C LEU D 63 -1.40 -12.22 3.87
N LEU D 64 -1.30 -13.39 4.50
CA LEU D 64 -1.16 -14.67 3.82
C LEU D 64 -2.49 -15.38 3.58
N GLN D 65 -3.56 -14.83 4.00
CA GLN D 65 -4.76 -15.58 3.71
C GLN D 65 -5.50 -15.01 2.50
N PRO D 66 -6.26 -15.83 1.79
CA PRO D 66 -6.93 -15.34 0.57
C PRO D 66 -8.01 -14.30 0.86
N ALA D 67 -8.31 -13.52 -0.16
CA ALA D 67 -9.26 -12.42 -0.02
C ALA D 67 -9.90 -12.15 -1.38
N LEU D 68 -11.18 -11.79 -1.36
CA LEU D 68 -11.91 -11.64 -2.61
C LEU D 68 -11.34 -10.52 -3.47
N ASP D 69 -10.67 -9.56 -2.86
CA ASP D 69 -10.26 -8.34 -3.54
C ASP D 69 -8.75 -8.23 -3.69
N ARG D 70 -8.04 -9.35 -3.67
CA ARG D 70 -6.60 -9.35 -3.78
C ARG D 70 -6.17 -10.42 -4.78
N PRO D 71 -5.09 -10.19 -5.51
CA PRO D 71 -4.63 -11.20 -6.47
C PRO D 71 -3.87 -12.33 -5.76
N ALA D 72 -3.60 -13.38 -6.54
CA ALA D 72 -2.89 -14.53 -6.01
C ALA D 72 -1.54 -14.13 -5.42
N ALA D 73 -0.84 -13.19 -6.06
CA ALA D 73 0.46 -12.73 -5.58
C ALA D 73 0.39 -12.17 -4.16
N ALA D 74 -0.73 -11.53 -3.78
CA ALA D 74 -0.81 -10.81 -2.52
C ALA D 74 -0.55 -11.68 -1.31
N SER D 75 -0.82 -12.98 -1.39
CA SER D 75 -0.59 -13.90 -0.27
C SER D 75 0.67 -14.74 -0.40
N ARG D 76 1.43 -14.60 -1.50
CA ARG D 76 2.67 -15.36 -1.66
C ARG D 76 3.83 -14.55 -1.08
N PRO D 77 4.48 -14.98 0.01
CA PRO D 77 5.38 -14.07 0.74
C PRO D 77 6.68 -13.75 0.01
N GLU D 78 7.19 -14.65 -0.83
CA GLU D 78 8.39 -14.34 -1.61
C GLU D 78 8.25 -13.03 -2.39
N THR D 79 7.01 -12.66 -2.71
CA THR D 79 6.73 -11.43 -3.43
C THR D 79 7.04 -10.18 -2.62
N TYR D 80 7.10 -10.29 -1.30
CA TYR D 80 7.42 -9.18 -0.40
C TYR D 80 8.91 -9.09 -0.08
N VAL D 81 9.71 -10.01 -0.57
CA VAL D 81 11.12 -10.09 -0.19
C VAL D 81 11.92 -10.09 -1.47
N ALA D 82 12.78 -9.10 -1.61
CA ALA D 82 13.60 -8.98 -2.81
C ALA D 82 15.07 -9.29 -2.56
N THR D 83 15.48 -9.40 -1.30
CA THR D 83 16.88 -9.58 -0.97
C THR D 83 17.30 -11.03 -1.16
N GLU D 84 18.62 -11.26 -1.03
CA GLU D 84 19.15 -12.62 -1.12
C GLU D 84 18.84 -13.43 0.13
N PHE D 85 19.03 -12.84 1.30
CA PHE D 85 18.93 -13.55 2.57
C PHE D 85 17.72 -13.07 3.35
N VAL D 86 17.25 -13.94 4.23
CA VAL D 86 16.03 -13.77 5.01
C VAL D 86 16.35 -14.15 6.45
N ALA D 87 15.90 -13.33 7.39
CA ALA D 87 16.14 -13.57 8.81
C ALA D 87 14.79 -13.62 9.51
N LEU D 88 14.32 -14.83 9.81
CA LEU D 88 13.16 -15.00 10.67
C LEU D 88 13.52 -14.56 12.08
N VAL D 89 12.83 -13.55 12.59
CA VAL D 89 13.08 -13.00 13.91
C VAL D 89 11.83 -13.16 14.75
N PRO D 90 11.90 -13.86 15.88
CA PRO D 90 10.70 -14.01 16.72
C PRO D 90 10.45 -12.78 17.57
N ASP D 91 9.19 -12.56 17.89
CA ASP D 91 8.81 -11.52 18.83
C ASP D 91 9.54 -11.72 20.15
N GLY D 92 9.92 -10.60 20.78
CA GLY D 92 10.76 -10.63 21.97
C GLY D 92 12.23 -10.39 21.69
N ALA D 93 12.64 -10.46 20.43
CA ALA D 93 14.00 -10.18 20.04
C ALA D 93 14.16 -8.70 19.69
N ARG D 94 15.39 -8.27 19.53
CA ARG D 94 15.65 -6.90 19.10
C ARG D 94 17.11 -6.76 18.69
N ALA D 95 17.35 -5.92 17.69
CA ALA D 95 18.72 -5.62 17.28
C ALA D 95 19.26 -4.50 18.16
N GLU D 96 20.37 -4.76 18.84
CA GLU D 96 21.04 -3.72 19.62
C GLU D 96 22.46 -3.49 19.09
N ALA D 97 23.30 -4.51 19.07
CA ALA D 97 24.59 -4.38 18.41
C ALA D 97 24.38 -4.08 16.93
N PRO D 98 25.30 -3.38 16.29
CA PRO D 98 25.21 -3.18 14.84
C PRO D 98 25.89 -4.31 14.09
N GLY D 99 25.47 -4.49 12.84
CA GLY D 99 26.12 -5.46 11.96
C GLY D 99 25.90 -6.91 12.31
N LEU D 100 24.81 -7.22 13.00
CA LEU D 100 24.63 -8.58 13.49
C LEU D 100 24.15 -9.53 12.41
N LEU D 101 23.35 -9.05 11.46
CA LEU D 101 22.86 -9.93 10.40
C LEU D 101 23.89 -10.15 9.29
N GLU D 102 24.82 -9.20 9.08
CA GLU D 102 25.89 -9.47 8.14
C GLU D 102 26.84 -10.53 8.67
N ARG D 103 27.09 -10.53 9.99
CA ARG D 103 27.90 -11.58 10.59
C ARG D 103 27.28 -12.95 10.35
N MET D 104 25.97 -13.08 10.55
CA MET D 104 25.29 -14.34 10.27
C MET D 104 25.42 -14.70 8.80
N VAL D 105 25.32 -13.70 7.91
CA VAL D 105 25.47 -13.97 6.49
C VAL D 105 26.87 -14.49 6.17
N GLU D 106 27.90 -13.87 6.77
CA GLU D 106 29.26 -14.36 6.60
C GLU D 106 29.39 -15.81 7.07
N ALA D 107 28.76 -16.13 8.20
CA ALA D 107 28.78 -17.51 8.68
C ALA D 107 28.19 -18.46 7.65
N LEU D 108 27.02 -18.10 7.10
CA LEU D 108 26.32 -18.97 6.16
C LEU D 108 27.19 -19.29 4.94
N ARG D 109 27.81 -18.26 4.35
CA ARG D 109 28.66 -18.51 3.18
C ARG D 109 29.92 -19.25 3.56
N ALA D 110 30.45 -19.00 4.76
CA ALA D 110 31.67 -19.68 5.18
C ALA D 110 31.40 -21.14 5.54
N GLY D 111 30.26 -21.43 6.16
CA GLY D 111 29.94 -22.76 6.61
C GLY D 111 29.33 -23.62 5.51
N SER D 112 28.82 -24.78 5.93
CA SER D 112 28.24 -25.76 5.03
C SER D 112 26.76 -26.01 5.27
N ALA D 113 26.17 -25.40 6.30
CA ALA D 113 24.76 -25.56 6.58
C ALA D 113 23.94 -24.55 5.77
N ARG D 114 22.77 -24.99 5.27
CA ARG D 114 21.90 -24.09 4.53
C ARG D 114 21.13 -23.14 5.43
N LEU D 115 21.00 -23.44 6.71
CA LEU D 115 20.41 -22.53 7.69
C LEU D 115 21.45 -22.16 8.74
N VAL D 116 21.37 -20.92 9.21
CA VAL D 116 22.23 -20.40 10.26
C VAL D 116 21.34 -19.77 11.32
N ALA D 117 21.73 -19.85 12.59
CA ALA D 117 20.85 -19.35 13.64
C ALA D 117 21.66 -18.80 14.79
N ALA D 118 21.12 -17.77 15.43
CA ALA D 118 21.69 -17.16 16.62
C ALA D 118 20.58 -17.06 17.66
N PRO D 119 20.78 -17.56 18.87
CA PRO D 119 19.70 -17.54 19.86
C PRO D 119 19.39 -16.12 20.32
N VAL D 120 18.13 -15.92 20.72
CA VAL D 120 17.74 -14.68 21.38
C VAL D 120 17.87 -14.90 22.89
N ALA D 121 18.44 -13.92 23.59
CA ALA D 121 18.63 -14.01 25.03
C ALA D 121 17.32 -13.80 25.78
N THR D 122 16.32 -14.63 25.44
CA THR D 122 15.06 -14.66 26.16
C THR D 122 15.17 -15.69 27.29
N ALA D 123 14.03 -15.99 27.94
CA ALA D 123 14.02 -17.04 28.94
C ALA D 123 14.07 -18.43 28.33
N ASN D 124 13.90 -18.55 27.02
CA ASN D 124 14.03 -19.82 26.31
C ASN D 124 14.97 -19.66 25.12
N PRO D 125 16.27 -19.45 25.38
CA PRO D 125 17.22 -19.35 24.27
C PRO D 125 17.30 -20.66 23.51
N ALA D 126 17.51 -20.57 22.20
CA ALA D 126 17.44 -21.74 21.34
C ALA D 126 18.50 -22.77 21.73
N ARG D 127 18.06 -24.01 22.00
CA ARG D 127 18.93 -25.16 22.19
C ARG D 127 18.88 -26.03 20.92
N CYS D 128 19.95 -26.78 20.66
CA CYS D 128 19.97 -27.60 19.45
C CYS D 128 19.33 -28.96 19.72
N LEU D 129 18.89 -29.60 18.65
CA LEU D 129 18.10 -30.82 18.72
C LEU D 129 18.31 -31.59 17.43
N ALA D 130 18.38 -32.91 17.57
CA ALA D 130 18.29 -33.84 16.46
C ALA D 130 16.82 -34.08 16.11
N LEU D 131 16.59 -34.52 14.86
CA LEU D 131 15.23 -34.81 14.38
C LEU D 131 15.26 -35.64 13.09
N ASN D 132 14.77 -36.91 13.12
CA ASN D 132 14.33 -37.74 11.98
C ASN D 132 12.85 -37.47 11.73
N VAL D 133 12.45 -37.44 10.46
CA VAL D 133 11.03 -37.39 10.10
C VAL D 133 10.67 -38.63 9.29
N SER D 134 9.59 -39.30 9.66
CA SER D 134 9.14 -40.52 8.97
C SER D 134 7.70 -40.30 8.51
N LEU D 135 7.55 -39.82 7.28
CA LEU D 135 6.22 -39.62 6.73
C LEU D 135 5.46 -40.93 6.62
N ARG D 136 6.15 -42.01 6.25
CA ARG D 136 5.51 -43.32 6.15
C ARG D 136 4.83 -43.71 7.45
N GLU D 137 5.45 -43.35 8.58
CA GLU D 137 4.95 -43.71 9.90
C GLU D 137 4.33 -42.53 10.64
N TRP D 138 4.11 -41.41 9.95
CA TRP D 138 3.42 -40.25 10.52
C TRP D 138 4.06 -39.80 11.83
N THR D 139 5.39 -39.85 11.89
CA THR D 139 6.10 -39.66 13.14
C THR D 139 7.31 -38.76 12.95
N ALA D 140 7.55 -37.89 13.93
CA ALA D 140 8.76 -37.09 14.01
C ALA D 140 9.40 -37.36 15.37
N ARG D 141 10.69 -37.68 15.37
CA ARG D 141 11.43 -38.06 16.58
C ARG D 141 12.54 -37.06 16.85
N TYR D 142 12.45 -36.38 18.00
CA TYR D 142 13.47 -35.44 18.41
C TYR D 142 14.41 -36.06 19.43
N GLY D 143 15.61 -35.50 19.52
CA GLY D 143 16.58 -35.94 20.51
C GLY D 143 17.63 -34.87 20.66
N ALA D 144 18.57 -35.11 21.58
CA ALA D 144 19.72 -34.25 21.72
C ALA D 144 20.65 -34.38 20.50
N ALA D 145 21.27 -33.26 20.13
CA ALA D 145 22.09 -33.21 18.93
C ALA D 145 23.50 -33.73 19.22
N PRO D 146 23.96 -34.80 18.57
CA PRO D 146 25.34 -35.27 18.79
C PRO D 146 26.36 -34.28 18.27
N ALA D 147 26.12 -33.79 17.05
CA ALA D 147 27.04 -32.90 16.35
C ALA D 147 26.70 -31.44 16.57
N ALA D 148 26.14 -31.07 17.70
CA ALA D 148 25.96 -29.66 18.01
C ALA D 148 27.31 -28.95 17.94
N PRO D 149 27.37 -27.72 17.39
CA PRO D 149 26.25 -26.87 16.96
C PRO D 149 25.65 -27.18 15.58
N ARG D 150 26.07 -28.24 14.89
CA ARG D 150 25.37 -28.66 13.68
C ARG D 150 24.14 -29.47 14.10
N CYS D 151 22.94 -28.98 13.79
CA CYS D 151 21.75 -29.68 14.25
C CYS D 151 20.66 -29.69 13.17
N ASP D 152 19.64 -30.53 13.41
CA ASP D 152 18.48 -30.70 12.54
C ASP D 152 17.37 -29.72 12.87
N ALA D 153 17.24 -29.36 14.14
CA ALA D 153 16.13 -28.54 14.59
C ALA D 153 16.56 -27.77 15.83
N LEU D 154 15.73 -26.80 16.20
CA LEU D 154 15.98 -25.94 17.34
C LEU D 154 14.75 -25.93 18.23
N ASP D 155 14.97 -25.71 19.52
CA ASP D 155 13.89 -25.51 20.48
C ASP D 155 14.16 -24.20 21.18
N GLY D 156 13.21 -23.30 21.15
CA GLY D 156 13.38 -22.01 21.79
C GLY D 156 13.54 -20.91 20.76
N ASP D 157 13.97 -19.77 21.26
CA ASP D 157 13.95 -18.54 20.48
C ASP D 157 15.28 -18.33 19.76
N ALA D 158 15.21 -18.12 18.44
CA ALA D 158 16.40 -17.81 17.68
C ALA D 158 16.05 -17.00 16.44
N VAL D 159 17.03 -16.24 15.96
CA VAL D 159 16.97 -15.62 14.65
C VAL D 159 17.60 -16.58 13.66
N VAL D 160 16.81 -17.05 12.70
CA VAL D 160 17.25 -18.01 11.70
C VAL D 160 17.45 -17.28 10.36
N LEU D 161 18.63 -17.46 9.76
CA LEU D 161 18.96 -16.84 8.48
C LEU D 161 19.20 -17.92 7.43
N LEU D 162 18.52 -17.80 6.29
CA LEU D 162 18.75 -18.68 5.16
C LEU D 162 18.54 -17.90 3.87
N ARG D 163 18.83 -18.53 2.74
CA ARG D 163 18.57 -17.91 1.45
C ARG D 163 17.08 -17.91 1.17
N ALA D 164 16.60 -16.79 0.61
CA ALA D 164 15.18 -16.66 0.29
C ALA D 164 14.72 -17.71 -0.72
N ARG D 165 15.56 -18.02 -1.71
CA ARG D 165 15.23 -19.11 -2.63
C ARG D 165 15.06 -20.44 -1.90
N ASP D 166 15.80 -20.65 -0.81
CA ASP D 166 15.63 -21.89 -0.03
C ASP D 166 14.33 -21.86 0.76
N LEU D 167 14.10 -20.76 1.48
CA LEU D 167 12.96 -20.68 2.37
C LEU D 167 11.64 -20.79 1.60
N PHE D 168 11.54 -20.06 0.49
CA PHE D 168 10.25 -19.90 -0.17
C PHE D 168 9.98 -20.97 -1.22
N ASN D 169 10.91 -21.89 -1.47
CA ASN D 169 10.53 -23.08 -2.22
C ASN D 169 10.03 -24.21 -1.33
N LEU D 170 10.16 -24.10 -0.01
CA LEU D 170 9.46 -25.01 0.88
C LEU D 170 7.96 -24.91 0.67
N SER D 171 7.25 -25.98 1.01
CA SER D 171 5.81 -26.04 0.76
C SER D 171 5.03 -25.12 1.70
N ALA D 172 5.47 -24.99 2.95
CA ALA D 172 4.79 -24.16 3.94
C ALA D 172 5.83 -23.34 4.68
N PRO D 173 6.41 -22.35 4.03
CA PRO D 173 7.56 -21.64 4.62
C PRO D 173 7.22 -20.90 5.91
N LEU D 174 6.00 -20.39 6.05
CA LEU D 174 5.64 -19.58 7.22
C LEU D 174 4.51 -20.20 8.03
N ALA D 175 4.27 -21.50 7.90
CA ALA D 175 3.24 -22.13 8.73
C ALA D 175 3.65 -22.08 10.20
N ARG D 176 2.66 -21.83 11.06
CA ARG D 176 2.97 -21.66 12.48
C ARG D 176 2.61 -22.90 13.28
N PRO D 177 3.41 -23.24 14.32
CA PRO D 177 4.63 -22.52 14.75
C PRO D 177 5.80 -22.76 13.81
N VAL D 178 6.55 -21.71 13.44
CA VAL D 178 7.65 -21.87 12.50
C VAL D 178 8.79 -22.67 13.14
N GLY D 179 8.98 -22.53 14.45
CA GLY D 179 9.95 -23.36 15.14
C GLY D 179 9.73 -24.84 14.92
N THR D 180 8.47 -25.27 14.87
CA THR D 180 8.17 -26.67 14.55
C THR D 180 8.16 -26.90 13.05
N SER D 181 7.37 -26.10 12.32
CA SER D 181 7.13 -26.30 10.90
C SER D 181 8.40 -26.19 10.05
N LEU D 182 9.27 -25.22 10.34
CA LEU D 182 10.40 -24.99 9.44
C LEU D 182 11.36 -26.17 9.45
N PHE D 183 11.69 -26.66 10.64
CA PHE D 183 12.71 -27.70 10.74
C PHE D 183 12.18 -29.06 10.36
N LEU D 184 10.88 -29.31 10.49
CA LEU D 184 10.33 -30.52 9.90
C LEU D 184 10.61 -30.57 8.41
N GLN D 185 10.53 -29.42 7.74
CA GLN D 185 10.70 -29.38 6.30
C GLN D 185 12.17 -29.40 5.91
N THR D 186 13.02 -28.69 6.66
CA THR D 186 14.45 -28.65 6.35
C THR D 186 15.15 -29.94 6.78
N ALA D 187 14.76 -30.55 7.91
CA ALA D 187 15.41 -31.81 8.27
C ALA D 187 15.00 -32.92 7.29
N LEU D 188 13.74 -32.91 6.86
CA LEU D 188 13.29 -33.87 5.87
C LEU D 188 14.13 -33.80 4.60
N ARG D 189 14.46 -32.57 4.16
CA ARG D 189 15.30 -32.37 2.99
C ARG D 189 16.77 -32.67 3.27
N GLY D 190 17.14 -32.94 4.52
CA GLY D 190 18.53 -33.18 4.83
C GLY D 190 19.35 -31.95 5.10
N TRP D 191 18.71 -30.80 5.28
CA TRP D 191 19.44 -29.58 5.59
C TRP D 191 19.77 -29.53 7.08
N ALA D 192 20.94 -28.98 7.39
CA ALA D 192 21.35 -28.76 8.76
C ALA D 192 21.28 -27.28 9.09
N VAL D 193 21.10 -26.97 10.38
CA VAL D 193 21.13 -25.59 10.87
C VAL D 193 22.33 -25.45 11.81
N GLN D 194 23.12 -24.40 11.61
CA GLN D 194 24.30 -24.11 12.42
C GLN D 194 23.96 -23.04 13.45
N LEU D 195 24.16 -23.34 14.73
CA LEU D 195 23.75 -22.45 15.81
C LEU D 195 24.99 -21.72 16.29
N LEU D 196 25.05 -20.42 16.03
CA LEU D 196 26.30 -19.66 16.11
C LEU D 196 26.59 -19.17 17.52
N ASP D 197 27.81 -18.66 17.67
CA ASP D 197 28.26 -17.97 18.88
C ASP D 197 27.29 -16.89 19.32
N LEU D 198 26.56 -16.29 18.41
CA LEU D 198 26.03 -14.99 18.74
C LEU D 198 24.62 -15.03 19.31
N THR D 199 24.27 -13.93 19.98
CA THR D 199 23.08 -13.82 20.79
C THR D 199 22.46 -12.46 20.52
N PHE D 200 21.24 -12.47 20.00
CA PHE D 200 20.45 -11.26 19.92
C PHE D 200 19.91 -10.92 21.30
N ALA D 201 19.78 -9.62 21.57
CA ALA D 201 19.25 -9.20 22.86
C ALA D 201 17.75 -9.40 22.90
N ALA D 202 17.22 -9.45 24.11
CA ALA D 202 15.78 -9.52 24.32
C ALA D 202 15.18 -8.12 24.31
N ALA D 203 13.87 -8.05 24.05
CA ALA D 203 13.17 -6.77 24.09
C ALA D 203 13.22 -6.19 25.50
N ARG D 204 13.32 -4.86 25.59
CA ARG D 204 13.42 -4.21 26.89
C ARG D 204 12.09 -4.24 27.64
N GLN D 205 10.97 -4.26 26.93
CA GLN D 205 9.63 -4.46 27.51
C GLN D 205 9.04 -5.70 26.86
N PRO D 206 9.41 -6.90 27.32
CA PRO D 206 9.09 -8.10 26.57
C PRO D 206 7.60 -8.43 26.67
N PRO D 207 7.05 -9.10 25.67
CA PRO D 207 5.61 -9.42 25.71
C PRO D 207 5.33 -10.53 26.71
N LEU D 208 4.04 -10.75 26.95
CA LEU D 208 3.56 -11.81 27.82
C LEU D 208 4.10 -11.62 29.25
N ALA D 209 3.97 -10.40 29.76
CA ALA D 209 4.46 -10.10 31.10
C ALA D 209 3.65 -10.82 32.17
N THR D 210 2.33 -10.80 32.05
CA THR D 210 1.44 -11.37 33.06
C THR D 210 1.23 -12.86 32.85
N ALA D 211 1.03 -13.58 33.95
CA ALA D 211 0.79 -15.02 33.88
C ALA D 211 -0.47 -15.32 33.08
N HIS D 212 -1.46 -14.43 33.10
CA HIS D 212 -2.64 -14.60 32.28
C HIS D 212 -2.29 -14.55 30.79
N ALA D 213 -1.51 -13.55 30.39
CA ALA D 213 -1.16 -13.39 28.97
C ALA D 213 -0.36 -14.58 28.45
N ARG D 214 0.67 -14.99 29.20
CA ARG D 214 1.46 -16.15 28.82
C ARG D 214 0.57 -17.37 28.63
N TRP D 215 -0.32 -17.60 29.58
CA TRP D 215 -1.17 -18.78 29.54
C TRP D 215 -2.17 -18.74 28.38
N LYS D 216 -2.52 -17.56 27.87
CA LYS D 216 -3.32 -17.50 26.64
C LYS D 216 -2.46 -17.73 25.41
N ALA D 217 -1.21 -17.27 25.42
CA ALA D 217 -0.35 -17.51 24.28
C ALA D 217 -0.06 -18.99 24.13
N GLU D 218 0.22 -19.67 25.25
CA GLU D 218 0.50 -21.11 25.21
C GLU D 218 -0.73 -21.91 24.82
N ARG D 219 -1.93 -21.46 25.21
CA ARG D 219 -3.15 -22.15 24.79
C ARG D 219 -3.28 -22.15 23.27
N GLU D 220 -3.30 -20.96 22.66
CA GLU D 220 -3.42 -20.88 21.21
C GLU D 220 -2.16 -21.35 20.50
N GLY D 221 -1.01 -21.29 21.15
CA GLY D 221 0.17 -21.90 20.56
C GLY D 221 0.05 -23.42 20.50
N ARG D 222 -0.56 -24.01 21.52
CA ARG D 222 -0.80 -25.45 21.47
C ARG D 222 -1.86 -25.80 20.43
N ALA D 223 -2.83 -24.92 20.22
CA ALA D 223 -3.83 -25.17 19.18
C ALA D 223 -3.22 -25.11 17.78
N ARG D 224 -2.38 -24.11 17.51
CA ARG D 224 -1.75 -24.00 16.20
C ARG D 224 -0.82 -25.18 15.92
N ARG D 225 -0.05 -25.61 16.92
CA ARG D 225 0.84 -26.74 16.71
C ARG D 225 0.05 -28.02 16.40
N ALA D 226 -1.06 -28.27 17.11
CA ALA D 226 -1.88 -29.44 16.80
C ALA D 226 -2.43 -29.35 15.38
N ALA D 227 -2.92 -28.18 14.99
CA ALA D 227 -3.45 -28.01 13.64
C ALA D 227 -2.36 -28.19 12.60
N LEU D 228 -1.16 -27.67 12.89
CA LEU D 228 -0.03 -27.82 11.98
C LEU D 228 0.29 -29.30 11.76
N LEU D 229 0.50 -30.04 12.85
CA LEU D 229 0.90 -31.43 12.70
C LEU D 229 -0.18 -32.24 12.01
N ARG D 230 -1.44 -31.98 12.32
CA ARG D 230 -2.52 -32.75 11.69
C ARG D 230 -2.56 -32.50 10.19
N ALA D 231 -2.43 -31.23 9.77
CA ALA D 231 -2.39 -30.89 8.35
C ALA D 231 -1.21 -31.53 7.63
N LEU D 232 -0.04 -31.61 8.27
CA LEU D 232 1.18 -32.07 7.62
C LEU D 232 1.46 -33.56 7.84
N GLY D 233 0.47 -34.33 8.27
CA GLY D 233 0.64 -35.77 8.38
C GLY D 233 1.53 -36.24 9.52
N ILE D 234 1.64 -35.48 10.60
CA ILE D 234 2.41 -35.92 11.76
C ILE D 234 1.42 -36.23 12.88
N ARG D 235 1.17 -37.54 13.10
CA ARG D 235 0.28 -38.02 14.15
C ARG D 235 0.98 -38.27 15.47
N LEU D 236 2.31 -38.40 15.49
CA LEU D 236 3.02 -38.70 16.72
C LEU D 236 4.35 -37.97 16.76
N VAL D 237 4.63 -37.31 17.87
CA VAL D 237 5.93 -36.72 18.15
C VAL D 237 6.51 -37.42 19.38
N SER D 238 7.68 -38.03 19.22
CA SER D 238 8.34 -38.78 20.28
C SER D 238 9.70 -38.15 20.57
N TRP D 239 10.20 -38.40 21.78
CA TRP D 239 11.46 -37.82 22.24
C TRP D 239 12.37 -38.91 22.80
N GLU D 240 13.67 -38.68 22.71
CA GLU D 240 14.60 -39.44 23.53
C GLU D 240 14.19 -39.29 24.99
N GLY D 241 14.20 -40.39 25.72
CA GLY D 241 13.65 -40.40 27.05
C GLY D 241 12.24 -40.95 27.11
N GLY D 242 11.56 -41.10 25.98
CA GLY D 242 10.30 -41.81 25.90
C GLY D 242 9.07 -40.93 25.84
N ARG D 243 9.21 -39.61 26.00
CA ARG D 243 8.03 -38.75 25.98
C ARG D 243 7.32 -38.84 24.64
N LEU D 244 5.98 -38.87 24.70
CA LEU D 244 5.15 -39.01 23.51
C LEU D 244 4.12 -37.89 23.47
N GLU D 245 3.90 -37.37 22.26
CA GLU D 245 2.86 -36.38 21.99
C GLU D 245 1.99 -36.92 20.86
N TRP D 246 0.70 -37.09 21.13
CA TRP D 246 -0.23 -37.67 20.16
C TRP D 246 -1.07 -36.58 19.51
N PHE D 247 -1.33 -36.75 18.22
CA PHE D 247 -2.11 -35.81 17.42
C PHE D 247 -2.96 -36.57 16.42
N GLY D 248 -3.54 -37.68 16.86
CA GLY D 248 -4.36 -38.53 16.01
C GLY D 248 -5.66 -38.89 16.71
N CYS D 249 -6.18 -40.07 16.33
CA CYS D 249 -7.45 -40.57 16.87
C CYS D 249 -7.29 -41.03 18.31
N ASN D 250 -8.43 -41.24 18.96
CA ASN D 250 -8.46 -41.78 20.32
C ASN D 250 -9.82 -42.44 20.52
N LYS D 251 -10.19 -42.66 21.79
CA LYS D 251 -11.42 -43.36 22.11
C LYS D 251 -12.67 -42.60 21.66
N GLU D 252 -12.59 -41.28 21.53
CA GLU D 252 -13.77 -40.48 21.26
C GLU D 252 -13.82 -39.89 19.85
N THR D 253 -12.93 -40.30 18.97
CA THR D 253 -12.96 -39.80 17.61
C THR D 253 -13.32 -40.91 16.63
N THR D 254 -13.53 -40.49 15.39
CA THR D 254 -13.35 -41.33 14.22
C THR D 254 -11.95 -41.98 14.27
N ARG D 255 -11.82 -43.11 13.57
CA ARG D 255 -10.47 -43.56 13.25
C ARG D 255 -9.93 -42.76 12.06
N CYS D 256 -8.62 -42.86 11.83
CA CYS D 256 -7.99 -41.92 10.91
C CYS D 256 -8.31 -42.19 9.44
N PHE D 257 -8.81 -43.38 9.08
CA PHE D 257 -9.03 -43.70 7.69
C PHE D 257 -10.44 -44.25 7.50
N GLY D 258 -11.00 -44.01 6.32
CA GLY D 258 -12.33 -44.48 6.00
C GLY D 258 -12.34 -45.97 5.71
N THR D 259 -13.52 -46.47 5.40
CA THR D 259 -13.68 -47.89 5.16
C THR D 259 -12.80 -48.34 3.98
N VAL D 260 -12.28 -49.54 4.09
CA VAL D 260 -11.27 -50.06 3.18
C VAL D 260 -11.94 -50.69 1.97
N VAL D 261 -11.37 -50.44 0.79
CA VAL D 261 -11.80 -51.10 -0.45
C VAL D 261 -10.63 -51.87 -1.00
N GLY D 262 -10.94 -52.96 -1.70
CA GLY D 262 -9.91 -53.85 -2.25
C GLY D 262 -8.88 -54.31 -1.25
N ASP D 263 -9.22 -54.34 0.04
CA ASP D 263 -8.31 -54.67 1.14
C ASP D 263 -7.09 -53.75 1.16
N THR D 264 -7.16 -52.59 0.52
CA THR D 264 -6.04 -51.64 0.47
C THR D 264 -6.47 -50.31 1.07
N PRO D 265 -6.07 -50.00 2.31
CA PRO D 265 -6.48 -48.75 2.94
C PRO D 265 -5.95 -47.53 2.18
N ALA D 266 -6.62 -46.39 2.42
CA ALA D 266 -6.26 -45.16 1.75
C ALA D 266 -4.80 -44.81 1.96
N TYR D 267 -4.29 -44.99 3.18
CA TYR D 267 -2.95 -44.50 3.49
C TYR D 267 -1.88 -45.19 2.66
N LEU D 268 -2.12 -46.43 2.23
CA LEU D 268 -1.15 -47.12 1.37
C LEU D 268 -1.04 -46.42 0.02
N TYR D 269 -2.15 -45.92 -0.52
CA TYR D 269 -2.10 -45.25 -1.81
C TYR D 269 -1.35 -43.93 -1.72
N GLU D 270 -1.27 -43.35 -0.53
CA GLU D 270 -0.44 -42.20 -0.22
C GLU D 270 0.99 -42.59 0.13
N GLU D 271 1.38 -43.83 -0.17
CA GLU D 271 2.71 -44.33 0.19
C GLU D 271 3.02 -44.09 1.67
N ARG D 272 2.02 -44.34 2.52
CA ARG D 272 2.19 -44.32 3.96
C ARG D 272 1.64 -45.61 4.54
N TRP D 273 2.09 -45.92 5.77
CA TRP D 273 1.62 -47.08 6.50
C TRP D 273 0.56 -46.64 7.52
N THR D 274 0.18 -47.54 8.42
CA THR D 274 -0.93 -47.27 9.31
C THR D 274 -0.58 -46.13 10.26
N PRO D 275 -1.46 -45.15 10.45
CA PRO D 275 -1.17 -44.08 11.42
C PRO D 275 -0.84 -44.67 12.78
N PRO D 276 0.15 -44.13 13.49
CA PRO D 276 0.57 -44.75 14.76
C PRO D 276 -0.49 -44.70 15.85
N CYS D 277 -1.43 -43.76 15.78
CA CYS D 277 -2.51 -43.74 16.76
C CYS D 277 -3.49 -44.86 16.51
N CYS D 278 -3.70 -45.20 15.25
CA CYS D 278 -4.58 -46.31 14.91
C CYS D 278 -3.98 -47.64 15.36
N LEU D 279 -2.66 -47.82 15.19
CA LEU D 279 -2.00 -49.01 15.72
C LEU D 279 -2.14 -49.07 17.23
N ARG D 280 -1.93 -47.94 17.90
CA ARG D 280 -2.02 -47.94 19.35
C ARG D 280 -3.40 -48.39 19.80
N ALA D 281 -4.43 -47.91 19.12
CA ALA D 281 -5.80 -48.31 19.43
C ALA D 281 -5.99 -49.81 19.24
N LEU D 282 -5.43 -50.37 18.16
CA LEU D 282 -5.53 -51.80 17.92
C LEU D 282 -4.80 -52.59 18.99
N ARG D 283 -3.63 -52.09 19.42
CA ARG D 283 -2.84 -52.82 20.39
C ARG D 283 -3.56 -52.89 21.74
N GLU D 284 -4.19 -51.80 22.16
CA GLU D 284 -4.93 -51.81 23.43
C GLU D 284 -6.26 -52.55 23.34
N THR D 285 -6.88 -52.61 22.15
CA THR D 285 -8.07 -53.41 21.97
C THR D 285 -7.72 -54.90 21.98
N ALA D 286 -6.67 -55.28 21.26
CA ALA D 286 -6.19 -56.65 21.34
C ALA D 286 -5.88 -57.04 22.79
N ARG D 287 -5.23 -56.15 23.54
CA ARG D 287 -4.90 -56.45 24.93
C ARG D 287 -6.15 -56.64 25.76
N TYR D 288 -7.11 -55.73 25.60
CA TYR D 288 -8.34 -55.80 26.39
C TYR D 288 -9.15 -57.03 26.04
N VAL D 289 -9.32 -57.29 24.73
CA VAL D 289 -10.13 -58.42 24.29
C VAL D 289 -9.50 -59.73 24.74
N VAL D 290 -8.17 -59.85 24.60
CA VAL D 290 -7.50 -61.05 25.07
C VAL D 290 -7.77 -61.25 26.56
N GLY D 291 -7.64 -60.18 27.35
CA GLY D 291 -7.87 -60.30 28.78
C GLY D 291 -9.28 -60.74 29.11
N VAL D 292 -10.25 -60.29 28.32
CA VAL D 292 -11.64 -60.67 28.58
C VAL D 292 -11.86 -62.15 28.23
N LEU D 293 -11.33 -62.61 27.10
CA LEU D 293 -11.50 -64.01 26.72
C LEU D 293 -10.80 -64.93 27.71
N GLU D 294 -9.57 -64.58 28.11
CA GLU D 294 -8.88 -65.36 29.12
C GLU D 294 -9.64 -65.36 30.44
N ALA D 295 -10.22 -64.20 30.81
CA ALA D 295 -10.97 -64.11 32.06
C ALA D 295 -12.16 -65.06 32.05
N ALA D 296 -12.76 -65.27 30.88
CA ALA D 296 -13.97 -66.06 30.75
C ALA D 296 -13.68 -67.51 30.42
N GLY D 297 -12.42 -67.93 30.39
CA GLY D 297 -12.09 -69.29 30.02
C GLY D 297 -12.21 -69.61 28.56
N VAL D 298 -12.42 -68.61 27.70
CA VAL D 298 -12.43 -68.84 26.26
C VAL D 298 -10.98 -68.92 25.77
N ARG D 299 -10.65 -69.98 25.05
CA ARG D 299 -9.30 -70.10 24.54
C ARG D 299 -9.22 -69.54 23.12
N TYR D 300 -8.15 -68.80 22.87
CA TYR D 300 -7.95 -68.04 21.65
C TYR D 300 -6.57 -68.36 21.10
N TRP D 301 -6.34 -67.94 19.86
CA TRP D 301 -5.00 -68.00 19.30
C TRP D 301 -4.89 -66.92 18.23
N LEU D 302 -3.69 -66.34 18.10
CA LEU D 302 -3.45 -65.37 17.05
C LEU D 302 -3.71 -66.00 15.69
N GLU D 303 -4.40 -65.26 14.83
CA GLU D 303 -4.77 -65.76 13.51
C GLU D 303 -4.35 -64.73 12.46
N GLY D 304 -4.26 -65.20 11.22
CA GLY D 304 -4.06 -64.31 10.09
C GLY D 304 -2.88 -63.39 10.25
N GLY D 305 -3.11 -62.10 9.95
CA GLY D 305 -2.03 -61.14 9.93
C GLY D 305 -1.44 -60.87 11.30
N SER D 306 -2.26 -60.98 12.35
CA SER D 306 -1.75 -60.83 13.70
C SER D 306 -0.71 -61.90 14.02
N LEU D 307 -1.01 -63.16 13.67
CA LEU D 307 -0.02 -64.20 13.89
C LEU D 307 1.21 -63.96 13.03
N LEU D 308 1.01 -63.58 11.77
CA LEU D 308 2.12 -63.26 10.89
C LEU D 308 3.00 -62.16 11.48
N GLY D 309 2.38 -61.06 11.92
CA GLY D 309 3.15 -59.97 12.51
C GLY D 309 3.84 -60.38 13.80
N ALA D 310 3.15 -61.17 14.64
CA ALA D 310 3.76 -61.65 15.87
C ALA D 310 4.97 -62.53 15.57
N ALA D 311 4.82 -63.45 14.63
CA ALA D 311 5.94 -64.31 14.26
C ALA D 311 7.09 -63.51 13.65
N ARG D 312 6.76 -62.44 12.89
CA ARG D 312 7.77 -61.68 12.15
C ARG D 312 8.53 -60.71 13.04
N HIS D 313 7.81 -59.94 13.88
CA HIS D 313 8.49 -59.00 14.74
C HIS D 313 7.77 -58.73 16.06
N GLY D 314 6.77 -59.53 16.44
CA GLY D 314 6.09 -59.34 17.71
C GLY D 314 5.18 -58.13 17.80
N ASP D 315 4.62 -57.68 16.68
CA ASP D 315 3.73 -56.52 16.70
C ASP D 315 2.86 -56.55 15.44
N ILE D 316 1.91 -55.62 15.39
CA ILE D 316 1.06 -55.47 14.21
C ILE D 316 1.93 -55.11 13.00
N ILE D 317 1.71 -55.81 11.89
CA ILE D 317 2.31 -55.45 10.61
C ILE D 317 2.06 -53.96 10.35
N PRO D 318 3.11 -53.18 10.06
CA PRO D 318 2.98 -51.70 10.14
C PRO D 318 1.96 -51.08 9.20
N TRP D 319 1.42 -51.80 8.21
CA TRP D 319 0.37 -51.28 7.36
C TRP D 319 -0.98 -51.95 7.57
N ASP D 320 -1.06 -52.86 8.54
CA ASP D 320 -2.28 -53.61 8.78
C ASP D 320 -3.29 -52.76 9.53
N TYR D 321 -4.58 -53.10 9.38
CA TYR D 321 -5.67 -52.29 9.91
C TYR D 321 -6.56 -52.99 10.94
N ASP D 322 -6.29 -54.25 11.30
CA ASP D 322 -7.12 -54.91 12.33
C ASP D 322 -6.31 -56.02 13.01
N VAL D 323 -6.95 -56.68 13.98
CA VAL D 323 -6.36 -57.78 14.73
C VAL D 323 -7.30 -58.98 14.61
N ASP D 324 -6.74 -60.16 14.38
CA ASP D 324 -7.51 -61.38 14.14
C ASP D 324 -7.19 -62.42 15.19
N LEU D 325 -8.24 -62.99 15.80
CA LEU D 325 -8.13 -64.07 16.77
C LEU D 325 -9.05 -65.20 16.36
N GLY D 326 -8.51 -66.41 16.31
CA GLY D 326 -9.33 -67.60 16.29
C GLY D 326 -9.68 -68.02 17.71
N ILE D 327 -10.92 -68.44 17.90
CA ILE D 327 -11.38 -68.96 19.19
C ILE D 327 -12.20 -70.22 18.92
N TYR D 328 -12.29 -71.06 19.94
CA TYR D 328 -13.13 -72.25 19.88
C TYR D 328 -14.60 -71.86 20.00
N LEU D 329 -15.41 -72.33 19.06
CA LEU D 329 -16.85 -72.03 19.07
C LEU D 329 -17.50 -72.50 20.38
N GLU D 330 -17.26 -73.74 20.78
CA GLU D 330 -17.97 -74.26 21.95
C GLU D 330 -17.66 -73.47 23.23
N ASP D 331 -16.62 -72.64 23.23
CA ASP D 331 -16.32 -71.77 24.36
C ASP D 331 -17.06 -70.44 24.30
N VAL D 332 -17.74 -70.15 23.20
CA VAL D 332 -18.32 -68.82 22.97
C VAL D 332 -19.28 -68.44 24.10
N GLY D 333 -20.03 -69.40 24.62
CA GLY D 333 -20.97 -69.09 25.69
C GLY D 333 -20.30 -68.65 26.97
N ASN D 334 -19.01 -68.98 27.14
CA ASN D 334 -18.36 -68.71 28.42
C ASN D 334 -18.33 -67.24 28.76
N CYS D 335 -18.23 -66.38 27.77
CA CYS D 335 -18.03 -64.96 28.04
C CYS D 335 -19.33 -64.19 27.80
N GLU D 336 -19.62 -63.28 28.74
CA GLU D 336 -20.88 -62.55 28.71
C GLU D 336 -20.99 -61.66 27.48
N GLN D 337 -19.93 -60.88 27.18
CA GLN D 337 -19.99 -59.93 26.07
C GLN D 337 -20.38 -60.59 24.75
N LEU D 338 -19.95 -61.85 24.53
CA LEU D 338 -20.19 -62.47 23.23
C LEU D 338 -21.51 -63.21 23.12
N ARG D 339 -22.02 -63.81 24.19
CA ARG D 339 -23.39 -64.30 24.09
C ARG D 339 -24.35 -63.15 23.97
N GLY D 340 -23.97 -61.98 24.48
CA GLY D 340 -24.77 -60.78 24.27
C GLY D 340 -24.69 -60.30 22.83
N ALA D 341 -23.50 -60.36 22.24
CA ALA D 341 -23.31 -59.91 20.86
C ALA D 341 -24.17 -60.69 19.87
N GLU D 342 -24.65 -61.88 20.26
CA GLU D 342 -25.44 -62.69 19.33
C GLU D 342 -26.84 -62.14 19.18
N ALA D 343 -27.39 -61.52 20.22
CA ALA D 343 -28.71 -60.91 20.13
C ALA D 343 -28.67 -59.56 19.42
N GLY D 344 -27.73 -58.70 19.83
CA GLY D 344 -27.58 -57.39 19.23
C GLY D 344 -26.26 -56.79 19.66
N SER D 345 -26.03 -55.55 19.23
CA SER D 345 -24.77 -54.90 19.53
C SER D 345 -24.68 -54.58 21.02
N VAL D 346 -23.50 -54.83 21.59
CA VAL D 346 -23.27 -54.71 23.02
C VAL D 346 -22.13 -53.73 23.25
N VAL D 347 -22.41 -52.67 24.00
CA VAL D 347 -21.39 -51.73 24.47
C VAL D 347 -21.10 -52.06 25.93
N ASP D 348 -19.87 -52.48 26.23
CA ASP D 348 -19.58 -52.97 27.56
C ASP D 348 -19.20 -51.79 28.46
N GLU D 349 -18.76 -52.11 29.69
CA GLU D 349 -18.48 -51.14 30.73
C GLU D 349 -17.16 -50.40 30.55
N ARG D 350 -16.48 -50.57 29.41
CA ARG D 350 -15.23 -49.86 29.12
C ARG D 350 -15.25 -49.23 27.73
N GLY D 351 -16.40 -49.26 27.04
CA GLY D 351 -16.61 -48.58 25.78
C GLY D 351 -16.45 -49.43 24.53
N PHE D 352 -16.01 -50.68 24.66
CA PHE D 352 -15.85 -51.55 23.49
C PHE D 352 -17.20 -52.07 23.02
N VAL D 353 -17.30 -52.27 21.70
CA VAL D 353 -18.57 -52.57 21.01
C VAL D 353 -18.45 -53.95 20.38
N TRP D 354 -19.19 -54.93 20.91
CA TRP D 354 -19.14 -56.33 20.47
C TRP D 354 -20.32 -56.59 19.53
N GLU D 355 -20.02 -57.04 18.32
CA GLU D 355 -21.02 -57.20 17.26
C GLU D 355 -20.87 -58.56 16.59
N LYS D 356 -21.91 -58.99 15.89
CA LYS D 356 -21.96 -60.33 15.33
C LYS D 356 -21.89 -60.40 13.80
N ALA D 357 -22.11 -59.30 13.09
CA ALA D 357 -22.08 -59.30 11.62
C ALA D 357 -23.00 -60.37 11.01
N GLY D 360 -21.24 -62.07 7.77
CA GLY D 360 -20.27 -63.08 8.15
C GLY D 360 -20.73 -64.00 9.27
N ASP D 361 -19.82 -64.87 9.71
CA ASP D 361 -20.07 -65.78 10.83
C ASP D 361 -19.01 -65.61 11.92
N PHE D 362 -18.48 -64.40 12.03
CA PHE D 362 -17.44 -64.06 12.99
C PHE D 362 -17.92 -62.90 13.85
N PHE D 363 -17.12 -62.59 14.87
CA PHE D 363 -17.44 -61.52 15.79
C PHE D 363 -16.43 -60.39 15.65
N ARG D 364 -16.86 -59.19 16.02
CA ARG D 364 -16.08 -57.98 15.85
C ARG D 364 -16.17 -57.17 17.13
N VAL D 365 -15.02 -56.75 17.66
CA VAL D 365 -14.96 -55.87 18.82
C VAL D 365 -14.36 -54.55 18.39
N GLN D 366 -15.16 -53.49 18.42
CA GLN D 366 -14.65 -52.18 18.04
C GLN D 366 -14.11 -51.45 19.26
N TYR D 367 -13.03 -50.69 19.03
CA TYR D 367 -12.38 -49.92 20.09
C TYR D 367 -13.37 -49.07 20.88
N SER D 368 -14.34 -48.47 20.18
CA SER D 368 -15.35 -47.62 20.83
C SER D 368 -16.50 -47.43 19.85
N GLU D 369 -17.55 -46.76 20.32
CA GLU D 369 -18.70 -46.50 19.46
C GLU D 369 -18.37 -45.54 18.32
N SER D 370 -17.36 -44.68 18.48
CA SER D 370 -16.94 -43.75 17.45
C SER D 370 -15.74 -44.22 16.64
N ASN D 371 -14.84 -45.01 17.24
CA ASN D 371 -13.58 -45.41 16.64
C ASN D 371 -13.70 -46.89 16.26
N HIS D 372 -13.90 -47.14 14.97
CA HIS D 372 -14.16 -48.49 14.48
C HIS D 372 -12.89 -49.25 14.12
N LEU D 373 -11.83 -49.11 14.91
CA LEU D 373 -10.71 -50.04 14.86
C LEU D 373 -11.09 -51.30 15.64
N HIS D 374 -10.93 -52.48 15.02
CA HIS D 374 -11.59 -53.67 15.55
C HIS D 374 -10.68 -54.88 15.63
N VAL D 375 -11.02 -55.76 16.57
CA VAL D 375 -10.54 -57.12 16.64
C VAL D 375 -11.61 -58.02 16.05
N ASP D 376 -11.23 -58.89 15.12
CA ASP D 376 -12.13 -59.89 14.57
C ASP D 376 -11.89 -61.23 15.26
N LEU D 377 -12.94 -61.82 15.80
CA LEU D 377 -12.87 -63.14 16.43
C LEU D 377 -13.48 -64.18 15.50
N TRP D 378 -12.67 -65.14 15.07
CA TRP D 378 -13.12 -66.18 14.17
C TRP D 378 -13.35 -67.47 14.95
N PRO D 379 -14.59 -67.87 15.22
CA PRO D 379 -14.82 -69.11 15.97
C PRO D 379 -14.58 -70.33 15.07
N PHE D 380 -13.83 -71.29 15.60
CA PHE D 380 -13.52 -72.52 14.89
C PHE D 380 -14.00 -73.69 15.73
N TYR D 381 -14.42 -74.76 15.07
CA TYR D 381 -14.85 -75.98 15.73
C TYR D 381 -14.22 -77.19 15.05
N PRO D 382 -13.97 -78.26 15.79
CA PRO D 382 -13.28 -79.42 15.21
C PRO D 382 -14.23 -80.41 14.55
N ARG D 383 -13.96 -80.72 13.28
CA ARG D 383 -14.66 -81.77 12.55
C ARG D 383 -13.60 -82.82 12.19
N ASN D 384 -13.60 -83.95 12.90
CA ASN D 384 -12.67 -85.05 12.65
C ASN D 384 -11.22 -84.58 12.69
N GLY D 385 -10.87 -83.84 13.74
CA GLY D 385 -9.52 -83.33 13.89
C GLY D 385 -9.14 -82.20 12.97
N VAL D 386 -10.06 -81.72 12.13
CA VAL D 386 -9.82 -80.58 11.26
C VAL D 386 -10.59 -79.39 11.82
N MET D 387 -9.90 -78.26 12.02
CA MET D 387 -10.53 -77.02 12.46
C MET D 387 -11.17 -76.34 11.25
N THR D 388 -12.50 -76.28 11.25
CA THR D 388 -13.26 -75.72 10.13
C THR D 388 -14.35 -74.82 10.69
N LYS D 389 -14.94 -74.03 9.79
CA LYS D 389 -16.12 -73.25 10.10
C LYS D 389 -17.02 -73.25 8.87
N ASP D 390 -18.14 -72.55 8.96
CA ASP D 390 -19.21 -72.71 7.98
C ASP D 390 -19.22 -71.63 6.89
N THR D 391 -18.63 -70.47 7.12
CA THR D 391 -18.57 -69.41 6.12
C THR D 391 -17.12 -69.00 5.86
N TRP D 392 -16.80 -68.78 4.58
CA TRP D 392 -15.44 -68.49 4.16
C TRP D 392 -15.39 -67.20 3.35
N LEU D 393 -14.33 -66.43 3.55
CA LEU D 393 -14.03 -65.26 2.76
C LEU D 393 -13.04 -65.64 1.65
N ASP D 394 -12.69 -64.65 0.81
CA ASP D 394 -11.83 -64.88 -0.35
C ASP D 394 -10.39 -64.45 -0.06
N HIS D 395 -9.79 -65.10 0.94
CA HIS D 395 -8.37 -64.98 1.21
C HIS D 395 -7.74 -66.37 1.21
N ARG D 396 -6.52 -66.46 0.65
CA ARG D 396 -5.80 -67.73 0.67
C ARG D 396 -5.62 -68.23 2.09
N GLN D 397 -5.39 -67.33 3.03
CA GLN D 397 -5.11 -67.67 4.42
C GLN D 397 -6.38 -67.97 5.23
N ASP D 398 -7.54 -68.08 4.58
CA ASP D 398 -8.80 -68.44 5.25
C ASP D 398 -9.11 -69.89 4.92
N VAL D 399 -8.53 -70.81 5.69
CA VAL D 399 -8.62 -72.23 5.37
C VAL D 399 -8.85 -73.04 6.65
N GLU D 400 -9.27 -74.29 6.45
CA GLU D 400 -9.23 -75.26 7.53
C GLU D 400 -7.78 -75.58 7.88
N PHE D 401 -7.58 -76.16 9.06
CA PHE D 401 -6.23 -76.53 9.47
C PHE D 401 -6.31 -77.63 10.53
N PRO D 402 -5.31 -78.51 10.59
CA PRO D 402 -5.36 -79.60 11.58
C PRO D 402 -5.38 -79.08 13.01
N GLU D 403 -6.22 -79.70 13.85
CA GLU D 403 -6.37 -79.23 15.22
C GLU D 403 -5.10 -79.40 16.04
N HIS D 404 -4.25 -80.37 15.70
CA HIS D 404 -3.01 -80.56 16.46
C HIS D 404 -2.16 -79.29 16.51
N PHE D 405 -2.38 -78.34 15.61
CA PHE D 405 -1.66 -77.07 15.68
C PHE D 405 -2.04 -76.27 16.91
N LEU D 406 -3.18 -76.56 17.52
CA LEU D 406 -3.62 -75.89 18.74
C LEU D 406 -3.43 -76.72 19.99
N GLN D 407 -2.96 -77.96 19.85
CA GLN D 407 -2.75 -78.88 20.97
C GLN D 407 -1.25 -79.15 21.07
N PRO D 408 -0.50 -78.35 21.85
CA PRO D 408 -0.98 -77.20 22.62
C PRO D 408 -0.72 -75.85 21.93
N LEU D 409 -1.11 -74.77 22.61
CA LEU D 409 -0.76 -73.41 22.24
C LEU D 409 0.56 -73.01 22.91
N VAL D 410 1.19 -71.99 22.36
CA VAL D 410 2.49 -71.55 22.87
C VAL D 410 2.44 -70.06 23.15
N PRO D 411 3.31 -69.58 24.04
CA PRO D 411 3.38 -68.14 24.30
C PRO D 411 4.20 -67.43 23.22
N LEU D 412 3.69 -66.32 22.75
CA LEU D 412 4.29 -65.53 21.70
C LEU D 412 4.09 -64.05 22.01
N PRO D 413 5.16 -63.28 22.20
CA PRO D 413 5.01 -61.83 22.41
C PRO D 413 4.26 -61.17 21.27
N PHE D 414 3.32 -60.29 21.62
CA PHE D 414 2.57 -59.57 20.58
C PHE D 414 1.97 -58.28 21.13
N ALA D 415 2.31 -57.15 20.49
CA ALA D 415 1.69 -55.85 20.75
C ALA D 415 1.79 -55.44 22.22
N GLY D 416 2.93 -55.73 22.83
CA GLY D 416 3.19 -55.34 24.20
C GLY D 416 2.78 -56.35 25.28
N PHE D 417 2.07 -57.42 24.93
CA PHE D 417 1.71 -58.44 25.90
C PHE D 417 2.01 -59.83 25.34
N VAL D 418 1.91 -60.85 26.20
CA VAL D 418 2.16 -62.23 25.79
C VAL D 418 0.85 -62.83 25.30
N ALA D 419 0.83 -63.24 24.03
CA ALA D 419 -0.36 -63.81 23.41
C ALA D 419 -0.26 -65.33 23.35
N GLN D 420 -1.30 -65.97 22.84
CA GLN D 420 -1.32 -67.40 22.59
C GLN D 420 -1.35 -67.62 21.08
N ALA D 421 -0.45 -68.49 20.61
CA ALA D 421 -0.34 -68.82 19.20
C ALA D 421 -0.40 -70.33 19.03
N PRO D 422 -0.71 -70.81 17.82
CA PRO D 422 -0.60 -72.25 17.57
C PRO D 422 0.85 -72.71 17.67
N ASN D 423 1.02 -73.95 18.10
CA ASN D 423 2.36 -74.53 18.13
C ASN D 423 2.87 -74.75 16.71
N ASN D 424 4.19 -74.65 16.54
CA ASN D 424 4.83 -74.74 15.24
C ASN D 424 4.22 -73.72 14.28
N TYR D 425 4.10 -72.48 14.75
CA TYR D 425 3.32 -71.49 14.01
C TYR D 425 3.98 -71.03 12.72
N ARG D 426 5.26 -71.34 12.48
CA ARG D 426 5.86 -71.00 11.19
C ARG D 426 5.33 -71.92 10.10
N ARG D 427 5.30 -73.23 10.38
CA ARG D 427 4.60 -74.15 9.50
C ARG D 427 3.13 -73.78 9.36
N PHE D 428 2.49 -73.37 10.46
CA PHE D 428 1.10 -72.94 10.42
C PHE D 428 0.92 -71.78 9.44
N LEU D 429 1.78 -70.76 9.56
CA LEU D 429 1.70 -69.60 8.70
C LEU D 429 2.01 -69.97 7.25
N GLU D 430 2.98 -70.87 7.05
CA GLU D 430 3.28 -71.30 5.69
C GLU D 430 2.12 -72.11 5.10
N LEU D 431 1.31 -72.74 5.95
CA LEU D 431 0.15 -73.47 5.46
C LEU D 431 -0.87 -72.51 4.87
N LYS D 432 -1.19 -71.44 5.59
CA LYS D 432 -2.26 -70.54 5.18
C LYS D 432 -1.79 -69.53 4.13
N PHE D 433 -0.59 -68.97 4.32
CA PHE D 433 -0.11 -67.92 3.44
C PHE D 433 0.73 -68.45 2.28
N GLY D 434 1.50 -69.51 2.50
CA GLY D 434 2.43 -70.00 1.50
C GLY D 434 3.86 -69.91 1.99
N PRO D 435 4.76 -70.64 1.32
CA PRO D 435 6.15 -70.71 1.80
C PRO D 435 6.84 -69.35 1.79
N GLY D 436 7.74 -69.16 2.75
CA GLY D 436 8.54 -67.96 2.85
C GLY D 436 7.81 -66.70 3.25
N VAL D 437 6.56 -66.81 3.71
CA VAL D 437 5.74 -65.64 3.96
C VAL D 437 6.32 -64.76 5.07
N ILE D 438 6.99 -65.36 6.05
CA ILE D 438 7.49 -64.57 7.18
C ILE D 438 8.54 -63.57 6.72
N GLU D 439 9.41 -64.00 5.80
CA GLU D 439 10.54 -63.21 5.36
C GLU D 439 10.29 -62.47 4.04
N ASN D 440 9.07 -62.54 3.51
CA ASN D 440 8.73 -61.87 2.25
C ASN D 440 7.45 -61.06 2.45
N PRO D 441 7.55 -59.88 3.07
CA PRO D 441 6.35 -59.08 3.31
C PRO D 441 5.72 -58.61 2.00
N GLN D 442 4.40 -58.45 2.02
CA GLN D 442 3.65 -58.07 0.83
C GLN D 442 2.34 -57.44 1.27
N TYR D 443 1.90 -56.44 0.50
CA TYR D 443 0.70 -55.67 0.79
C TYR D 443 -0.55 -56.53 0.61
N PRO D 444 -1.66 -56.15 1.25
CA PRO D 444 -2.84 -57.04 1.25
C PRO D 444 -3.37 -57.43 -0.13
N ASN D 445 -3.11 -56.64 -1.16
CA ASN D 445 -3.68 -56.91 -2.49
C ASN D 445 -2.69 -56.44 -3.55
N PRO D 446 -1.71 -57.28 -3.90
CA PRO D 446 -0.68 -56.83 -4.86
C PRO D 446 -1.21 -56.49 -6.24
N ALA D 447 -2.33 -57.10 -6.66
CA ALA D 447 -2.91 -56.74 -7.95
C ALA D 447 -3.22 -55.25 -8.03
N LEU D 448 -3.82 -54.69 -6.97
CA LEU D 448 -4.09 -53.26 -6.93
C LEU D 448 -2.83 -52.45 -6.67
N LEU D 449 -2.01 -52.88 -5.71
CA LEU D 449 -0.84 -52.10 -5.32
C LEU D 449 0.14 -52.99 -4.58
N SER D 450 1.39 -53.03 -5.06
CA SER D 450 2.43 -53.90 -4.53
C SER D 450 3.41 -53.10 -3.68
N LEU D 451 4.21 -53.81 -2.89
CA LEU D 451 5.18 -53.19 -2.01
C LEU D 451 6.59 -53.35 -2.57
#